data_9NGT
#
_entry.id   9NGT
#
_cell.length_a   183.176
_cell.length_b   81.213
_cell.length_c   99.020
_cell.angle_alpha   90.000
_cell.angle_beta   90.000
_cell.angle_gamma   90.000
#
_symmetry.space_group_name_H-M   'P 21 21 2'
#
loop_
_entity.id
_entity.type
_entity.pdbx_description
1 polymer 'DNA damage-binding protein 1'
2 polymer 'Protein cereblon'
3 polymer 'Serine/threonine-protein kinase mTOR'
4 non-polymer 'ZINC ION'
5 non-polymer (3S)-3-[(4M)-4-(4-methoxythiophen-3-yl)-1H-1,2,3-triazol-1-yl]piperidine-2,6-dione
#
loop_
_entity_poly.entity_id
_entity_poly.type
_entity_poly.pdbx_seq_one_letter_code
_entity_poly.pdbx_strand_id
1 'polypeptide(L)'
;MSYNYVVTAQKPTAVNGCVTGHFTSAEDLNLLIAKNTRLEIYVVTAEGLRPVKEVGMYGKIAVMELFRPKGESKDLLFIL
TAKYNACILEYKQSGESIDIITRAHGNVQDRIGRPSETGIIGIIDPECRMIGLRLYDGLFKVIPLDRDNKELKAFNIRLE
ELHVIDVKFLYGCQAPTICFVYQDPQGRHVKTYEVSLREKEFNKGPWKQENVEAEASMVIAVPEPFGGAIIIGQESITYH
NGDKYLAIAPPIIKQSTIVCHNRVDPNGSRYLLGDMEGRLFMLLLEKEEQMDGTVTLKDLRVELLGETSIAECLTYLDNG
VVFVGSRLGDSQLVKLNVDSNEQGSYVVAMETFTNLGPIVDMCVVDLERQGQGQLVTCSGAFKEGSLRIIRNGIGIHEHA
SIDLPGIKGLWPLRSDPNRETDDTLVLSFVGQTRVLMLNGEEVEETELMGFVDDQQTFFCGNVAHQQLIQITSASVRLVS
QEPKALVSEWKEPQAKNISVASCNSSQVVVAVGRALYYLQIHPQELRQISHTEMEHEVACLDITPLGDSNGLSPLCAIGL
WTDISARILKLPSFELLHKEMLGGEIIPRSILMTTFESSHYLLCALGDGALFYFGLNIETGLLSDRKKVTLGTQPTVLRT
FRSLSTTNVFACSDRPTVIYSSNHKLVFSNVNLKEVNYMCPLNSDGYPDSLALANNSTLTIGTIDEIQKLHIRTVPLYES
PRKICYQEVSQCFGVLSSRIEVQDTSGGTTALRPSASTQALSSSVSSSKLFSSSTAPHETSFGEEVEVHNLLIIDQHTFE
VLHAHQFLQNEYALSLVSCKLGKDPNTYFIVGTAMVYPEEAEPKQGRIVVFQYSDGKLQTVAEKEVKGAVYSMVEFNGKL
LASINSTVRLYEWTTEKELRTECNHYNNIMALYLKTKGDFILVGDLMRSVLLLAYKPMEGNFEEIARDFNPNWMSAVEIL
DDDNFLGAENAFNLFVCQKDSAATTDEERQHLQEVGLFHLGEFVNVFCHGSLVMQNLGETSTPTQGSVLFGTVNGMIGLV
TSLSESWYNLLLDMQNRLNKVIKSVGKIEHSFWRSFHTERKTEPATGFIDGDLIESFLDISRPKMQEVVANLQYDDGSGM
KREATADDLIKVVEELTRIH
;
A
2 'polypeptide(L)'
;MAGEGDQQDAAHNMGNHLPLLPAESEEEDEMEVEDQDSKEAKKPNIINFDTSLPTSHTYLGADMEEFHGRTLHDDDSCQV
IPVLPQVMMILIPGQTLPLQLFHPQEVSMVRNLIQKDRTFAVLAYSNVQEREAQFGTTAEIYAYREEQDFGIEIVKVKAI
GRQRFKVLELRTQSDGIQQAKVQILPECVLPSTMSAVQLESLNKCQIFPSKPVSREDQCSYKWWQKYQKRKFHCANLTSW
PRWLYSLYDAETLMDRIKKQLREWDENLKDDSLPSNPIDFSYRVAACLPIDDVLRIQLLKIGSAIQRLRCELDIMNKCTS
LCCKQCQETEITTKNEIFSLSLCGPMAAYVNPHGYVHETLTVYKACNLNLIGRPSTEHSWFPGYAWTVAQCKICASHIGW
KFTATKKDMSPQKFWGLTRSALLPTIPDTEDEISPDKVILCL
;
B
3 'polypeptide(L)'
;GRVAILWHEMWHEGLEEASRLYFGERNVKGMFEVLEPLHAMMERGPQTLKETSFNQAYGRDLMEAQEWCRKYMKSGNVKD
LTQAWDLYYHVFRRISKQ
;
C
#
loop_
_chem_comp.id
_chem_comp.type
_chem_comp.name
_chem_comp.formula
A1BC8 non-polymer (3S)-3-[(4M)-4-(4-methoxythiophen-3-yl)-1H-1,2,3-triazol-1-yl]piperidine-2,6-dione 'C12 H12 N4 O3 S'
ZN non-polymer 'ZINC ION' 'Zn 2'
#
# COMPACT_ATOMS: atom_id res chain seq x y z
N SER A 2 -19.30 -9.55 -17.42
CA SER A 2 -18.76 -10.85 -17.02
C SER A 2 -19.43 -11.33 -15.74
N TYR A 3 -19.70 -12.64 -15.66
CA TYR A 3 -20.38 -13.25 -14.52
C TYR A 3 -19.60 -14.48 -14.10
N ASN A 4 -19.23 -14.59 -12.81
CA ASN A 4 -18.44 -15.69 -12.30
C ASN A 4 -19.07 -16.36 -11.07
N TYR A 5 -18.66 -17.62 -10.81
CA TYR A 5 -19.12 -18.44 -9.71
C TYR A 5 -17.91 -18.84 -8.87
N VAL A 6 -17.86 -18.35 -7.63
CA VAL A 6 -16.74 -18.60 -6.72
C VAL A 6 -17.17 -19.60 -5.65
N VAL A 7 -16.44 -20.72 -5.51
CA VAL A 7 -16.79 -21.75 -4.51
C VAL A 7 -15.54 -22.21 -3.77
N THR A 8 -15.69 -22.52 -2.48
CA THR A 8 -14.58 -23.03 -1.68
C THR A 8 -14.37 -24.51 -1.99
N ALA A 9 -13.12 -24.92 -2.19
CA ALA A 9 -12.73 -26.30 -2.42
C ALA A 9 -12.20 -26.89 -1.11
N GLN A 10 -11.37 -26.11 -0.37
CA GLN A 10 -10.81 -26.53 0.92
C GLN A 10 -11.02 -25.36 1.87
N LYS A 11 -11.69 -25.59 3.00
CA LYS A 11 -11.97 -24.55 3.99
C LYS A 11 -10.69 -24.03 4.65
N PRO A 12 -10.65 -22.78 5.18
CA PRO A 12 -9.41 -22.31 5.84
C PRO A 12 -8.96 -23.23 6.97
N THR A 13 -7.67 -23.55 6.97
CA THR A 13 -7.08 -24.46 7.95
C THR A 13 -6.26 -23.75 9.02
N ALA A 14 -5.77 -22.53 8.75
CA ALA A 14 -4.98 -21.80 9.72
C ALA A 14 -5.83 -21.44 10.94
N VAL A 15 -5.30 -21.65 12.15
CA VAL A 15 -6.01 -21.39 13.39
C VAL A 15 -5.60 -20.02 13.92
N ASN A 16 -6.57 -19.11 14.10
CA ASN A 16 -6.31 -17.77 14.62
C ASN A 16 -6.78 -17.54 16.08
N GLY A 17 -7.39 -18.54 16.71
CA GLY A 17 -7.88 -18.41 18.07
C GLY A 17 -8.35 -19.73 18.64
N CYS A 18 -8.22 -19.90 19.96
CA CYS A 18 -8.67 -21.12 20.62
C CYS A 18 -8.97 -20.81 22.09
N VAL A 19 -10.09 -21.34 22.61
CA VAL A 19 -10.49 -21.14 24.00
C VAL A 19 -11.07 -22.44 24.59
N THR A 20 -11.00 -22.58 25.92
CA THR A 20 -11.56 -23.74 26.63
C THR A 20 -12.59 -23.24 27.63
N GLY A 21 -13.59 -24.06 27.89
CA GLY A 21 -14.65 -23.70 28.82
C GLY A 21 -15.75 -24.74 28.88
N HIS A 22 -16.96 -24.31 29.23
CA HIS A 22 -18.13 -25.19 29.34
C HIS A 22 -19.27 -24.58 28.55
N PHE A 23 -19.21 -24.72 27.23
CA PHE A 23 -20.18 -24.13 26.29
C PHE A 23 -21.39 -25.02 25.95
N THR A 24 -21.16 -26.32 25.76
CA THR A 24 -22.24 -27.26 25.42
C THR A 24 -23.03 -27.64 26.66
N SER A 25 -22.34 -27.88 27.78
CA SER A 25 -22.94 -28.21 29.06
C SER A 25 -22.00 -27.85 30.22
N ALA A 26 -22.54 -27.75 31.44
CA ALA A 26 -21.73 -27.44 32.62
C ALA A 26 -20.81 -28.60 33.02
N GLU A 27 -21.16 -29.84 32.66
CA GLU A 27 -20.39 -31.04 33.02
C GLU A 27 -19.35 -31.45 31.96
N ASP A 28 -19.26 -30.74 30.82
CA ASP A 28 -18.32 -31.09 29.77
C ASP A 28 -17.30 -29.99 29.55
N LEU A 29 -16.03 -30.37 29.36
CA LEU A 29 -14.96 -29.41 29.08
C LEU A 29 -14.86 -29.31 27.56
N ASN A 30 -15.06 -28.12 27.02
CA ASN A 30 -15.02 -27.87 25.59
C ASN A 30 -13.74 -27.23 25.10
N LEU A 31 -13.47 -27.36 23.80
CA LEU A 31 -12.36 -26.71 23.13
C LEU A 31 -12.92 -26.09 21.85
N LEU A 32 -13.00 -24.76 21.81
CA LEU A 32 -13.49 -24.04 20.65
C LEU A 32 -12.30 -23.53 19.85
N ILE A 33 -12.32 -23.75 18.53
CA ILE A 33 -11.21 -23.34 17.65
C ILE A 33 -11.74 -22.45 16.53
N ALA A 34 -11.15 -21.27 16.36
CA ALA A 34 -11.51 -20.34 15.30
C ALA A 34 -10.53 -20.48 14.14
N LYS A 35 -11.05 -20.70 12.91
CA LYS A 35 -10.25 -20.80 11.70
C LYS A 35 -10.81 -19.78 10.71
N ASN A 36 -10.54 -18.48 10.98
CA ASN A 36 -10.98 -17.35 10.16
C ASN A 36 -12.54 -17.25 10.10
N THR A 37 -13.20 -17.88 9.12
CA THR A 37 -14.66 -17.85 9.00
C THR A 37 -15.32 -19.11 9.60
N ARG A 38 -14.55 -20.02 10.23
CA ARG A 38 -15.09 -21.25 10.77
C ARG A 38 -14.91 -21.36 12.27
N LEU A 39 -15.84 -22.04 12.93
CA LEU A 39 -15.79 -22.26 14.37
C LEU A 39 -16.01 -23.74 14.60
N GLU A 40 -15.06 -24.40 15.26
CA GLU A 40 -15.14 -25.83 15.56
C GLU A 40 -15.30 -26.02 17.06
N ILE A 41 -16.17 -26.94 17.47
CA ILE A 41 -16.47 -27.21 18.87
C ILE A 41 -16.17 -28.67 19.17
N TYR A 42 -15.37 -28.93 20.20
CA TYR A 42 -15.00 -30.29 20.61
C TYR A 42 -15.27 -30.50 22.10
N VAL A 43 -15.25 -31.76 22.56
CA VAL A 43 -15.40 -32.12 23.96
C VAL A 43 -14.14 -32.90 24.33
N VAL A 44 -13.45 -32.45 25.38
CA VAL A 44 -12.22 -33.07 25.84
C VAL A 44 -12.62 -34.26 26.69
N THR A 45 -12.12 -35.47 26.35
CA THR A 45 -12.52 -36.69 27.04
C THR A 45 -11.34 -37.57 27.52
N ALA A 46 -10.07 -37.09 27.39
CA ALA A 46 -8.82 -37.79 27.75
C ALA A 46 -8.31 -38.74 26.64
N GLU A 47 -9.18 -39.15 25.70
CA GLU A 47 -8.75 -39.98 24.56
C GLU A 47 -8.46 -39.14 23.28
N GLY A 48 -8.50 -37.80 23.38
CA GLY A 48 -8.28 -36.90 22.28
C GLY A 48 -9.37 -35.84 22.26
N LEU A 49 -9.87 -35.49 21.08
CA LEU A 49 -10.95 -34.51 20.94
C LEU A 49 -12.09 -35.13 20.17
N ARG A 50 -13.31 -35.07 20.73
CA ARG A 50 -14.48 -35.64 20.07
C ARG A 50 -15.22 -34.54 19.29
N PRO A 51 -15.20 -34.53 17.94
CA PRO A 51 -15.94 -33.46 17.22
C PRO A 51 -17.43 -33.50 17.52
N VAL A 52 -18.02 -32.33 17.79
CA VAL A 52 -19.43 -32.21 18.15
C VAL A 52 -20.16 -31.30 17.14
N LYS A 53 -19.66 -30.08 16.91
CA LYS A 53 -20.33 -29.13 16.04
C LYS A 53 -19.33 -28.22 15.35
N GLU A 54 -19.54 -27.97 14.05
CA GLU A 54 -18.71 -27.09 13.27
C GLU A 54 -19.64 -26.21 12.45
N VAL A 55 -19.49 -24.88 12.56
CA VAL A 55 -20.32 -23.90 11.86
C VAL A 55 -19.45 -22.89 11.09
N GLY A 56 -20.07 -22.20 10.13
CA GLY A 56 -19.41 -21.16 9.37
C GLY A 56 -20.13 -19.85 9.60
N MET A 57 -19.37 -18.76 9.75
CA MET A 57 -19.94 -17.45 9.98
C MET A 57 -19.67 -16.52 8.82
N TYR A 58 -20.56 -15.56 8.61
CA TYR A 58 -20.42 -14.56 7.56
C TYR A 58 -19.56 -13.41 8.09
N GLY A 59 -18.31 -13.72 8.37
CA GLY A 59 -17.38 -12.74 8.90
C GLY A 59 -16.07 -13.35 9.34
N LYS A 60 -15.02 -12.54 9.36
CA LYS A 60 -13.69 -12.98 9.78
C LYS A 60 -13.62 -12.85 11.29
N ILE A 61 -13.63 -13.98 12.01
CA ILE A 61 -13.60 -13.98 13.48
C ILE A 61 -12.34 -13.26 13.99
N ALA A 62 -12.52 -12.11 14.67
CA ALA A 62 -11.42 -11.33 15.23
C ALA A 62 -11.29 -11.56 16.74
N VAL A 63 -12.42 -11.57 17.48
CA VAL A 63 -12.44 -11.82 18.92
C VAL A 63 -13.31 -13.05 19.19
N MET A 64 -12.91 -13.88 20.14
CA MET A 64 -13.66 -15.07 20.53
C MET A 64 -13.39 -15.36 21.99
N GLU A 65 -14.38 -15.13 22.86
CA GLU A 65 -14.21 -15.34 24.29
C GLU A 65 -15.47 -15.94 24.93
N LEU A 66 -15.29 -16.75 25.98
CA LEU A 66 -16.39 -17.37 26.72
C LEU A 66 -16.59 -16.68 28.06
N PHE A 67 -17.84 -16.62 28.54
CA PHE A 67 -18.18 -15.98 29.80
C PHE A 67 -19.51 -16.51 30.34
N ARG A 68 -19.70 -16.49 31.66
CA ARG A 68 -20.93 -16.99 32.26
C ARG A 68 -21.63 -15.96 33.14
N PRO A 69 -22.62 -15.21 32.62
CA PRO A 69 -23.39 -14.30 33.49
C PRO A 69 -24.00 -14.99 34.71
N LYS A 70 -24.37 -14.19 35.71
CA LYS A 70 -24.90 -14.71 36.98
C LYS A 70 -26.08 -15.68 36.86
N GLY A 71 -27.04 -15.34 36.01
CA GLY A 71 -28.23 -16.16 35.82
C GLY A 71 -28.06 -17.33 34.86
N GLU A 72 -26.94 -17.40 34.12
CA GLU A 72 -26.74 -18.46 33.15
C GLU A 72 -26.24 -19.75 33.77
N SER A 73 -26.71 -20.90 33.23
CA SER A 73 -26.32 -22.22 33.69
C SER A 73 -25.05 -22.71 32.97
N LYS A 74 -24.88 -22.34 31.69
CA LYS A 74 -23.72 -22.69 30.87
C LYS A 74 -22.93 -21.41 30.48
N ASP A 75 -21.81 -21.56 29.76
CA ASP A 75 -21.05 -20.41 29.29
C ASP A 75 -21.66 -19.91 27.97
N LEU A 76 -21.62 -18.59 27.77
CA LEU A 76 -22.04 -17.92 26.55
C LEU A 76 -20.81 -17.54 25.76
N LEU A 77 -20.94 -17.45 24.44
CA LEU A 77 -19.82 -17.14 23.56
C LEU A 77 -19.96 -15.79 22.90
N PHE A 78 -18.94 -14.95 23.02
CA PHE A 78 -18.93 -13.64 22.38
C PHE A 78 -17.97 -13.69 21.20
N ILE A 79 -18.39 -13.14 20.05
CA ILE A 79 -17.56 -13.08 18.85
C ILE A 79 -17.70 -11.70 18.23
N LEU A 80 -16.56 -11.08 17.88
CA LEU A 80 -16.54 -9.85 17.11
C LEU A 80 -15.83 -10.17 15.79
N THR A 81 -16.32 -9.65 14.67
CA THR A 81 -15.74 -9.91 13.35
C THR A 81 -14.86 -8.72 12.88
N ALA A 82 -14.11 -8.89 11.76
CA ALA A 82 -13.30 -7.82 11.17
C ALA A 82 -14.21 -6.68 10.69
N LYS A 83 -15.44 -7.00 10.21
CA LYS A 83 -16.42 -5.97 9.80
C LYS A 83 -17.24 -5.42 10.99
N TYR A 84 -16.76 -5.63 12.23
CA TYR A 84 -17.33 -5.14 13.47
C TYR A 84 -18.74 -5.68 13.78
N ASN A 85 -18.98 -6.96 13.49
CA ASN A 85 -20.26 -7.61 13.79
C ASN A 85 -20.09 -8.30 15.13
N ALA A 86 -20.84 -7.85 16.14
CA ALA A 86 -20.78 -8.43 17.47
C ALA A 86 -21.98 -9.34 17.71
N CYS A 87 -21.80 -10.40 18.52
CA CYS A 87 -22.87 -11.35 18.83
C CYS A 87 -22.57 -12.18 20.06
N ILE A 88 -23.62 -12.45 20.87
CA ILE A 88 -23.55 -13.35 22.01
C ILE A 88 -24.28 -14.61 21.52
N LEU A 89 -23.61 -15.75 21.57
CA LEU A 89 -24.14 -17.03 21.09
C LEU A 89 -24.32 -18.04 22.21
N GLU A 90 -25.28 -18.96 22.04
CA GLU A 90 -25.60 -20.00 23.00
C GLU A 90 -25.74 -21.33 22.28
N TYR A 91 -25.19 -22.39 22.85
CA TYR A 91 -25.29 -23.73 22.29
C TYR A 91 -26.60 -24.35 22.75
N LYS A 92 -27.45 -24.80 21.81
CA LYS A 92 -28.74 -25.39 22.15
C LYS A 92 -28.93 -26.75 21.50
N GLN A 93 -29.18 -27.79 22.31
CA GLN A 93 -29.37 -29.15 21.81
C GLN A 93 -30.78 -29.63 22.11
N SER A 94 -31.57 -29.87 21.05
CA SER A 94 -32.95 -30.35 21.14
C SER A 94 -32.96 -31.88 20.97
N GLY A 95 -32.22 -32.58 21.82
CA GLY A 95 -32.11 -34.03 21.78
C GLY A 95 -31.12 -34.48 20.72
N GLU A 96 -31.59 -34.57 19.47
CA GLU A 96 -30.74 -34.97 18.33
C GLU A 96 -30.24 -33.75 17.58
N SER A 97 -31.09 -32.72 17.41
CA SER A 97 -30.70 -31.53 16.66
C SER A 97 -29.84 -30.60 17.53
N ILE A 98 -28.83 -29.96 16.92
CA ILE A 98 -27.91 -29.04 17.61
C ILE A 98 -27.93 -27.71 16.85
N ASP A 99 -28.07 -26.58 17.57
CA ASP A 99 -28.18 -25.27 16.94
C ASP A 99 -27.50 -24.19 17.77
N ILE A 100 -26.78 -23.27 17.10
CA ILE A 100 -26.15 -22.12 17.74
C ILE A 100 -27.17 -21.01 17.68
N ILE A 101 -27.57 -20.49 18.84
CA ILE A 101 -28.60 -19.46 18.96
C ILE A 101 -27.98 -18.10 19.22
N THR A 102 -28.45 -17.06 18.51
CA THR A 102 -27.95 -15.71 18.71
C THR A 102 -28.82 -15.04 19.76
N ARG A 103 -28.27 -14.91 20.96
CA ARG A 103 -28.98 -14.27 22.06
C ARG A 103 -28.98 -12.76 21.86
N ALA A 104 -27.86 -12.19 21.42
CA ALA A 104 -27.77 -10.76 21.15
C ALA A 104 -26.86 -10.50 19.94
N HIS A 105 -27.07 -9.39 19.22
CA HIS A 105 -26.26 -9.03 18.04
C HIS A 105 -26.39 -7.55 17.69
N GLY A 106 -25.41 -7.01 16.99
CA GLY A 106 -25.42 -5.63 16.57
C GLY A 106 -24.07 -5.15 16.09
N ASN A 107 -24.06 -4.34 15.01
CA ASN A 107 -22.81 -3.81 14.48
C ASN A 107 -22.34 -2.70 15.42
N VAL A 108 -21.04 -2.69 15.75
CA VAL A 108 -20.47 -1.73 16.70
C VAL A 108 -19.45 -0.78 16.07
N GLN A 109 -19.41 -0.66 14.73
CA GLN A 109 -18.46 0.26 14.11
C GLN A 109 -18.91 1.72 14.31
N ASP A 110 -17.95 2.64 14.20
CA ASP A 110 -18.20 4.07 14.31
C ASP A 110 -18.11 4.72 12.93
N ARG A 111 -18.78 5.86 12.76
CA ARG A 111 -18.74 6.58 11.49
C ARG A 111 -17.38 7.26 11.26
N ILE A 112 -16.70 7.66 12.35
CA ILE A 112 -15.38 8.30 12.30
C ILE A 112 -14.40 7.53 13.18
N GLY A 113 -13.11 7.70 12.93
CA GLY A 113 -12.05 7.05 13.68
C GLY A 113 -11.22 6.14 12.81
N ARG A 114 -9.89 6.19 12.98
CA ARG A 114 -8.99 5.37 12.20
C ARG A 114 -8.68 4.07 12.97
N PRO A 115 -8.69 2.87 12.33
CA PRO A 115 -8.37 1.64 13.09
C PRO A 115 -7.06 1.75 13.86
N SER A 116 -7.06 1.23 15.09
CA SER A 116 -5.90 1.30 15.96
C SER A 116 -4.69 0.58 15.37
N GLU A 117 -3.49 0.94 15.83
CA GLU A 117 -2.25 0.39 15.31
C GLU A 117 -2.06 -1.06 15.70
N THR A 118 -2.43 -1.42 16.94
CA THR A 118 -2.30 -2.80 17.43
C THR A 118 -3.53 -3.69 17.07
N GLY A 119 -4.45 -3.19 16.27
CA GLY A 119 -5.63 -3.95 15.87
C GLY A 119 -6.70 -4.05 16.92
N ILE A 120 -7.66 -4.93 16.67
CA ILE A 120 -8.81 -5.13 17.56
C ILE A 120 -8.39 -5.84 18.84
N ILE A 121 -8.85 -5.32 19.98
CA ILE A 121 -8.64 -5.95 21.28
C ILE A 121 -10.01 -6.10 21.90
N GLY A 122 -10.40 -7.33 22.23
CA GLY A 122 -11.68 -7.59 22.87
C GLY A 122 -11.52 -8.32 24.18
N ILE A 123 -11.99 -7.71 25.27
CA ILE A 123 -11.88 -8.23 26.63
C ILE A 123 -13.23 -8.19 27.35
N ILE A 124 -13.47 -9.15 28.25
CA ILE A 124 -14.72 -9.24 29.00
C ILE A 124 -14.38 -9.11 30.49
N ASP A 125 -15.17 -8.32 31.23
CA ASP A 125 -14.97 -8.15 32.66
C ASP A 125 -15.15 -9.51 33.38
N PRO A 126 -14.32 -9.87 34.38
CA PRO A 126 -14.49 -11.17 35.06
C PRO A 126 -15.87 -11.42 35.67
N GLU A 127 -16.48 -10.40 36.29
CA GLU A 127 -17.82 -10.56 36.87
C GLU A 127 -18.95 -10.27 35.85
N CYS A 128 -18.65 -10.35 34.54
CA CYS A 128 -19.60 -10.15 33.44
C CYS A 128 -20.48 -8.90 33.62
N ARG A 129 -19.85 -7.76 33.87
CA ARG A 129 -20.54 -6.49 34.02
C ARG A 129 -20.55 -5.68 32.72
N MET A 130 -19.58 -5.91 31.82
CA MET A 130 -19.47 -5.20 30.54
C MET A 130 -18.52 -5.92 29.57
N ILE A 131 -18.51 -5.51 28.29
CA ILE A 131 -17.56 -6.01 27.30
C ILE A 131 -16.80 -4.78 26.84
N GLY A 132 -15.48 -4.80 26.98
CA GLY A 132 -14.64 -3.69 26.57
C GLY A 132 -13.99 -3.96 25.23
N LEU A 133 -14.04 -2.98 24.32
CA LEU A 133 -13.47 -3.11 22.99
C LEU A 133 -12.60 -1.90 22.70
N ARG A 134 -11.43 -2.13 22.08
CA ARG A 134 -10.52 -1.06 21.69
C ARG A 134 -10.35 -1.19 20.17
N LEU A 135 -11.02 -0.31 19.42
CA LEU A 135 -11.04 -0.36 17.96
C LEU A 135 -10.29 0.78 17.32
N TYR A 136 -10.46 2.01 17.82
CA TYR A 136 -9.82 3.19 17.27
C TYR A 136 -8.94 3.85 18.32
N ASP A 137 -7.89 4.54 17.86
CA ASP A 137 -6.97 5.21 18.78
C ASP A 137 -7.67 6.43 19.39
N GLY A 138 -7.68 6.49 20.72
CA GLY A 138 -8.32 7.57 21.45
C GLY A 138 -9.67 7.23 22.04
N LEU A 139 -10.23 6.05 21.71
CA LEU A 139 -11.54 5.64 22.22
C LEU A 139 -11.52 4.23 22.78
N PHE A 140 -12.45 3.95 23.70
CA PHE A 140 -12.61 2.65 24.33
C PHE A 140 -14.11 2.36 24.43
N LYS A 141 -14.61 1.53 23.51
CA LYS A 141 -16.02 1.19 23.45
C LYS A 141 -16.42 0.23 24.55
N VAL A 142 -17.59 0.48 25.16
CA VAL A 142 -18.12 -0.32 26.25
C VAL A 142 -19.51 -0.81 25.91
N ILE A 143 -19.71 -2.13 25.87
CA ILE A 143 -21.02 -2.73 25.62
C ILE A 143 -21.52 -3.17 27.02
N PRO A 144 -22.46 -2.45 27.68
CA PRO A 144 -22.89 -2.87 29.02
C PRO A 144 -23.59 -4.23 29.01
N LEU A 145 -23.17 -5.12 29.92
CA LEU A 145 -23.77 -6.45 29.98
C LEU A 145 -24.93 -6.47 30.97
N ASP A 146 -26.15 -6.61 30.44
CA ASP A 146 -27.38 -6.69 31.23
C ASP A 146 -28.40 -7.54 30.44
N ARG A 147 -29.44 -8.03 31.11
CA ARG A 147 -30.39 -8.94 30.49
C ARG A 147 -31.04 -8.48 29.16
N ASP A 148 -31.79 -7.36 29.13
CA ASP A 148 -32.51 -6.94 27.92
C ASP A 148 -31.70 -6.18 26.85
N ASN A 149 -30.37 -6.34 26.81
CA ASN A 149 -29.54 -5.65 25.81
C ASN A 149 -29.35 -6.54 24.58
N LYS A 150 -30.46 -6.88 23.92
CA LYS A 150 -30.44 -7.73 22.73
C LYS A 150 -29.73 -7.10 21.53
N GLU A 151 -29.76 -5.77 21.42
CA GLU A 151 -29.12 -5.08 20.30
C GLU A 151 -27.65 -4.74 20.55
N LEU A 152 -27.04 -5.23 21.65
CA LEU A 152 -25.63 -4.94 22.00
C LEU A 152 -25.29 -3.46 21.90
N LYS A 153 -26.19 -2.61 22.43
CA LYS A 153 -26.00 -1.16 22.43
C LYS A 153 -24.79 -0.82 23.27
N ALA A 154 -23.96 0.10 22.79
CA ALA A 154 -22.71 0.45 23.45
C ALA A 154 -22.49 1.99 23.49
N PHE A 155 -21.51 2.42 24.30
CA PHE A 155 -21.16 3.82 24.44
C PHE A 155 -19.63 3.92 24.48
N ASN A 156 -19.08 5.03 23.97
CA ASN A 156 -17.64 5.22 23.92
C ASN A 156 -17.15 6.13 25.04
N ILE A 157 -15.97 5.83 25.60
CA ILE A 157 -15.34 6.64 26.65
C ILE A 157 -14.04 7.20 26.07
N ARG A 158 -13.81 8.51 26.22
CA ARG A 158 -12.59 9.15 25.75
C ARG A 158 -11.37 8.59 26.50
N LEU A 159 -10.33 8.21 25.76
CA LEU A 159 -9.11 7.70 26.36
C LEU A 159 -7.96 8.61 25.90
N GLU A 160 -7.29 9.26 26.87
CA GLU A 160 -6.22 10.20 26.57
C GLU A 160 -4.98 9.53 25.97
N GLU A 161 -4.60 8.37 26.50
CA GLU A 161 -3.44 7.63 26.01
C GLU A 161 -3.78 7.08 24.63
N LEU A 162 -3.13 7.63 23.59
CA LEU A 162 -3.45 7.28 22.21
C LEU A 162 -2.77 6.03 21.67
N HIS A 163 -1.58 5.67 22.18
CA HIS A 163 -0.85 4.53 21.65
C HIS A 163 -0.86 3.37 22.64
N VAL A 164 -2.02 2.74 22.80
CA VAL A 164 -2.18 1.59 23.70
C VAL A 164 -1.70 0.34 22.99
N ILE A 165 -0.86 -0.45 23.65
CA ILE A 165 -0.32 -1.68 23.08
C ILE A 165 -1.22 -2.85 23.48
N ASP A 166 -1.46 -3.07 24.78
CA ASP A 166 -2.35 -4.14 25.22
C ASP A 166 -3.17 -3.67 26.42
N VAL A 167 -4.33 -4.30 26.65
CA VAL A 167 -5.24 -3.94 27.75
C VAL A 167 -5.97 -5.21 28.23
N LYS A 168 -6.22 -5.29 29.55
CA LYS A 168 -6.93 -6.41 30.16
C LYS A 168 -7.80 -5.95 31.32
N PHE A 169 -8.85 -6.71 31.66
CA PHE A 169 -9.68 -6.40 32.81
C PHE A 169 -9.12 -7.14 34.01
N LEU A 170 -8.93 -6.44 35.13
CA LEU A 170 -8.38 -7.04 36.35
C LEU A 170 -9.41 -7.83 37.14
N TYR A 171 -8.91 -8.77 37.97
CA TYR A 171 -9.73 -9.61 38.85
C TYR A 171 -9.74 -9.06 40.27
N GLY A 172 -10.77 -9.42 41.04
CA GLY A 172 -10.90 -9.03 42.44
C GLY A 172 -11.02 -7.54 42.67
N CYS A 173 -11.76 -6.83 41.79
CA CYS A 173 -11.95 -5.38 41.92
C CYS A 173 -13.42 -5.07 42.14
N GLN A 174 -13.72 -4.19 43.11
CA GLN A 174 -15.10 -3.82 43.41
C GLN A 174 -15.79 -3.19 42.19
N ALA A 175 -15.05 -2.36 41.43
CA ALA A 175 -15.56 -1.74 40.21
C ALA A 175 -14.83 -2.33 38.99
N PRO A 176 -15.45 -2.44 37.79
CA PRO A 176 -14.71 -2.94 36.62
C PRO A 176 -13.45 -2.13 36.36
N THR A 177 -12.29 -2.80 36.32
CA THR A 177 -11.02 -2.10 36.19
C THR A 177 -10.21 -2.63 35.04
N ILE A 178 -9.65 -1.74 34.21
CA ILE A 178 -8.78 -2.10 33.09
C ILE A 178 -7.32 -1.79 33.45
N CYS A 179 -6.39 -2.55 32.91
CA CYS A 179 -4.96 -2.35 33.08
C CYS A 179 -4.36 -2.43 31.70
N PHE A 180 -3.62 -1.40 31.29
CA PHE A 180 -3.05 -1.34 29.95
C PHE A 180 -1.66 -0.74 29.92
N VAL A 181 -0.92 -1.03 28.84
CA VAL A 181 0.40 -0.45 28.59
C VAL A 181 0.25 0.49 27.40
N TYR A 182 0.78 1.71 27.51
CA TYR A 182 0.75 2.70 26.43
C TYR A 182 2.13 3.30 26.20
N GLN A 183 2.36 3.86 25.01
CA GLN A 183 3.64 4.50 24.69
C GLN A 183 3.42 5.98 24.41
N ASP A 184 4.20 6.83 25.08
CA ASP A 184 4.21 8.28 24.91
C ASP A 184 5.68 8.70 24.62
N PRO A 185 5.99 9.94 24.19
CA PRO A 185 7.40 10.31 23.96
C PRO A 185 8.38 10.04 25.12
N GLN A 186 7.88 9.86 26.37
CA GLN A 186 8.72 9.55 27.52
C GLN A 186 9.12 8.05 27.61
N GLY A 187 8.37 7.18 26.97
CA GLY A 187 8.60 5.73 26.98
C GLY A 187 7.32 4.95 27.12
N ARG A 188 7.38 3.71 27.62
CA ARG A 188 6.19 2.89 27.85
C ARG A 188 5.83 2.90 29.31
N HIS A 189 4.53 2.83 29.60
CA HIS A 189 4.06 2.86 30.97
C HIS A 189 2.82 1.99 31.15
N VAL A 190 2.67 1.41 32.34
CA VAL A 190 1.50 0.63 32.74
C VAL A 190 0.57 1.59 33.51
N LYS A 191 -0.73 1.52 33.23
CA LYS A 191 -1.70 2.37 33.89
C LYS A 191 -3.01 1.64 34.07
N THR A 192 -3.76 2.00 35.12
CA THR A 192 -5.05 1.40 35.41
C THR A 192 -6.15 2.45 35.37
N TYR A 193 -7.39 2.02 35.13
CA TYR A 193 -8.56 2.89 35.11
C TYR A 193 -9.78 2.14 35.56
N GLU A 194 -10.65 2.81 36.31
CA GLU A 194 -11.92 2.21 36.73
C GLU A 194 -12.98 2.61 35.72
N VAL A 195 -13.95 1.74 35.48
CA VAL A 195 -15.01 2.02 34.53
C VAL A 195 -16.34 2.04 35.28
N SER A 196 -17.05 3.16 35.22
CA SER A 196 -18.34 3.30 35.86
C SER A 196 -19.38 3.39 34.75
N LEU A 197 -20.28 2.41 34.65
CA LEU A 197 -21.30 2.38 33.62
C LEU A 197 -22.30 3.53 33.79
N ARG A 198 -22.69 3.84 35.02
CA ARG A 198 -23.62 4.93 35.32
C ARG A 198 -23.01 6.28 34.87
N GLU A 199 -21.75 6.53 35.23
CA GLU A 199 -21.05 7.77 34.88
C GLU A 199 -20.70 7.83 33.39
N LYS A 200 -20.43 6.66 32.77
CA LYS A 200 -19.99 6.53 31.37
C LYS A 200 -18.59 7.15 31.19
N GLU A 201 -17.74 7.09 32.24
CA GLU A 201 -16.43 7.72 32.27
C GLU A 201 -15.37 6.88 33.01
N PHE A 202 -14.10 7.30 32.94
CA PHE A 202 -13.02 6.60 33.63
C PHE A 202 -12.71 7.25 34.96
N ASN A 203 -12.78 6.48 36.05
CA ASN A 203 -12.42 6.95 37.38
C ASN A 203 -10.95 6.54 37.66
N LYS A 204 -10.37 7.03 38.76
CA LYS A 204 -8.98 6.72 39.09
C LYS A 204 -8.84 5.24 39.43
N GLY A 205 -7.76 4.62 38.96
CA GLY A 205 -7.50 3.21 39.17
C GLY A 205 -6.99 2.85 40.55
N PRO A 206 -6.91 1.55 40.88
CA PRO A 206 -6.44 1.14 42.21
C PRO A 206 -4.96 1.43 42.48
N TRP A 207 -4.11 1.42 41.44
CA TRP A 207 -2.69 1.75 41.63
C TRP A 207 -2.21 2.76 40.61
N LYS A 208 -1.25 3.60 41.01
CA LYS A 208 -0.73 4.67 40.17
C LYS A 208 0.09 4.14 38.98
N GLN A 209 0.30 5.02 38.00
CA GLN A 209 1.06 4.70 36.79
C GLN A 209 2.50 4.33 37.15
N GLU A 210 3.05 3.32 36.47
CA GLU A 210 4.42 2.87 36.65
C GLU A 210 5.10 2.76 35.29
N ASN A 211 6.44 2.86 35.27
CA ASN A 211 7.20 2.72 34.04
C ASN A 211 7.49 1.25 33.80
N VAL A 212 7.51 0.85 32.53
CA VAL A 212 7.76 -0.54 32.13
C VAL A 212 8.99 -0.59 31.18
N GLU A 213 9.35 -1.80 30.67
CA GLU A 213 10.39 -2.00 29.69
C GLU A 213 9.91 -1.31 28.41
N ALA A 214 10.77 -0.54 27.74
CA ALA A 214 10.37 0.14 26.50
C ALA A 214 9.83 -0.82 25.43
N GLU A 215 10.06 -2.15 25.58
CA GLU A 215 9.57 -3.16 24.65
C GLU A 215 8.47 -4.06 25.28
N ALA A 216 7.80 -3.60 26.37
CA ALA A 216 6.69 -4.35 26.99
C ALA A 216 5.56 -4.46 25.99
N SER A 217 5.10 -5.69 25.72
CA SER A 217 4.10 -5.94 24.68
C SER A 217 2.78 -6.57 25.13
N MET A 218 2.77 -7.42 26.18
CA MET A 218 1.51 -8.06 26.61
C MET A 218 1.21 -7.89 28.09
N VAL A 219 -0.08 -7.94 28.44
CA VAL A 219 -0.57 -7.80 29.81
C VAL A 219 -1.40 -9.04 30.14
N ILE A 220 -1.17 -9.63 31.31
CA ILE A 220 -1.93 -10.79 31.77
C ILE A 220 -2.53 -10.46 33.13
N ALA A 221 -3.86 -10.42 33.22
CA ALA A 221 -4.53 -10.18 34.50
C ALA A 221 -4.51 -11.49 35.25
N VAL A 222 -3.92 -11.51 36.44
CA VAL A 222 -3.80 -12.74 37.20
C VAL A 222 -5.07 -12.96 38.03
N PRO A 223 -5.81 -14.09 37.92
CA PRO A 223 -6.98 -14.29 38.78
C PRO A 223 -6.63 -14.38 40.26
N GLU A 224 -7.65 -14.31 41.12
CA GLU A 224 -7.46 -14.46 42.57
C GLU A 224 -6.80 -15.84 42.86
N PRO A 225 -5.94 -16.01 43.90
CA PRO A 225 -5.65 -15.08 45.01
C PRO A 225 -4.64 -13.97 44.75
N PHE A 226 -3.88 -14.05 43.65
CA PHE A 226 -2.85 -13.07 43.37
C PHE A 226 -3.39 -11.69 43.05
N GLY A 227 -4.35 -11.63 42.12
CA GLY A 227 -4.82 -10.36 41.60
C GLY A 227 -3.71 -9.68 40.79
N GLY A 228 -3.88 -8.39 40.51
CA GLY A 228 -2.84 -7.63 39.80
C GLY A 228 -2.66 -8.01 38.34
N ALA A 229 -1.46 -7.73 37.81
CA ALA A 229 -1.15 -7.97 36.40
C ALA A 229 0.32 -8.27 36.18
N ILE A 230 0.61 -9.01 35.09
CA ILE A 230 1.99 -9.34 34.69
C ILE A 230 2.24 -8.65 33.36
N ILE A 231 3.34 -7.90 33.27
CA ILE A 231 3.76 -7.21 32.07
C ILE A 231 4.96 -7.99 31.52
N ILE A 232 4.89 -8.38 30.25
CA ILE A 232 5.98 -9.13 29.60
C ILE A 232 6.55 -8.28 28.47
N GLY A 233 7.88 -8.22 28.41
CA GLY A 233 8.59 -7.53 27.36
C GLY A 233 9.63 -8.43 26.71
N GLN A 234 10.56 -7.81 25.99
CA GLN A 234 11.62 -8.54 25.31
C GLN A 234 12.60 -9.22 26.26
N GLU A 235 12.93 -8.56 27.37
CA GLU A 235 13.91 -9.05 28.33
C GLU A 235 13.44 -9.12 29.77
N SER A 236 12.19 -8.76 30.08
CA SER A 236 11.72 -8.76 31.46
C SER A 236 10.29 -9.23 31.62
N ILE A 237 9.98 -9.78 32.80
CA ILE A 237 8.64 -10.21 33.18
C ILE A 237 8.43 -9.60 34.55
N THR A 238 7.55 -8.60 34.65
CA THR A 238 7.32 -7.90 35.91
C THR A 238 5.88 -8.06 36.37
N TYR A 239 5.67 -8.13 37.68
CA TYR A 239 4.36 -8.24 38.30
C TYR A 239 4.02 -6.91 38.97
N HIS A 240 2.73 -6.55 39.01
CA HIS A 240 2.28 -5.33 39.64
C HIS A 240 0.90 -5.52 40.22
N ASN A 241 0.68 -5.07 41.46
CA ASN A 241 -0.64 -5.08 42.10
C ASN A 241 -0.77 -3.71 42.85
N GLY A 242 -1.66 -3.59 43.84
CA GLY A 242 -1.83 -2.35 44.57
C GLY A 242 -0.72 -1.93 45.50
N ASP A 243 0.03 -2.90 46.05
CA ASP A 243 1.07 -2.65 47.07
C ASP A 243 2.42 -3.33 46.85
N LYS A 244 2.62 -4.03 45.74
CA LYS A 244 3.81 -4.80 45.47
C LYS A 244 4.15 -4.85 44.00
N TYR A 245 5.45 -5.02 43.71
CA TYR A 245 5.96 -5.20 42.36
C TYR A 245 7.18 -6.11 42.42
N LEU A 246 7.31 -7.04 41.47
CA LEU A 246 8.46 -7.95 41.43
C LEU A 246 8.90 -8.07 39.99
N ALA A 247 10.20 -7.96 39.72
CA ALA A 247 10.71 -8.04 38.37
C ALA A 247 11.83 -9.06 38.21
N ILE A 248 11.84 -9.75 37.06
CA ILE A 248 12.87 -10.73 36.70
C ILE A 248 13.31 -10.46 35.25
N ALA A 249 14.56 -10.80 34.94
CA ALA A 249 15.10 -10.64 33.59
C ALA A 249 15.66 -12.02 33.19
N PRO A 250 14.79 -12.98 32.81
CA PRO A 250 15.29 -14.32 32.52
C PRO A 250 16.06 -14.39 31.20
N PRO A 251 17.36 -14.75 31.20
CA PRO A 251 18.08 -14.80 29.91
C PRO A 251 17.57 -15.86 28.93
N ILE A 252 16.77 -16.84 29.40
CA ILE A 252 16.23 -17.90 28.51
C ILE A 252 15.16 -17.40 27.53
N ILE A 253 14.70 -16.14 27.65
CA ILE A 253 13.67 -15.57 26.76
C ILE A 253 14.22 -14.58 25.72
N LYS A 254 15.50 -14.18 25.84
CA LYS A 254 16.08 -13.15 24.99
C LYS A 254 16.23 -13.47 23.52
N GLN A 255 16.17 -14.75 23.16
CA GLN A 255 16.35 -15.16 21.77
C GLN A 255 15.17 -14.80 20.88
N SER A 256 13.94 -14.91 21.39
CA SER A 256 12.75 -14.55 20.63
C SER A 256 11.70 -13.90 21.51
N THR A 257 10.77 -13.19 20.87
CA THR A 257 9.73 -12.46 21.57
C THR A 257 8.53 -13.34 21.92
N ILE A 258 8.10 -13.31 23.19
CA ILE A 258 6.92 -14.03 23.63
C ILE A 258 5.72 -13.29 23.05
N VAL A 259 4.86 -13.99 22.30
CA VAL A 259 3.73 -13.38 21.63
C VAL A 259 2.36 -14.01 21.95
N CYS A 260 2.32 -15.11 22.72
CA CYS A 260 1.05 -15.72 23.12
C CYS A 260 1.18 -16.39 24.48
N HIS A 261 0.09 -16.37 25.26
CA HIS A 261 0.04 -16.96 26.59
C HIS A 261 -1.30 -17.66 26.84
N ASN A 262 -1.32 -18.57 27.81
CA ASN A 262 -2.54 -19.21 28.27
C ASN A 262 -2.39 -19.59 29.74
N ARG A 263 -3.47 -19.53 30.50
CA ARG A 263 -3.43 -19.87 31.92
C ARG A 263 -3.66 -21.36 32.08
N VAL A 264 -2.83 -22.03 32.88
CA VAL A 264 -2.94 -23.46 33.12
C VAL A 264 -3.84 -23.71 34.34
N ASP A 265 -3.50 -23.14 35.50
CA ASP A 265 -4.29 -23.35 36.70
C ASP A 265 -5.35 -22.26 36.81
N PRO A 266 -6.63 -22.56 37.13
CA PRO A 266 -7.62 -21.47 37.28
C PRO A 266 -7.25 -20.37 38.27
N ASN A 267 -6.40 -20.67 39.27
CA ASN A 267 -5.97 -19.67 40.24
C ASN A 267 -4.77 -18.81 39.78
N GLY A 268 -4.25 -19.05 38.56
CA GLY A 268 -3.12 -18.30 38.04
C GLY A 268 -1.76 -18.68 38.57
N SER A 269 -1.56 -19.92 39.03
CA SER A 269 -0.25 -20.36 39.53
C SER A 269 0.72 -20.70 38.41
N ARG A 270 0.23 -21.22 37.26
CA ARG A 270 1.09 -21.58 36.13
C ARG A 270 0.53 -20.99 34.84
N TYR A 271 1.43 -20.54 33.94
CA TYR A 271 1.05 -19.93 32.67
C TYR A 271 1.96 -20.35 31.55
N LEU A 272 1.42 -20.94 30.48
CA LEU A 272 2.24 -21.29 29.31
C LEU A 272 2.52 -20.05 28.48
N LEU A 273 3.73 -19.98 27.88
CA LEU A 273 4.15 -18.85 27.05
C LEU A 273 4.86 -19.35 25.82
N GLY A 274 4.44 -18.88 24.65
CA GLY A 274 5.05 -19.27 23.38
C GLY A 274 5.64 -18.08 22.66
N ASP A 275 6.77 -18.29 21.97
CA ASP A 275 7.48 -17.25 21.23
C ASP A 275 7.30 -17.38 19.69
N MET A 276 7.98 -16.55 18.90
CA MET A 276 7.87 -16.56 17.46
C MET A 276 8.58 -17.73 16.77
N GLU A 277 9.42 -18.48 17.50
CA GLU A 277 10.19 -19.58 16.91
C GLU A 277 9.75 -20.99 17.36
N GLY A 278 8.69 -21.10 18.15
CA GLY A 278 8.18 -22.39 18.59
C GLY A 278 8.58 -22.85 19.98
N ARG A 279 9.42 -22.07 20.69
CA ARG A 279 9.81 -22.43 22.05
C ARG A 279 8.59 -22.31 22.96
N LEU A 280 8.38 -23.29 23.82
CA LEU A 280 7.27 -23.27 24.76
C LEU A 280 7.83 -23.17 26.17
N PHE A 281 7.34 -22.22 26.96
CA PHE A 281 7.81 -21.98 28.32
C PHE A 281 6.66 -22.06 29.32
N MET A 282 6.99 -22.20 30.61
CA MET A 282 5.99 -22.18 31.67
C MET A 282 6.46 -21.16 32.71
N LEU A 283 5.54 -20.31 33.13
CA LEU A 283 5.80 -19.29 34.13
C LEU A 283 5.13 -19.73 35.42
N LEU A 284 5.89 -19.80 36.50
CA LEU A 284 5.40 -20.20 37.81
C LEU A 284 5.32 -18.99 38.72
N LEU A 285 4.15 -18.77 39.32
CA LEU A 285 3.94 -17.70 40.29
C LEU A 285 4.06 -18.35 41.66
N GLU A 286 5.29 -18.42 42.19
CA GLU A 286 5.55 -19.01 43.51
C GLU A 286 4.75 -18.27 44.59
N LYS A 287 4.11 -19.00 45.50
CA LYS A 287 3.23 -18.43 46.50
C LYS A 287 3.78 -18.54 47.91
N GLU A 288 3.62 -17.48 48.71
CA GLU A 288 3.97 -17.48 50.13
C GLU A 288 2.66 -17.20 50.86
N GLU A 289 2.03 -18.25 51.39
CA GLU A 289 0.73 -18.11 52.05
C GLU A 289 0.90 -17.53 53.46
N GLN A 290 -0.12 -16.77 53.89
CA GLN A 290 -0.18 -16.16 55.21
C GLN A 290 -1.19 -16.93 56.09
N MET A 291 -1.09 -16.74 57.41
CA MET A 291 -1.94 -17.43 58.38
C MET A 291 -3.44 -17.18 58.19
N ASP A 292 -3.82 -16.03 57.61
CA ASP A 292 -5.23 -15.71 57.37
C ASP A 292 -5.76 -16.18 55.99
N GLY A 293 -5.00 -17.02 55.28
CA GLY A 293 -5.41 -17.54 53.98
C GLY A 293 -5.02 -16.68 52.80
N THR A 294 -4.51 -15.46 53.03
CA THR A 294 -4.08 -14.58 51.95
C THR A 294 -2.81 -15.12 51.32
N VAL A 295 -2.58 -14.78 50.06
CA VAL A 295 -1.40 -15.19 49.35
C VAL A 295 -0.75 -13.95 48.75
N THR A 296 0.57 -13.87 48.87
CA THR A 296 1.40 -12.84 48.27
C THR A 296 2.30 -13.55 47.25
N LEU A 297 2.73 -12.80 46.24
CA LEU A 297 3.59 -13.33 45.21
C LEU A 297 5.01 -13.40 45.77
N LYS A 298 5.55 -14.62 45.89
CA LYS A 298 6.87 -14.85 46.42
C LYS A 298 7.96 -14.56 45.37
N ASP A 299 7.90 -15.23 44.21
CA ASP A 299 8.87 -15.05 43.13
C ASP A 299 8.33 -15.55 41.79
N LEU A 300 8.95 -15.10 40.69
CA LEU A 300 8.58 -15.51 39.34
C LEU A 300 9.68 -16.39 38.78
N ARG A 301 9.32 -17.50 38.14
CA ARG A 301 10.27 -18.41 37.54
C ARG A 301 9.78 -18.84 36.17
N VAL A 302 10.67 -18.85 35.17
CA VAL A 302 10.34 -19.27 33.80
C VAL A 302 11.26 -20.43 33.44
N GLU A 303 10.70 -21.51 32.90
CA GLU A 303 11.49 -22.66 32.48
C GLU A 303 11.06 -23.06 31.08
N LEU A 304 12.04 -23.32 30.20
CA LEU A 304 11.76 -23.78 28.85
C LEU A 304 11.33 -25.24 28.90
N LEU A 305 10.25 -25.59 28.21
CA LEU A 305 9.72 -26.95 28.20
C LEU A 305 10.15 -27.72 26.96
N GLY A 306 10.10 -27.08 25.81
CA GLY A 306 10.47 -27.73 24.56
C GLY A 306 10.12 -26.94 23.33
N GLU A 307 9.94 -27.66 22.22
CA GLU A 307 9.64 -27.08 20.93
C GLU A 307 8.30 -27.58 20.42
N THR A 308 7.49 -26.66 19.92
CA THR A 308 6.19 -26.93 19.32
C THR A 308 6.17 -26.21 17.95
N SER A 309 5.10 -26.41 17.14
CA SER A 309 4.92 -25.67 15.90
C SER A 309 4.75 -24.19 16.26
N ILE A 310 5.19 -23.25 15.40
CA ILE A 310 5.10 -21.78 15.66
C ILE A 310 3.68 -21.43 16.14
N ALA A 311 3.56 -21.11 17.43
CA ALA A 311 2.27 -20.95 18.05
C ALA A 311 1.65 -19.56 17.92
N GLU A 312 0.43 -19.53 17.38
CA GLU A 312 -0.39 -18.34 17.30
C GLU A 312 -1.15 -18.18 18.63
N CYS A 313 -1.70 -19.30 19.14
CA CYS A 313 -2.47 -19.33 20.38
C CYS A 313 -2.30 -20.67 21.08
N LEU A 314 -2.49 -20.69 22.40
CA LEU A 314 -2.33 -21.89 23.20
C LEU A 314 -3.49 -22.07 24.15
N THR A 315 -3.78 -23.32 24.54
CA THR A 315 -4.87 -23.66 25.46
C THR A 315 -4.53 -24.96 26.18
N TYR A 316 -4.46 -24.92 27.51
CA TYR A 316 -4.23 -26.12 28.30
C TYR A 316 -5.57 -26.88 28.39
N LEU A 317 -5.50 -28.20 28.18
CA LEU A 317 -6.61 -29.15 28.24
C LEU A 317 -6.31 -30.11 29.42
N ASP A 318 -7.23 -31.02 29.80
CA ASP A 318 -7.00 -31.89 30.96
C ASP A 318 -5.70 -32.75 30.88
N ASN A 319 -4.95 -32.80 32.01
CA ASN A 319 -3.75 -33.60 32.26
C ASN A 319 -2.60 -33.54 31.23
N GLY A 320 -1.74 -32.53 31.35
CA GLY A 320 -0.57 -32.38 30.49
C GLY A 320 -0.80 -32.06 29.02
N VAL A 321 -2.04 -32.22 28.53
CA VAL A 321 -2.35 -32.02 27.12
C VAL A 321 -2.53 -30.53 26.81
N VAL A 322 -1.83 -30.02 25.78
CA VAL A 322 -1.95 -28.63 25.35
C VAL A 322 -2.27 -28.61 23.86
N PHE A 323 -3.26 -27.81 23.47
CA PHE A 323 -3.57 -27.62 22.05
C PHE A 323 -2.72 -26.45 21.56
N VAL A 324 -2.03 -26.62 20.43
CA VAL A 324 -1.18 -25.60 19.84
C VAL A 324 -1.77 -25.12 18.54
N GLY A 325 -2.42 -23.96 18.54
CA GLY A 325 -2.97 -23.39 17.32
C GLY A 325 -1.85 -22.73 16.56
N SER A 326 -1.69 -23.03 15.26
CA SER A 326 -0.59 -22.49 14.47
C SER A 326 -1.03 -21.95 13.13
N ARG A 327 -0.71 -20.67 12.88
CA ARG A 327 -0.99 -20.03 11.59
C ARG A 327 0.05 -20.42 10.54
N LEU A 328 1.31 -20.64 10.95
CA LEU A 328 2.40 -20.94 10.02
C LEU A 328 2.71 -22.40 9.79
N GLY A 329 2.16 -23.28 10.62
CA GLY A 329 2.40 -24.71 10.51
C GLY A 329 1.24 -25.52 11.04
N ASP A 330 1.40 -26.84 11.06
CA ASP A 330 0.35 -27.71 11.54
C ASP A 330 0.06 -27.48 13.00
N SER A 331 -1.23 -27.42 13.36
CA SER A 331 -1.62 -27.32 14.76
C SER A 331 -1.38 -28.67 15.42
N GLN A 332 -1.12 -28.68 16.74
CA GLN A 332 -0.76 -29.91 17.43
C GLN A 332 -1.51 -30.14 18.74
N LEU A 333 -1.45 -31.37 19.24
CA LEU A 333 -1.87 -31.74 20.57
C LEU A 333 -0.60 -32.26 21.18
N VAL A 334 -0.03 -31.55 22.15
CA VAL A 334 1.23 -31.94 22.77
C VAL A 334 1.04 -32.41 24.21
N LYS A 335 1.96 -33.24 24.70
CA LYS A 335 1.94 -33.75 26.06
C LYS A 335 3.11 -33.17 26.83
N LEU A 336 2.82 -32.61 28.02
CA LEU A 336 3.83 -32.03 28.89
C LEU A 336 4.25 -33.05 29.94
N ASN A 337 5.25 -33.86 29.60
CA ASN A 337 5.76 -34.91 30.47
C ASN A 337 6.55 -34.33 31.62
N VAL A 338 6.46 -34.98 32.80
CA VAL A 338 7.19 -34.52 33.99
C VAL A 338 8.69 -34.79 33.82
N ASP A 339 9.07 -35.91 33.17
CA ASP A 339 10.47 -36.27 32.95
C ASP A 339 10.84 -36.06 31.48
N SER A 340 12.01 -35.47 31.23
CA SER A 340 12.49 -35.23 29.87
C SER A 340 12.89 -36.52 29.19
N ASN A 341 12.82 -36.53 27.86
CA ASN A 341 13.20 -37.69 27.05
C ASN A 341 14.74 -37.76 26.84
N GLU A 342 15.25 -38.76 26.11
CA GLU A 342 16.70 -38.89 25.88
C GLU A 342 17.29 -37.79 24.98
N GLN A 343 16.47 -36.84 24.50
CA GLN A 343 16.92 -35.68 23.71
C GLN A 343 17.00 -34.42 24.60
N GLY A 344 16.15 -34.32 25.62
CA GLY A 344 16.13 -33.21 26.56
C GLY A 344 14.84 -32.42 26.61
N SER A 345 13.83 -32.78 25.79
CA SER A 345 12.57 -32.04 25.75
C SER A 345 11.45 -32.66 26.58
N TYR A 346 10.77 -31.83 27.37
CA TYR A 346 9.62 -32.25 28.17
C TYR A 346 8.32 -32.31 27.36
N VAL A 347 8.33 -31.83 26.11
CA VAL A 347 7.16 -31.77 25.24
C VAL A 347 7.27 -32.87 24.19
N VAL A 348 6.20 -33.65 24.01
CA VAL A 348 6.14 -34.71 23.01
C VAL A 348 4.82 -34.55 22.25
N ALA A 349 4.88 -34.62 20.91
CA ALA A 349 3.69 -34.49 20.08
C ALA A 349 2.83 -35.75 20.18
N MET A 350 1.50 -35.57 20.25
CA MET A 350 0.53 -36.66 20.33
C MET A 350 -0.21 -36.75 18.99
N GLU A 351 -0.72 -35.61 18.48
CA GLU A 351 -1.46 -35.56 17.22
C GLU A 351 -1.12 -34.29 16.44
N THR A 352 -1.19 -34.38 15.11
CA THR A 352 -0.90 -33.27 14.21
C THR A 352 -2.11 -33.03 13.31
N PHE A 353 -2.54 -31.78 13.21
CA PHE A 353 -3.69 -31.38 12.39
C PHE A 353 -3.15 -30.59 11.22
N THR A 354 -3.55 -30.97 10.00
CA THR A 354 -3.07 -30.37 8.75
C THR A 354 -3.32 -28.87 8.63
N ASN A 355 -2.30 -28.12 8.18
CA ASN A 355 -2.39 -26.69 7.93
C ASN A 355 -1.66 -26.33 6.63
N LEU A 356 -2.44 -26.14 5.57
CA LEU A 356 -1.91 -25.67 4.29
C LEU A 356 -1.42 -24.23 4.35
N GLY A 357 -1.99 -23.42 5.23
CA GLY A 357 -1.66 -22.01 5.32
C GLY A 357 -0.31 -21.62 5.89
N PRO A 358 0.39 -20.59 5.33
CA PRO A 358 0.08 -19.79 4.12
C PRO A 358 0.46 -20.44 2.79
N ILE A 359 -0.43 -20.35 1.80
CA ILE A 359 -0.14 -20.87 0.46
C ILE A 359 0.47 -19.69 -0.30
N VAL A 360 1.78 -19.73 -0.53
CA VAL A 360 2.50 -18.66 -1.23
C VAL A 360 2.48 -18.86 -2.75
N ASP A 361 2.54 -20.11 -3.20
CA ASP A 361 2.50 -20.47 -4.62
C ASP A 361 1.97 -21.90 -4.77
N MET A 362 1.58 -22.30 -5.99
CA MET A 362 1.06 -23.65 -6.25
C MET A 362 0.95 -23.94 -7.75
N CYS A 363 0.72 -25.22 -8.10
CA CYS A 363 0.55 -25.66 -9.49
C CYS A 363 -0.31 -26.93 -9.55
N VAL A 364 -0.99 -27.13 -10.69
CA VAL A 364 -1.84 -28.30 -10.93
C VAL A 364 -1.08 -29.27 -11.83
N VAL A 365 -1.03 -30.57 -11.46
CA VAL A 365 -0.29 -31.59 -12.20
C VAL A 365 -1.01 -32.94 -12.20
N ASP A 366 -0.89 -33.71 -13.28
CA ASP A 366 -1.43 -35.08 -13.36
C ASP A 366 -0.23 -36.01 -13.15
N LEU A 367 -0.16 -36.72 -12.01
CA LEU A 367 0.99 -37.57 -11.70
C LEU A 367 0.75 -39.08 -11.98
N GLU A 368 -0.27 -39.70 -11.35
CA GLU A 368 -0.59 -41.11 -11.64
C GLU A 368 -0.98 -41.31 -13.14
N ARG A 369 -1.21 -40.20 -13.89
CA ARG A 369 -1.55 -40.18 -15.32
C ARG A 369 -2.87 -40.90 -15.58
N GLN A 370 -3.93 -40.38 -14.91
CA GLN A 370 -5.30 -40.88 -15.02
C GLN A 370 -6.23 -39.87 -15.71
N GLY A 371 -5.88 -38.58 -15.69
CA GLY A 371 -6.70 -37.49 -16.20
C GLY A 371 -7.10 -36.50 -15.09
N GLN A 372 -6.87 -36.87 -13.81
CA GLN A 372 -7.21 -36.08 -12.64
C GLN A 372 -6.03 -35.26 -12.15
N GLY A 373 -6.18 -33.93 -12.15
CA GLY A 373 -5.14 -33.03 -11.69
C GLY A 373 -5.07 -32.95 -10.18
N GLN A 374 -3.85 -32.84 -9.65
CA GLN A 374 -3.56 -32.75 -8.22
C GLN A 374 -2.85 -31.43 -7.95
N LEU A 375 -3.17 -30.77 -6.84
CA LEU A 375 -2.55 -29.48 -6.50
C LEU A 375 -1.36 -29.66 -5.59
N VAL A 376 -0.24 -28.99 -5.92
CA VAL A 376 0.99 -29.06 -5.12
C VAL A 376 1.29 -27.63 -4.70
N THR A 377 1.19 -27.34 -3.40
CA THR A 377 1.36 -25.98 -2.88
C THR A 377 2.67 -25.76 -2.12
N CYS A 378 3.09 -24.49 -2.01
CA CYS A 378 4.23 -24.04 -1.21
C CYS A 378 3.59 -23.52 0.06
N SER A 379 3.62 -24.32 1.12
CA SER A 379 2.95 -23.97 2.38
C SER A 379 3.93 -23.74 3.53
N GLY A 380 3.47 -23.05 4.56
CA GLY A 380 4.27 -22.82 5.76
C GLY A 380 5.36 -21.78 5.58
N ALA A 381 6.18 -21.62 6.62
CA ALA A 381 7.32 -20.70 6.64
C ALA A 381 8.32 -21.13 7.71
N PHE A 382 9.61 -20.82 7.50
CA PHE A 382 10.68 -21.15 8.47
C PHE A 382 10.70 -22.69 8.70
N LYS A 383 10.84 -23.22 9.94
CA LYS A 383 10.84 -24.66 10.17
C LYS A 383 9.53 -25.35 9.78
N GLU A 384 8.42 -24.60 9.66
CA GLU A 384 7.13 -25.17 9.27
C GLU A 384 6.93 -25.30 7.75
N GLY A 385 7.82 -24.72 6.95
CA GLY A 385 7.73 -24.76 5.50
C GLY A 385 7.72 -26.16 4.95
N SER A 386 6.82 -26.44 3.99
CA SER A 386 6.65 -27.75 3.43
C SER A 386 5.89 -27.72 2.08
N LEU A 387 5.74 -28.88 1.40
CA LEU A 387 4.91 -28.99 0.21
C LEU A 387 3.69 -29.82 0.58
N ARG A 388 2.52 -29.47 0.05
CA ARG A 388 1.29 -30.21 0.33
C ARG A 388 0.67 -30.65 -0.98
N ILE A 389 0.38 -31.96 -1.12
CA ILE A 389 -0.24 -32.51 -2.33
C ILE A 389 -1.69 -32.78 -2.00
N ILE A 390 -2.61 -32.10 -2.69
CA ILE A 390 -4.05 -32.26 -2.46
C ILE A 390 -4.66 -33.00 -3.63
N ARG A 391 -5.36 -34.10 -3.33
CA ARG A 391 -6.03 -34.96 -4.31
C ARG A 391 -7.53 -35.05 -3.99
N ASN A 392 -8.32 -35.63 -4.90
CA ASN A 392 -9.77 -35.79 -4.74
C ASN A 392 -10.13 -37.27 -4.55
N GLN A 708 -14.91 -38.30 3.89
CA GLN A 708 -13.79 -37.49 3.40
C GLN A 708 -13.83 -37.34 1.88
N LYS A 709 -13.19 -36.28 1.37
CA LYS A 709 -13.13 -35.98 -0.06
C LYS A 709 -11.68 -35.63 -0.48
N LEU A 710 -11.06 -34.64 0.18
CA LEU A 710 -9.72 -34.19 -0.18
C LEU A 710 -8.65 -34.93 0.62
N HIS A 711 -7.71 -35.59 -0.08
CA HIS A 711 -6.61 -36.32 0.54
C HIS A 711 -5.37 -35.44 0.46
N ILE A 712 -4.73 -35.17 1.61
CA ILE A 712 -3.56 -34.30 1.67
C ILE A 712 -2.33 -35.07 2.13
N ARG A 713 -1.19 -34.89 1.44
CA ARG A 713 0.08 -35.48 1.82
C ARG A 713 1.06 -34.34 2.11
N THR A 714 1.88 -34.47 3.15
CA THR A 714 2.83 -33.45 3.56
C THR A 714 4.28 -33.88 3.33
N VAL A 715 5.09 -32.97 2.78
CA VAL A 715 6.52 -33.20 2.54
C VAL A 715 7.26 -32.11 3.34
N PRO A 716 7.66 -32.35 4.60
CA PRO A 716 8.35 -31.30 5.38
C PRO A 716 9.69 -30.89 4.78
N LEU A 717 9.93 -29.57 4.70
CA LEU A 717 11.17 -29.02 4.17
C LEU A 717 12.03 -28.35 5.24
N TYR A 718 11.44 -27.93 6.37
CA TYR A 718 12.15 -27.26 7.47
C TYR A 718 12.78 -25.91 7.06
N GLU A 719 12.29 -25.33 5.95
CA GLU A 719 12.71 -24.02 5.42
C GLU A 719 11.56 -23.43 4.59
N SER A 720 11.58 -22.13 4.33
CA SER A 720 10.47 -21.46 3.65
C SER A 720 10.36 -21.69 2.12
N PRO A 721 9.40 -22.52 1.60
CA PRO A 721 9.24 -22.59 0.14
C PRO A 721 8.61 -21.29 -0.38
N ARG A 722 8.95 -20.90 -1.62
CA ARG A 722 8.52 -19.63 -2.19
C ARG A 722 7.81 -19.80 -3.54
N LYS A 723 8.45 -20.46 -4.51
CA LYS A 723 7.85 -20.69 -5.83
C LYS A 723 7.90 -22.17 -6.19
N ILE A 724 7.07 -22.59 -7.14
CA ILE A 724 7.04 -23.99 -7.58
C ILE A 724 6.61 -24.06 -9.04
N CYS A 725 7.22 -24.99 -9.78
CA CYS A 725 6.85 -25.27 -11.16
C CYS A 725 7.12 -26.75 -11.45
N TYR A 726 6.33 -27.34 -12.34
CA TYR A 726 6.47 -28.75 -12.67
C TYR A 726 7.16 -28.93 -14.01
N GLN A 727 8.17 -29.81 -14.05
CA GLN A 727 8.88 -30.15 -15.29
C GLN A 727 8.42 -31.56 -15.68
N GLU A 728 7.67 -31.67 -16.79
CA GLU A 728 7.11 -32.95 -17.25
C GLU A 728 8.20 -33.93 -17.69
N VAL A 729 9.18 -33.44 -18.47
CA VAL A 729 10.25 -34.27 -19.03
C VAL A 729 11.22 -34.81 -17.97
N SER A 730 11.34 -34.14 -16.82
CA SER A 730 12.26 -34.56 -15.76
C SER A 730 11.59 -35.31 -14.61
N GLN A 731 10.24 -35.39 -14.57
CA GLN A 731 9.49 -36.08 -13.51
C GLN A 731 9.87 -35.52 -12.13
N CYS A 732 9.99 -34.20 -12.04
CA CYS A 732 10.40 -33.54 -10.80
C CYS A 732 9.88 -32.11 -10.76
N PHE A 733 9.71 -31.58 -9.55
CA PHE A 733 9.29 -30.20 -9.34
C PHE A 733 10.51 -29.32 -9.06
N GLY A 734 10.40 -28.05 -9.43
CA GLY A 734 11.42 -27.04 -9.17
C GLY A 734 10.84 -26.11 -8.12
N VAL A 735 11.51 -25.95 -6.97
CA VAL A 735 11.00 -25.12 -5.87
C VAL A 735 12.03 -24.13 -5.38
N LEU A 736 11.71 -22.82 -5.40
CA LEU A 736 12.61 -21.83 -4.82
C LEU A 736 12.38 -21.81 -3.32
N SER A 737 13.45 -21.85 -2.53
CA SER A 737 13.34 -21.87 -1.07
C SER A 737 14.34 -20.91 -0.44
N SER A 738 14.10 -20.50 0.81
CA SER A 738 15.00 -19.64 1.54
C SER A 738 15.19 -20.14 2.97
N ARG A 739 16.45 -20.11 3.46
CA ARG A 739 16.77 -20.52 4.83
C ARG A 739 17.49 -19.37 5.53
N ILE A 740 17.23 -19.21 6.83
CA ILE A 740 17.84 -18.14 7.62
C ILE A 740 19.14 -18.65 8.24
N GLU A 741 20.24 -17.93 8.00
CA GLU A 741 21.54 -18.22 8.60
C GLU A 741 22.00 -17.00 9.43
N VAL A 742 22.94 -17.19 10.35
CA VAL A 742 23.43 -16.09 11.20
C VAL A 742 24.96 -16.02 11.16
N GLN A 743 25.52 -14.81 11.19
CA GLN A 743 26.97 -14.64 11.14
C GLN A 743 27.61 -15.13 12.44
N ASP A 744 28.76 -15.79 12.32
CA ASP A 744 29.52 -16.34 13.46
C ASP A 744 30.91 -15.67 13.58
N THR A 745 31.60 -15.87 14.71
CA THR A 745 32.93 -15.31 14.94
C THR A 745 33.93 -15.81 13.89
N SER A 746 33.78 -17.07 13.42
CA SER A 746 34.60 -17.64 12.35
C SER A 746 34.68 -16.71 11.11
N GLY A 747 33.64 -15.93 10.88
CA GLY A 747 33.58 -14.96 9.78
C GLY A 747 32.54 -15.26 8.72
N GLY A 748 31.99 -16.47 8.72
CA GLY A 748 30.97 -16.88 7.76
C GLY A 748 29.59 -16.88 8.35
N THR A 749 28.70 -17.71 7.82
CA THR A 749 27.33 -17.82 8.31
C THR A 749 27.01 -19.28 8.63
N THR A 750 26.28 -19.50 9.73
CA THR A 750 25.88 -20.83 10.20
C THR A 750 24.36 -20.94 10.18
N ALA A 751 23.84 -22.12 9.83
CA ALA A 751 22.41 -22.34 9.78
C ALA A 751 21.87 -22.76 11.15
N LEU A 752 20.61 -22.45 11.38
CA LEU A 752 19.94 -22.74 12.65
C LEU A 752 19.63 -24.23 12.78
N ARG A 753 19.25 -24.89 11.67
CA ARG A 753 18.90 -26.30 11.66
C ARG A 753 19.11 -26.93 10.28
N PRO A 754 19.25 -28.27 10.16
CA PRO A 754 19.31 -28.87 8.82
C PRO A 754 17.96 -28.72 8.11
N SER A 755 17.98 -28.46 6.81
CA SER A 755 16.77 -28.28 6.01
C SER A 755 16.93 -28.90 4.60
N ALA A 756 15.91 -28.77 3.72
CA ALA A 756 15.97 -29.35 2.38
C ALA A 756 17.16 -28.87 1.55
N SER A 757 17.48 -27.57 1.63
CA SER A 757 18.60 -26.99 0.89
C SER A 757 19.99 -27.48 1.35
N THR A 758 20.08 -28.03 2.58
CA THR A 758 21.33 -28.53 3.14
C THR A 758 21.37 -30.07 3.24
N GLN A 759 20.25 -30.77 2.91
CA GLN A 759 20.19 -32.24 2.97
C GLN A 759 19.88 -32.86 1.60
N ALA A 760 20.21 -32.16 0.50
CA ALA A 760 19.99 -32.73 -0.84
C ALA A 760 21.03 -33.82 -1.12
N LEU A 761 20.72 -34.71 -2.06
CA LEU A 761 21.65 -35.78 -2.44
C LEU A 761 22.90 -35.17 -3.06
N SER A 762 22.71 -34.17 -3.93
CA SER A 762 23.80 -33.42 -4.56
C SER A 762 23.48 -31.93 -4.44
N SER A 763 24.50 -31.08 -4.34
CA SER A 763 24.29 -29.64 -4.25
C SER A 763 25.25 -28.86 -5.15
N SER A 764 24.83 -27.66 -5.57
CA SER A 764 25.64 -26.78 -6.42
C SER A 764 25.57 -25.31 -5.94
N VAL A 765 26.49 -24.47 -6.41
CA VAL A 765 26.56 -23.05 -6.05
C VAL A 765 26.77 -22.22 -7.32
N SER A 766 26.36 -20.96 -7.28
CA SER A 766 26.55 -20.03 -8.40
C SER A 766 27.91 -19.37 -8.30
N SER A 767 28.46 -18.98 -9.44
CA SER A 767 29.73 -18.28 -9.52
C SER A 767 29.58 -17.10 -10.46
N SER A 768 30.13 -15.94 -10.10
CA SER A 768 30.02 -14.76 -10.93
C SER A 768 30.97 -13.65 -10.51
N LYS A 769 32.19 -13.65 -11.05
CA LYS A 769 33.14 -12.55 -10.82
C LYS A 769 32.69 -11.29 -11.58
N LEU A 770 32.08 -11.49 -12.78
CA LEU A 770 31.53 -10.44 -13.64
C LEU A 770 30.40 -9.63 -12.96
N PHE A 771 29.74 -10.21 -11.93
CA PHE A 771 28.62 -9.58 -11.25
C PHE A 771 29.04 -9.01 -9.89
N SER A 772 30.11 -8.21 -9.89
CA SER A 772 30.63 -7.57 -8.69
C SER A 772 29.99 -6.19 -8.51
N SER A 773 29.26 -5.99 -7.40
CA SER A 773 28.60 -4.71 -7.12
C SER A 773 29.61 -3.67 -6.65
N SER A 774 29.42 -2.41 -7.07
CA SER A 774 30.31 -1.30 -6.75
C SER A 774 30.10 -0.75 -5.32
N THR A 775 28.90 -0.25 -5.01
CA THR A 775 28.62 0.35 -3.69
C THR A 775 28.54 -0.65 -2.54
N ALA A 776 28.69 -1.96 -2.79
CA ALA A 776 28.60 -2.99 -1.75
C ALA A 776 29.96 -3.30 -1.12
N PRO A 777 30.34 -2.75 0.06
CA PRO A 777 31.62 -3.15 0.67
C PRO A 777 31.63 -4.55 1.29
N HIS A 778 30.43 -5.15 1.49
CA HIS A 778 30.23 -6.48 2.08
C HIS A 778 30.81 -6.58 3.50
N GLU A 779 30.63 -5.52 4.30
CA GLU A 779 31.07 -5.48 5.69
C GLU A 779 29.87 -5.82 6.58
N THR A 780 29.21 -6.95 6.29
CA THR A 780 28.04 -7.46 7.02
C THR A 780 28.23 -7.45 8.54
N SER A 781 27.20 -7.00 9.28
CA SER A 781 27.26 -6.90 10.73
C SER A 781 27.22 -8.27 11.41
N PHE A 782 27.77 -8.35 12.63
CA PHE A 782 27.82 -9.59 13.39
C PHE A 782 26.45 -9.92 14.02
N GLY A 783 26.16 -11.22 14.14
CA GLY A 783 24.93 -11.70 14.76
C GLY A 783 23.68 -11.23 14.05
N GLU A 784 23.77 -11.12 12.71
CA GLU A 784 22.69 -10.64 11.88
C GLU A 784 22.09 -11.80 11.10
N GLU A 785 20.76 -11.83 10.98
CA GLU A 785 20.10 -12.87 10.19
C GLU A 785 20.34 -12.56 8.71
N VAL A 786 20.67 -13.59 7.94
CA VAL A 786 20.95 -13.50 6.51
C VAL A 786 20.06 -14.54 5.83
N GLU A 787 19.40 -14.16 4.76
CA GLU A 787 18.51 -15.06 4.04
C GLU A 787 19.26 -15.64 2.83
N VAL A 788 19.40 -16.97 2.78
CA VAL A 788 20.09 -17.66 1.69
C VAL A 788 19.04 -18.31 0.81
N HIS A 789 19.09 -18.05 -0.50
CA HIS A 789 18.12 -18.59 -1.46
C HIS A 789 18.68 -19.78 -2.22
N ASN A 790 17.81 -20.76 -2.52
CA ASN A 790 18.16 -21.98 -3.23
C ASN A 790 17.08 -22.42 -4.20
N LEU A 791 17.44 -23.24 -5.19
CA LEU A 791 16.50 -23.84 -6.13
C LEU A 791 16.58 -25.33 -5.85
N LEU A 792 15.45 -25.94 -5.46
CA LEU A 792 15.38 -27.35 -5.11
C LEU A 792 14.72 -28.16 -6.20
N ILE A 793 15.26 -29.36 -6.47
CA ILE A 793 14.67 -30.29 -7.41
C ILE A 793 14.14 -31.42 -6.54
N ILE A 794 12.83 -31.67 -6.62
CA ILE A 794 12.18 -32.67 -5.79
C ILE A 794 11.51 -33.70 -6.69
N ASP A 795 11.81 -35.00 -6.46
CA ASP A 795 11.21 -36.07 -7.26
C ASP A 795 9.69 -36.08 -7.11
N GLN A 796 8.96 -36.37 -8.18
CA GLN A 796 7.50 -36.36 -8.15
C GLN A 796 6.88 -37.61 -7.51
N HIS A 797 7.63 -38.73 -7.40
CA HIS A 797 7.11 -39.98 -6.85
C HIS A 797 7.52 -40.16 -5.39
N THR A 798 8.82 -40.02 -5.08
CA THR A 798 9.35 -40.18 -3.72
C THR A 798 9.34 -38.86 -2.94
N PHE A 799 9.34 -37.71 -3.62
CA PHE A 799 9.40 -36.38 -3.02
C PHE A 799 10.72 -36.13 -2.24
N GLU A 800 11.77 -36.87 -2.58
CA GLU A 800 13.08 -36.67 -1.97
C GLU A 800 13.75 -35.46 -2.60
N VAL A 801 14.57 -34.76 -1.82
CA VAL A 801 15.28 -33.59 -2.32
C VAL A 801 16.46 -34.11 -3.14
N LEU A 802 16.34 -34.09 -4.47
CA LEU A 802 17.39 -34.61 -5.34
C LEU A 802 18.60 -33.65 -5.43
N HIS A 803 18.34 -32.36 -5.66
CA HIS A 803 19.41 -31.39 -5.79
C HIS A 803 19.03 -30.04 -5.20
N ALA A 804 20.03 -29.25 -4.80
CA ALA A 804 19.84 -27.92 -4.26
C ALA A 804 20.92 -26.99 -4.78
N HIS A 805 20.52 -25.94 -5.52
CA HIS A 805 21.47 -24.96 -6.06
C HIS A 805 21.36 -23.65 -5.29
N GLN A 806 22.44 -23.27 -4.59
CA GLN A 806 22.46 -22.02 -3.86
C GLN A 806 22.83 -20.87 -4.78
N PHE A 807 22.15 -19.74 -4.62
CA PHE A 807 22.42 -18.54 -5.42
C PHE A 807 23.54 -17.70 -4.78
N LEU A 808 23.96 -16.62 -5.47
CA LEU A 808 25.04 -15.75 -4.99
C LEU A 808 24.69 -15.06 -3.68
N GLN A 809 25.71 -14.59 -2.95
CA GLN A 809 25.51 -13.87 -1.69
C GLN A 809 24.76 -12.57 -1.98
N ASN A 810 23.76 -12.23 -1.15
CA ASN A 810 22.89 -11.06 -1.33
C ASN A 810 22.00 -11.16 -2.58
N GLU A 811 21.79 -12.37 -3.14
CA GLU A 811 20.95 -12.54 -4.31
C GLU A 811 19.63 -13.11 -3.87
N TYR A 812 18.54 -12.45 -4.26
CA TYR A 812 17.18 -12.84 -3.90
C TYR A 812 16.48 -13.43 -5.12
N ALA A 813 16.11 -14.71 -5.07
CA ALA A 813 15.40 -15.35 -6.17
C ALA A 813 13.94 -14.93 -6.11
N LEU A 814 13.38 -14.47 -7.25
CA LEU A 814 12.01 -13.96 -7.29
C LEU A 814 11.05 -14.78 -8.17
N SER A 815 11.44 -15.05 -9.42
CA SER A 815 10.56 -15.74 -10.36
C SER A 815 11.15 -17.05 -10.83
N LEU A 816 10.26 -17.98 -11.23
CA LEU A 816 10.67 -19.29 -11.68
C LEU A 816 9.72 -19.77 -12.78
N VAL A 817 10.27 -20.38 -13.83
CA VAL A 817 9.47 -20.91 -14.94
C VAL A 817 10.21 -22.12 -15.56
N SER A 818 9.47 -23.16 -15.96
CA SER A 818 10.02 -24.33 -16.62
C SER A 818 9.39 -24.36 -18.01
N CYS A 819 10.20 -24.24 -19.07
CA CYS A 819 9.67 -24.18 -20.43
C CYS A 819 10.76 -24.46 -21.48
N LYS A 820 10.34 -24.64 -22.75
CA LYS A 820 11.22 -24.81 -23.90
C LYS A 820 11.25 -23.46 -24.63
N LEU A 821 12.39 -23.09 -25.21
CA LEU A 821 12.50 -21.82 -25.94
C LEU A 821 13.05 -22.00 -27.34
N GLY A 822 12.43 -21.32 -28.30
CA GLY A 822 12.83 -21.33 -29.71
C GLY A 822 12.83 -22.72 -30.30
N LYS A 823 13.92 -23.07 -30.98
CA LYS A 823 14.09 -24.38 -31.60
C LYS A 823 14.81 -25.38 -30.67
N ASP A 824 15.17 -24.98 -29.43
CA ASP A 824 15.89 -25.86 -28.53
C ASP A 824 14.97 -26.96 -28.00
N PRO A 825 15.36 -28.25 -28.14
CA PRO A 825 14.50 -29.31 -27.58
C PRO A 825 14.47 -29.38 -26.06
N ASN A 826 15.57 -28.98 -25.41
CA ASN A 826 15.71 -29.09 -23.96
C ASN A 826 14.80 -28.16 -23.17
N THR A 827 14.02 -28.72 -22.23
CA THR A 827 13.20 -27.92 -21.32
C THR A 827 14.16 -27.37 -20.27
N TYR A 828 14.00 -26.12 -19.87
CA TYR A 828 14.89 -25.49 -18.92
C TYR A 828 14.20 -24.86 -17.74
N PHE A 829 14.87 -24.84 -16.57
CA PHE A 829 14.40 -24.16 -15.37
C PHE A 829 15.02 -22.78 -15.41
N ILE A 830 14.23 -21.73 -15.59
CA ILE A 830 14.73 -20.36 -15.68
C ILE A 830 14.35 -19.64 -14.39
N VAL A 831 15.30 -18.91 -13.78
CA VAL A 831 15.09 -18.18 -12.54
C VAL A 831 15.45 -16.71 -12.74
N GLY A 832 14.58 -15.82 -12.25
CA GLY A 832 14.80 -14.38 -12.30
C GLY A 832 15.09 -13.90 -10.89
N THR A 833 16.26 -13.30 -10.69
CA THR A 833 16.74 -12.88 -9.38
C THR A 833 16.90 -11.34 -9.26
N ALA A 834 17.34 -10.85 -8.07
CA ALA A 834 17.63 -9.45 -7.80
C ALA A 834 18.76 -9.36 -6.78
N MET A 835 19.64 -8.38 -6.92
CA MET A 835 20.77 -8.17 -6.01
C MET A 835 20.29 -7.18 -4.96
N VAL A 836 20.07 -7.65 -3.72
CA VAL A 836 19.54 -6.81 -2.65
C VAL A 836 20.63 -6.49 -1.64
N TYR A 837 20.91 -5.19 -1.44
CA TYR A 837 21.91 -4.73 -0.48
C TYR A 837 21.23 -3.76 0.50
N PRO A 838 21.56 -3.77 1.82
CA PRO A 838 20.89 -2.84 2.74
C PRO A 838 20.96 -1.37 2.37
N GLU A 839 22.11 -0.91 1.85
CA GLU A 839 22.29 0.48 1.45
C GLU A 839 21.37 0.92 0.30
N GLU A 840 21.14 0.02 -0.67
CA GLU A 840 20.31 0.34 -1.83
C GLU A 840 18.84 0.04 -1.57
N ALA A 841 17.98 1.04 -1.78
CA ALA A 841 16.54 0.87 -1.58
C ALA A 841 15.93 0.04 -2.70
N GLU A 842 16.31 0.32 -3.96
CA GLU A 842 15.78 -0.38 -5.12
C GLU A 842 16.92 -1.15 -5.81
N PRO A 843 16.77 -2.46 -6.14
CA PRO A 843 17.88 -3.15 -6.80
C PRO A 843 18.25 -2.58 -8.17
N LYS A 844 19.54 -2.31 -8.37
CA LYS A 844 20.07 -1.80 -9.63
C LYS A 844 20.71 -2.92 -10.48
N GLN A 845 20.70 -4.19 -10.01
CA GLN A 845 21.27 -5.33 -10.73
C GLN A 845 20.40 -6.57 -10.51
N GLY A 846 20.47 -7.49 -11.47
CA GLY A 846 19.72 -8.75 -11.41
C GLY A 846 20.26 -9.76 -12.39
N ARG A 847 19.74 -10.99 -12.33
CA ARG A 847 20.18 -12.05 -13.24
C ARG A 847 19.02 -12.89 -13.73
N ILE A 848 19.16 -13.45 -14.94
CA ILE A 848 18.22 -14.39 -15.53
C ILE A 848 19.07 -15.62 -15.80
N VAL A 849 19.03 -16.59 -14.90
CA VAL A 849 19.85 -17.79 -15.01
C VAL A 849 19.02 -18.92 -15.62
N VAL A 850 19.56 -19.56 -16.66
CA VAL A 850 18.93 -20.71 -17.33
C VAL A 850 19.63 -21.95 -16.77
N PHE A 851 18.84 -22.95 -16.39
CA PHE A 851 19.35 -24.19 -15.83
C PHE A 851 18.81 -25.39 -16.58
N GLN A 852 19.59 -26.46 -16.64
CA GLN A 852 19.17 -27.71 -17.27
C GLN A 852 19.36 -28.81 -16.26
N TYR A 853 18.33 -29.63 -16.03
CA TYR A 853 18.44 -30.73 -15.10
C TYR A 853 18.96 -31.96 -15.85
N SER A 854 20.22 -32.34 -15.60
CA SER A 854 20.84 -33.49 -16.25
C SER A 854 21.66 -34.22 -15.21
N ASP A 855 21.52 -35.55 -15.14
CA ASP A 855 22.25 -36.39 -14.18
C ASP A 855 22.01 -35.93 -12.74
N GLY A 856 20.75 -35.87 -12.32
CA GLY A 856 20.39 -35.48 -10.97
C GLY A 856 21.07 -34.25 -10.40
N LYS A 857 21.44 -33.30 -11.27
CA LYS A 857 22.12 -32.08 -10.85
C LYS A 857 21.73 -30.93 -11.76
N LEU A 858 21.81 -29.71 -11.23
CA LEU A 858 21.49 -28.52 -12.01
C LEU A 858 22.75 -27.87 -12.54
N GLN A 859 22.83 -27.71 -13.85
CA GLN A 859 23.98 -27.09 -14.52
C GLN A 859 23.50 -25.80 -15.18
N THR A 860 24.22 -24.69 -14.97
CA THR A 860 23.87 -23.42 -15.59
C THR A 860 24.22 -23.48 -17.07
N VAL A 861 23.26 -23.11 -17.93
CA VAL A 861 23.46 -23.09 -19.38
C VAL A 861 23.77 -21.66 -19.85
N ALA A 862 22.96 -20.69 -19.40
CA ALA A 862 23.14 -19.29 -19.78
C ALA A 862 22.88 -18.38 -18.59
N GLU A 863 23.62 -17.29 -18.52
CA GLU A 863 23.47 -16.31 -17.46
C GLU A 863 23.39 -14.95 -18.08
N LYS A 864 22.28 -14.22 -17.86
CA LYS A 864 22.14 -12.88 -18.41
C LYS A 864 22.05 -11.86 -17.28
N GLU A 865 22.93 -10.86 -17.31
CA GLU A 865 22.96 -9.80 -16.31
C GLU A 865 22.02 -8.68 -16.75
N VAL A 866 21.17 -8.21 -15.83
CA VAL A 866 20.23 -7.13 -16.08
C VAL A 866 20.38 -6.02 -15.03
N LYS A 867 19.80 -4.83 -15.29
CA LYS A 867 19.90 -3.69 -14.38
C LYS A 867 18.60 -3.49 -13.61
N GLY A 868 18.22 -4.51 -12.84
CA GLY A 868 17.02 -4.44 -12.02
C GLY A 868 16.52 -5.79 -11.55
N ALA A 869 15.47 -5.78 -10.74
CA ALA A 869 14.87 -7.00 -10.21
C ALA A 869 14.00 -7.70 -11.24
N VAL A 870 14.23 -8.99 -11.44
CA VAL A 870 13.44 -9.78 -12.39
C VAL A 870 12.24 -10.29 -11.58
N TYR A 871 11.23 -9.43 -11.44
CA TYR A 871 10.04 -9.76 -10.65
C TYR A 871 9.21 -10.89 -11.21
N SER A 872 9.11 -11.00 -12.53
CA SER A 872 8.28 -12.02 -13.17
C SER A 872 8.78 -12.38 -14.55
N MET A 873 8.52 -13.63 -14.96
CA MET A 873 8.87 -14.13 -16.27
C MET A 873 7.76 -15.03 -16.77
N VAL A 874 7.66 -15.17 -18.10
CA VAL A 874 6.64 -16.04 -18.69
C VAL A 874 7.08 -16.44 -20.12
N GLU A 875 6.65 -17.61 -20.57
CA GLU A 875 6.97 -18.07 -21.92
C GLU A 875 5.99 -17.41 -22.86
N PHE A 876 6.49 -16.69 -23.88
CA PHE A 876 5.64 -15.98 -24.83
C PHE A 876 5.94 -16.38 -26.27
N ASN A 877 5.21 -17.41 -26.76
CA ASN A 877 5.30 -17.89 -28.15
C ASN A 877 6.74 -18.26 -28.54
N GLY A 878 7.34 -19.17 -27.78
CA GLY A 878 8.71 -19.61 -28.03
C GLY A 878 9.80 -18.66 -27.55
N LYS A 879 9.43 -17.52 -26.97
CA LYS A 879 10.38 -16.54 -26.46
C LYS A 879 10.25 -16.36 -24.94
N LEU A 880 11.24 -15.71 -24.32
CA LEU A 880 11.21 -15.50 -22.87
C LEU A 880 10.89 -14.05 -22.59
N LEU A 881 9.76 -13.80 -21.93
CA LEU A 881 9.37 -12.44 -21.59
C LEU A 881 9.61 -12.20 -20.11
N ALA A 882 10.49 -11.25 -19.78
CA ALA A 882 10.84 -10.94 -18.40
C ALA A 882 10.51 -9.50 -18.03
N SER A 883 10.27 -9.25 -16.74
CA SER A 883 9.97 -7.93 -16.23
C SER A 883 11.11 -7.47 -15.32
N ILE A 884 11.89 -6.47 -15.77
CA ILE A 884 13.01 -5.93 -15.01
C ILE A 884 12.60 -4.54 -14.54
N ASN A 885 12.29 -4.40 -13.23
CA ASN A 885 11.85 -3.14 -12.64
C ASN A 885 10.57 -2.61 -13.36
N SER A 886 10.69 -1.58 -14.21
CA SER A 886 9.57 -1.00 -14.96
C SER A 886 9.49 -1.52 -16.40
N THR A 887 10.58 -2.09 -16.93
CA THR A 887 10.63 -2.52 -18.34
C THR A 887 10.11 -3.95 -18.49
N VAL A 888 9.46 -4.23 -19.61
CA VAL A 888 8.99 -5.56 -19.98
C VAL A 888 9.82 -5.88 -21.22
N ARG A 889 10.85 -6.72 -21.06
CA ARG A 889 11.76 -7.05 -22.14
C ARG A 889 11.52 -8.44 -22.67
N LEU A 890 11.53 -8.59 -24.01
CA LEU A 890 11.40 -9.89 -24.64
C LEU A 890 12.79 -10.37 -25.07
N TYR A 891 13.03 -11.67 -24.94
CA TYR A 891 14.30 -12.27 -25.33
C TYR A 891 14.09 -13.45 -26.27
N GLU A 892 15.08 -13.71 -27.14
CA GLU A 892 15.08 -14.82 -28.09
C GLU A 892 16.18 -15.80 -27.67
N TRP A 893 15.93 -17.11 -27.82
CA TRP A 893 16.92 -18.14 -27.51
C TRP A 893 17.63 -18.52 -28.80
N THR A 894 18.83 -17.97 -29.01
CA THR A 894 19.62 -18.22 -30.21
C THR A 894 20.17 -19.65 -30.26
N THR A 895 20.63 -20.09 -31.45
CA THR A 895 21.21 -21.43 -31.62
C THR A 895 22.51 -21.64 -30.82
N GLU A 896 23.11 -20.57 -30.24
CA GLU A 896 24.31 -20.68 -29.40
C GLU A 896 23.93 -20.84 -27.90
N LYS A 897 22.64 -21.10 -27.57
CA LYS A 897 22.15 -21.24 -26.21
C LYS A 897 22.44 -20.00 -25.38
N GLU A 898 22.05 -18.84 -25.92
CA GLU A 898 22.22 -17.54 -25.25
C GLU A 898 20.94 -16.72 -25.36
N LEU A 899 20.72 -15.81 -24.41
CA LEU A 899 19.57 -14.92 -24.47
C LEU A 899 19.99 -13.65 -25.20
N ARG A 900 19.17 -13.20 -26.17
CA ARG A 900 19.46 -12.00 -26.95
C ARG A 900 18.22 -11.11 -26.87
N THR A 901 18.39 -9.82 -26.59
CA THR A 901 17.27 -8.89 -26.47
C THR A 901 16.59 -8.72 -27.82
N GLU A 902 15.29 -8.98 -27.89
CA GLU A 902 14.52 -8.84 -29.11
C GLU A 902 13.83 -7.46 -29.14
N CYS A 903 13.24 -7.05 -28.00
CA CYS A 903 12.57 -5.74 -27.90
C CYS A 903 12.33 -5.35 -26.44
N ASN A 904 12.21 -4.03 -26.18
CA ASN A 904 11.96 -3.50 -24.86
C ASN A 904 10.73 -2.62 -24.87
N HIS A 905 9.87 -2.74 -23.85
CA HIS A 905 8.73 -1.86 -23.70
C HIS A 905 8.85 -1.26 -22.31
N TYR A 906 9.03 0.05 -22.23
CA TYR A 906 9.17 0.75 -20.96
C TYR A 906 7.80 1.14 -20.46
N ASN A 907 7.45 0.76 -19.23
CA ASN A 907 6.15 1.04 -18.64
C ASN A 907 6.22 2.16 -17.64
N ASN A 908 5.05 2.73 -17.30
CA ASN A 908 4.97 3.79 -16.31
C ASN A 908 4.61 3.25 -14.92
N ILE A 909 4.75 1.94 -14.66
CA ILE A 909 4.45 1.31 -13.36
C ILE A 909 5.44 0.13 -13.15
N MET A 910 5.52 -0.40 -11.92
CA MET A 910 6.41 -1.52 -11.64
C MET A 910 5.76 -2.81 -12.12
N ALA A 911 6.45 -3.52 -13.02
CA ALA A 911 5.91 -4.75 -13.60
C ALA A 911 6.08 -5.95 -12.65
N LEU A 912 5.29 -5.99 -11.57
CA LEU A 912 5.36 -7.08 -10.60
C LEU A 912 4.63 -8.31 -11.11
N TYR A 913 3.38 -8.14 -11.52
CA TYR A 913 2.56 -9.22 -12.04
C TYR A 913 2.68 -9.25 -13.55
N LEU A 914 2.81 -10.45 -14.11
CA LEU A 914 2.95 -10.62 -15.56
C LEU A 914 2.27 -11.90 -15.99
N LYS A 915 1.14 -11.79 -16.70
CA LYS A 915 0.41 -12.94 -17.21
C LYS A 915 0.24 -12.81 -18.72
N THR A 916 0.13 -13.94 -19.44
CA THR A 916 -0.04 -13.90 -20.88
C THR A 916 -1.01 -14.95 -21.42
N LYS A 917 -1.89 -14.53 -22.31
CA LYS A 917 -2.81 -15.39 -23.01
C LYS A 917 -2.71 -14.98 -24.48
N GLY A 918 -2.42 -15.92 -25.36
CA GLY A 918 -2.28 -15.62 -26.79
C GLY A 918 -1.15 -14.64 -27.06
N ASP A 919 -1.45 -13.55 -27.79
CA ASP A 919 -0.48 -12.51 -28.13
C ASP A 919 -0.54 -11.28 -27.21
N PHE A 920 -1.50 -11.21 -26.26
CA PHE A 920 -1.60 -10.06 -25.35
C PHE A 920 -0.99 -10.40 -23.98
N ILE A 921 -0.46 -9.38 -23.27
CA ILE A 921 0.11 -9.58 -21.93
C ILE A 921 -0.53 -8.61 -20.93
N LEU A 922 -0.76 -9.09 -19.73
CA LEU A 922 -1.34 -8.32 -18.63
C LEU A 922 -0.20 -7.96 -17.69
N VAL A 923 -0.06 -6.67 -17.37
CA VAL A 923 1.00 -6.19 -16.49
C VAL A 923 0.33 -5.49 -15.31
N GLY A 924 0.82 -5.75 -14.11
CA GLY A 924 0.29 -5.15 -12.89
C GLY A 924 1.34 -4.87 -11.85
N ASP A 925 1.03 -3.96 -10.91
CA ASP A 925 1.91 -3.60 -9.80
C ASP A 925 1.19 -3.81 -8.45
N LEU A 926 1.83 -3.47 -7.33
CA LEU A 926 1.23 -3.64 -6.01
C LEU A 926 0.07 -2.68 -5.73
N MET A 927 -0.13 -1.64 -6.54
CA MET A 927 -1.21 -0.69 -6.33
C MET A 927 -2.33 -0.78 -7.35
N ARG A 928 -2.62 -2.02 -7.77
CA ARG A 928 -3.71 -2.31 -8.68
C ARG A 928 -3.71 -1.45 -9.96
N SER A 929 -2.55 -1.28 -10.58
CA SER A 929 -2.44 -0.56 -11.84
C SER A 929 -2.38 -1.63 -12.92
N VAL A 930 -3.46 -1.79 -13.67
CA VAL A 930 -3.57 -2.82 -14.70
C VAL A 930 -3.42 -2.19 -16.07
N LEU A 931 -2.43 -2.64 -16.87
CA LEU A 931 -2.28 -2.16 -18.24
C LEU A 931 -2.15 -3.38 -19.16
N LEU A 932 -2.89 -3.36 -20.26
CA LEU A 932 -2.86 -4.44 -21.25
C LEU A 932 -1.93 -4.07 -22.38
N LEU A 933 -1.20 -5.05 -22.88
CA LEU A 933 -0.27 -4.84 -23.99
C LEU A 933 -0.49 -5.89 -25.06
N ALA A 934 -0.04 -5.61 -26.28
CA ALA A 934 -0.13 -6.55 -27.39
C ALA A 934 1.13 -6.46 -28.21
N TYR A 935 1.78 -7.61 -28.46
CA TYR A 935 2.99 -7.63 -29.25
C TYR A 935 2.61 -7.52 -30.72
N LYS A 936 2.95 -6.39 -31.36
CA LYS A 936 2.65 -6.21 -32.77
C LYS A 936 3.80 -6.74 -33.60
N PRO A 937 3.61 -7.81 -34.41
CA PRO A 937 4.73 -8.33 -35.20
C PRO A 937 5.37 -7.35 -36.19
N MET A 938 4.56 -6.54 -36.90
CA MET A 938 5.09 -5.56 -37.86
C MET A 938 5.98 -4.54 -37.14
N GLU A 939 5.50 -4.01 -36.01
CA GLU A 939 6.24 -3.01 -35.25
C GLU A 939 7.48 -3.58 -34.57
N GLY A 940 7.40 -4.84 -34.13
CA GLY A 940 8.46 -5.46 -33.35
C GLY A 940 8.54 -4.83 -31.97
N ASN A 941 7.41 -4.35 -31.44
CA ASN A 941 7.27 -3.67 -30.16
C ASN A 941 5.87 -3.88 -29.58
N PHE A 942 5.70 -3.63 -28.28
CA PHE A 942 4.41 -3.80 -27.62
C PHE A 942 3.57 -2.52 -27.73
N GLU A 943 2.23 -2.68 -27.69
CA GLU A 943 1.29 -1.56 -27.78
C GLU A 943 0.26 -1.65 -26.66
N GLU A 944 0.01 -0.53 -25.96
CA GLU A 944 -0.98 -0.47 -24.88
C GLU A 944 -2.39 -0.47 -25.46
N ILE A 945 -3.18 -1.50 -25.14
CA ILE A 945 -4.56 -1.63 -25.60
C ILE A 945 -5.47 -0.87 -24.63
N ALA A 946 -5.26 -1.05 -23.32
CA ALA A 946 -6.07 -0.40 -22.30
C ALA A 946 -5.37 -0.32 -20.94
N ARG A 947 -5.89 0.50 -20.00
CA ARG A 947 -5.31 0.67 -18.68
C ARG A 947 -6.34 1.17 -17.66
N ASP A 948 -6.19 0.73 -16.41
CA ASP A 948 -7.04 1.16 -15.30
C ASP A 948 -6.13 1.38 -14.11
N PHE A 949 -6.17 2.61 -13.57
CA PHE A 949 -5.34 2.99 -12.43
C PHE A 949 -6.26 3.34 -11.27
N ASN A 950 -6.74 2.32 -10.57
CA ASN A 950 -7.58 2.51 -9.39
C ASN A 950 -6.67 2.15 -8.20
N PRO A 951 -6.12 3.14 -7.47
CA PRO A 951 -5.15 2.81 -6.41
C PRO A 951 -5.66 1.98 -5.22
N ASN A 952 -5.12 0.77 -5.08
CA ASN A 952 -5.45 -0.15 -3.97
C ASN A 952 -4.44 -1.30 -3.94
N TRP A 953 -4.12 -1.85 -2.75
CA TRP A 953 -3.14 -2.94 -2.67
C TRP A 953 -3.63 -4.21 -3.38
N MET A 954 -2.93 -4.64 -4.44
CA MET A 954 -3.27 -5.84 -5.20
C MET A 954 -2.28 -6.94 -4.86
N SER A 955 -2.79 -8.12 -4.47
CA SER A 955 -1.97 -9.25 -4.06
C SER A 955 -1.76 -10.29 -5.16
N ALA A 956 -2.71 -10.41 -6.11
CA ALA A 956 -2.61 -11.39 -7.19
C ALA A 956 -3.48 -10.98 -8.39
N VAL A 957 -3.17 -11.54 -9.58
CA VAL A 957 -3.93 -11.24 -10.81
C VAL A 957 -3.92 -12.47 -11.73
N GLU A 958 -4.91 -12.54 -12.63
CA GLU A 958 -5.03 -13.64 -13.58
C GLU A 958 -5.90 -13.23 -14.77
N ILE A 959 -5.59 -13.77 -15.95
CA ILE A 959 -6.36 -13.54 -17.15
C ILE A 959 -7.44 -14.61 -17.23
N LEU A 960 -8.73 -14.21 -17.21
CA LEU A 960 -9.81 -15.17 -17.34
C LEU A 960 -10.01 -15.52 -18.83
N ASP A 961 -10.11 -14.49 -19.68
CA ASP A 961 -10.26 -14.67 -21.13
C ASP A 961 -9.62 -13.43 -21.86
N ASP A 962 -9.92 -13.19 -23.15
CA ASP A 962 -9.34 -12.07 -23.88
C ASP A 962 -9.78 -10.70 -23.35
N ASP A 963 -10.98 -10.61 -22.74
CA ASP A 963 -11.51 -9.33 -22.28
C ASP A 963 -11.93 -9.35 -20.80
N ASN A 964 -11.39 -10.26 -19.98
CA ASN A 964 -11.74 -10.35 -18.56
C ASN A 964 -10.51 -10.69 -17.73
N PHE A 965 -10.28 -9.94 -16.65
CA PHE A 965 -9.08 -10.09 -15.80
C PHE A 965 -9.47 -10.10 -14.33
N LEU A 966 -9.23 -11.23 -13.65
CA LEU A 966 -9.55 -11.41 -12.24
C LEU A 966 -8.37 -10.99 -11.37
N GLY A 967 -8.64 -10.30 -10.28
CA GLY A 967 -7.62 -9.88 -9.33
C GLY A 967 -8.08 -9.96 -7.88
N ALA A 968 -7.13 -9.76 -6.97
CA ALA A 968 -7.40 -9.79 -5.54
C ALA A 968 -6.90 -8.46 -4.99
N GLU A 969 -7.78 -7.66 -4.39
CA GLU A 969 -7.38 -6.35 -3.87
C GLU A 969 -7.69 -6.20 -2.36
N ASN A 970 -7.09 -5.19 -1.71
CA ASN A 970 -7.13 -4.95 -0.27
C ASN A 970 -8.49 -5.14 0.36
N ALA A 971 -8.47 -5.60 1.62
CA ALA A 971 -9.62 -5.90 2.46
C ALA A 971 -10.31 -7.19 2.00
N PHE A 972 -9.49 -8.19 1.59
CA PHE A 972 -9.92 -9.54 1.22
C PHE A 972 -11.03 -9.53 0.18
N ASN A 973 -10.76 -8.87 -0.95
CA ASN A 973 -11.74 -8.72 -2.01
C ASN A 973 -11.24 -9.26 -3.35
N LEU A 974 -12.19 -9.65 -4.21
CA LEU A 974 -11.95 -10.10 -5.57
C LEU A 974 -12.62 -9.10 -6.51
N PHE A 975 -11.99 -8.87 -7.67
CA PHE A 975 -12.52 -7.94 -8.67
C PHE A 975 -12.24 -8.45 -10.07
N VAL A 976 -13.07 -8.05 -11.04
CA VAL A 976 -12.90 -8.44 -12.44
C VAL A 976 -12.96 -7.15 -13.27
N CYS A 977 -11.98 -6.96 -14.17
CA CYS A 977 -11.93 -5.81 -15.08
C CYS A 977 -12.26 -6.33 -16.48
N GLN A 978 -13.11 -5.61 -17.23
CA GLN A 978 -13.54 -5.99 -18.56
C GLN A 978 -13.13 -4.96 -19.61
N LYS A 979 -12.76 -5.42 -20.81
CA LYS A 979 -12.40 -4.54 -21.91
C LYS A 979 -13.66 -4.08 -22.64
N ASP A 980 -13.76 -2.76 -22.90
CA ASP A 980 -14.90 -2.16 -23.57
C ASP A 980 -15.15 -2.77 -24.96
N SER A 981 -16.42 -2.73 -25.41
CA SER A 981 -16.83 -3.29 -26.69
C SER A 981 -16.60 -2.35 -27.88
N ALA A 982 -15.78 -1.28 -27.74
CA ALA A 982 -15.46 -0.31 -28.79
C ALA A 982 -16.71 0.27 -29.46
N ALA A 983 -17.53 0.98 -28.67
CA ALA A 983 -18.77 1.58 -29.15
C ALA A 983 -18.54 2.96 -29.78
N THR A 984 -17.89 2.98 -30.97
CA THR A 984 -17.56 4.19 -31.75
C THR A 984 -16.85 5.22 -30.84
N THR A 985 -15.82 4.76 -30.12
CA THR A 985 -15.10 5.58 -29.15
C THR A 985 -13.66 5.12 -29.01
N ASP A 986 -12.77 6.00 -28.51
CA ASP A 986 -11.36 5.68 -28.34
C ASP A 986 -10.90 5.81 -26.88
N GLU A 987 -11.38 6.82 -26.15
CA GLU A 987 -11.00 6.99 -24.74
C GLU A 987 -11.57 5.89 -23.83
N GLU A 988 -12.65 5.22 -24.27
CA GLU A 988 -13.25 4.11 -23.53
C GLU A 988 -12.75 2.75 -24.01
N ARG A 989 -12.15 2.66 -25.22
CA ARG A 989 -11.49 1.45 -25.71
C ARG A 989 -10.20 1.19 -24.89
N GLN A 990 -9.57 2.28 -24.39
CA GLN A 990 -8.39 2.19 -23.54
C GLN A 990 -8.77 2.17 -22.02
N HIS A 991 -10.08 2.11 -21.67
CA HIS A 991 -10.59 2.12 -20.31
C HIS A 991 -11.14 0.73 -19.99
N LEU A 992 -10.79 0.18 -18.82
CA LEU A 992 -11.28 -1.13 -18.40
C LEU A 992 -12.33 -0.93 -17.32
N GLN A 993 -13.58 -1.27 -17.64
CA GLN A 993 -14.69 -1.10 -16.72
C GLN A 993 -14.69 -2.21 -15.69
N GLU A 994 -14.91 -1.85 -14.41
CA GLU A 994 -14.99 -2.84 -13.34
C GLU A 994 -16.39 -3.42 -13.33
N VAL A 995 -16.51 -4.69 -13.70
CA VAL A 995 -17.80 -5.39 -13.75
C VAL A 995 -18.02 -6.35 -12.55
N GLY A 996 -16.95 -6.75 -11.87
CA GLY A 996 -17.05 -7.68 -10.75
C GLY A 996 -16.45 -7.17 -9.46
N LEU A 997 -17.19 -7.34 -8.36
CA LEU A 997 -16.76 -6.95 -7.01
C LEU A 997 -17.29 -7.98 -6.03
N PHE A 998 -16.46 -8.45 -5.09
CA PHE A 998 -16.88 -9.46 -4.13
C PHE A 998 -15.95 -9.50 -2.93
N HIS A 999 -16.48 -9.61 -1.71
CA HIS A 999 -15.66 -9.71 -0.52
C HIS A 999 -15.48 -11.19 -0.17
N LEU A 1000 -14.34 -11.75 -0.55
CA LEU A 1000 -14.05 -13.16 -0.31
C LEU A 1000 -13.79 -13.47 1.16
N GLY A 1001 -13.09 -12.58 1.85
CA GLY A 1001 -12.72 -12.79 3.24
C GLY A 1001 -11.40 -13.54 3.39
N GLU A 1002 -10.63 -13.71 2.28
CA GLU A 1002 -9.33 -14.37 2.29
C GLU A 1002 -8.32 -13.55 1.49
N PHE A 1003 -7.04 -13.64 1.88
CA PHE A 1003 -5.97 -12.94 1.19
C PHE A 1003 -5.36 -13.89 0.17
N VAL A 1004 -5.65 -13.66 -1.12
CA VAL A 1004 -5.18 -14.52 -2.20
C VAL A 1004 -3.74 -14.18 -2.56
N ASN A 1005 -2.86 -15.20 -2.62
CA ASN A 1005 -1.47 -15.02 -3.02
C ASN A 1005 -1.18 -15.53 -4.43
N VAL A 1006 -1.99 -16.49 -4.92
CA VAL A 1006 -1.73 -17.11 -6.21
C VAL A 1006 -3.01 -17.57 -6.89
N PHE A 1007 -3.15 -17.27 -8.19
CA PHE A 1007 -4.21 -17.80 -9.03
C PHE A 1007 -3.56 -18.88 -9.91
N CYS A 1008 -4.33 -19.87 -10.34
CA CYS A 1008 -3.79 -20.99 -11.10
C CYS A 1008 -4.85 -21.59 -11.99
N HIS A 1009 -4.60 -21.71 -13.30
CA HIS A 1009 -5.54 -22.36 -14.21
C HIS A 1009 -5.44 -23.87 -14.00
N GLY A 1010 -6.58 -24.54 -13.92
CA GLY A 1010 -6.62 -25.99 -13.73
C GLY A 1010 -7.83 -26.47 -12.99
N SER A 1011 -7.94 -27.78 -12.80
CA SER A 1011 -9.07 -28.40 -12.12
C SER A 1011 -8.64 -29.70 -11.44
N LEU A 1012 -9.30 -30.02 -10.33
CA LEU A 1012 -9.02 -31.25 -9.58
C LEU A 1012 -10.03 -32.38 -9.87
N VAL A 1013 -10.87 -32.22 -10.90
CA VAL A 1013 -11.87 -33.23 -11.27
C VAL A 1013 -11.54 -33.80 -12.66
N MET A 1014 -12.12 -34.95 -12.98
CA MET A 1014 -11.88 -35.62 -14.26
C MET A 1014 -12.54 -34.86 -15.40
N THR A 1022 -20.72 -28.54 -20.84
CA THR A 1022 -20.03 -27.73 -19.84
C THR A 1022 -20.87 -26.50 -19.44
N PRO A 1023 -21.76 -26.60 -18.44
CA PRO A 1023 -22.52 -25.41 -18.02
C PRO A 1023 -21.66 -24.28 -17.47
N THR A 1024 -20.43 -24.58 -17.02
CA THR A 1024 -19.49 -23.59 -16.47
C THR A 1024 -18.29 -23.52 -17.43
N GLN A 1025 -17.84 -22.30 -17.77
CA GLN A 1025 -16.72 -22.14 -18.70
C GLN A 1025 -15.47 -21.66 -17.97
N GLY A 1026 -14.40 -22.44 -18.04
CA GLY A 1026 -13.13 -22.09 -17.39
C GLY A 1026 -13.05 -22.59 -15.96
N SER A 1027 -11.83 -22.65 -15.42
CA SER A 1027 -11.59 -23.11 -14.06
C SER A 1027 -10.29 -22.51 -13.53
N VAL A 1028 -10.38 -21.65 -12.50
CA VAL A 1028 -9.22 -21.01 -11.90
C VAL A 1028 -9.22 -21.31 -10.41
N LEU A 1029 -8.15 -21.94 -9.92
CA LEU A 1029 -7.96 -22.23 -8.50
C LEU A 1029 -7.11 -21.15 -7.86
N PHE A 1030 -7.29 -20.91 -6.55
CA PHE A 1030 -6.47 -19.92 -5.86
C PHE A 1030 -6.15 -20.37 -4.43
N GLY A 1031 -4.94 -20.02 -3.97
CA GLY A 1031 -4.48 -20.33 -2.63
C GLY A 1031 -4.40 -19.08 -1.79
N THR A 1032 -4.67 -19.21 -0.48
CA THR A 1032 -4.75 -18.06 0.43
C THR A 1032 -3.81 -18.22 1.64
N VAL A 1033 -3.65 -17.13 2.42
CA VAL A 1033 -2.81 -17.10 3.62
C VAL A 1033 -3.37 -18.09 4.67
N ASN A 1034 -4.70 -18.20 4.80
CA ASN A 1034 -5.29 -19.12 5.77
C ASN A 1034 -5.41 -20.58 5.30
N GLY A 1035 -4.78 -20.93 4.18
CA GLY A 1035 -4.83 -22.30 3.67
C GLY A 1035 -6.10 -22.68 2.93
N MET A 1036 -7.02 -21.73 2.74
CA MET A 1036 -8.25 -21.99 2.01
C MET A 1036 -7.94 -22.04 0.52
N ILE A 1037 -8.51 -23.01 -0.19
CA ILE A 1037 -8.37 -23.14 -1.64
C ILE A 1037 -9.75 -22.89 -2.21
N GLY A 1038 -9.84 -22.02 -3.21
CA GLY A 1038 -11.10 -21.71 -3.87
C GLY A 1038 -11.05 -21.94 -5.36
N LEU A 1039 -12.20 -21.80 -6.03
CA LEU A 1039 -12.32 -22.02 -7.46
C LEU A 1039 -13.28 -20.99 -8.07
N VAL A 1040 -12.87 -20.34 -9.17
CA VAL A 1040 -13.67 -19.35 -9.89
C VAL A 1040 -13.91 -19.87 -11.30
N THR A 1041 -15.18 -19.89 -11.74
CA THR A 1041 -15.55 -20.31 -13.08
C THR A 1041 -16.54 -19.33 -13.69
N SER A 1042 -16.50 -19.15 -15.01
CA SER A 1042 -17.42 -18.23 -15.69
C SER A 1042 -18.80 -18.85 -15.86
N LEU A 1043 -19.83 -18.00 -15.90
CA LEU A 1043 -21.22 -18.41 -16.08
C LEU A 1043 -21.87 -17.61 -17.21
N SER A 1044 -22.96 -18.15 -17.78
CA SER A 1044 -23.70 -17.47 -18.84
C SER A 1044 -24.59 -16.35 -18.26
N GLU A 1045 -25.22 -15.55 -19.14
CA GLU A 1045 -26.11 -14.48 -18.72
C GLU A 1045 -27.34 -15.02 -17.99
N SER A 1046 -28.00 -16.04 -18.57
CA SER A 1046 -29.19 -16.63 -17.97
C SER A 1046 -28.89 -17.39 -16.68
N TRP A 1047 -27.72 -18.05 -16.60
CA TRP A 1047 -27.35 -18.82 -15.40
C TRP A 1047 -27.05 -17.91 -14.21
N TYR A 1048 -26.49 -16.72 -14.45
CA TYR A 1048 -26.16 -15.79 -13.37
C TYR A 1048 -27.41 -15.22 -12.71
N ASN A 1049 -28.44 -14.85 -13.49
CA ASN A 1049 -29.65 -14.27 -12.91
C ASN A 1049 -30.45 -15.29 -12.09
N LEU A 1050 -30.45 -16.57 -12.47
CA LEU A 1050 -31.16 -17.58 -11.72
C LEU A 1050 -30.47 -17.82 -10.37
N LEU A 1051 -29.13 -17.92 -10.38
CA LEU A 1051 -28.38 -18.11 -9.15
C LEU A 1051 -28.39 -16.85 -8.28
N LEU A 1052 -28.42 -15.68 -8.90
CA LEU A 1052 -28.50 -14.42 -8.15
C LEU A 1052 -29.88 -14.30 -7.47
N ASP A 1053 -30.94 -14.82 -8.12
CA ASP A 1053 -32.28 -14.83 -7.56
C ASP A 1053 -32.33 -15.82 -6.39
N MET A 1054 -31.71 -17.00 -6.55
CA MET A 1054 -31.67 -18.03 -5.50
C MET A 1054 -30.89 -17.59 -4.26
N GLN A 1055 -29.92 -16.67 -4.40
CA GLN A 1055 -29.18 -16.18 -3.23
C GLN A 1055 -30.10 -15.33 -2.36
N ASN A 1056 -30.84 -14.38 -2.98
CA ASN A 1056 -31.79 -13.55 -2.22
C ASN A 1056 -32.87 -14.40 -1.55
N ARG A 1057 -33.22 -15.55 -2.15
CA ARG A 1057 -34.22 -16.47 -1.62
C ARG A 1057 -33.66 -17.30 -0.47
N LEU A 1058 -32.43 -17.81 -0.62
CA LEU A 1058 -31.79 -18.59 0.44
C LEU A 1058 -31.43 -17.76 1.67
N ASN A 1059 -31.18 -16.45 1.48
CA ASN A 1059 -30.87 -15.56 2.58
C ASN A 1059 -32.08 -15.28 3.47
N LYS A 1060 -33.30 -15.36 2.91
CA LYS A 1060 -34.53 -15.14 3.70
C LYS A 1060 -34.86 -16.33 4.63
N VAL A 1061 -34.25 -17.51 4.41
CA VAL A 1061 -34.54 -18.73 5.15
C VAL A 1061 -33.37 -19.20 6.01
N ILE A 1062 -32.16 -19.23 5.45
CA ILE A 1062 -30.99 -19.71 6.19
C ILE A 1062 -30.72 -18.82 7.40
N LYS A 1063 -30.59 -19.45 8.58
CA LYS A 1063 -30.33 -18.75 9.81
C LYS A 1063 -28.83 -18.54 9.93
N SER A 1064 -28.39 -17.29 9.94
CA SER A 1064 -26.97 -16.97 10.05
C SER A 1064 -26.59 -16.92 11.52
N VAL A 1065 -25.41 -17.47 11.87
CA VAL A 1065 -24.90 -17.43 13.25
C VAL A 1065 -24.52 -15.97 13.50
N GLY A 1066 -25.05 -15.40 14.58
CA GLY A 1066 -24.85 -13.98 14.89
C GLY A 1066 -25.81 -13.06 14.14
N LYS A 1067 -26.70 -13.62 13.29
CA LYS A 1067 -27.67 -12.89 12.47
C LYS A 1067 -27.01 -11.81 11.62
N ILE A 1068 -26.00 -12.23 10.84
CA ILE A 1068 -25.26 -11.33 9.96
C ILE A 1068 -25.84 -11.50 8.57
N GLU A 1069 -26.22 -10.40 7.92
CA GLU A 1069 -26.79 -10.48 6.58
C GLU A 1069 -25.73 -10.87 5.55
N HIS A 1070 -26.05 -11.79 4.65
CA HIS A 1070 -25.14 -12.26 3.60
C HIS A 1070 -24.75 -11.12 2.67
N SER A 1071 -25.66 -10.17 2.41
CA SER A 1071 -25.38 -9.03 1.54
C SER A 1071 -24.31 -8.13 2.17
N PHE A 1072 -24.35 -7.95 3.51
CA PHE A 1072 -23.36 -7.13 4.21
C PHE A 1072 -21.97 -7.82 4.29
N TRP A 1073 -21.93 -9.14 4.24
CA TRP A 1073 -20.69 -9.91 4.32
C TRP A 1073 -19.95 -9.94 2.99
N ARG A 1074 -20.68 -10.08 1.88
CA ARG A 1074 -20.05 -10.15 0.56
C ARG A 1074 -19.85 -8.83 -0.14
N SER A 1075 -20.36 -7.73 0.41
CA SER A 1075 -20.20 -6.42 -0.21
C SER A 1075 -18.75 -6.00 -0.15
N PHE A 1076 -18.22 -5.42 -1.26
CA PHE A 1076 -16.86 -4.90 -1.34
C PHE A 1076 -16.64 -3.90 -0.22
N HIS A 1077 -15.59 -4.09 0.56
CA HIS A 1077 -15.34 -3.24 1.73
C HIS A 1077 -13.88 -2.90 1.82
N THR A 1078 -13.58 -1.64 2.12
CA THR A 1078 -12.23 -1.10 2.34
C THR A 1078 -12.35 -0.17 3.60
N GLU A 1079 -11.26 0.43 4.07
CA GLU A 1079 -11.29 1.33 5.21
C GLU A 1079 -12.16 2.58 4.99
N ARG A 1080 -12.24 3.09 3.75
CA ARG A 1080 -13.02 4.29 3.46
C ARG A 1080 -13.88 4.11 2.19
N LYS A 1081 -14.55 2.97 2.06
CA LYS A 1081 -15.42 2.69 0.91
C LYS A 1081 -16.15 1.35 1.07
N THR A 1082 -17.42 1.29 0.67
CA THR A 1082 -18.23 0.07 0.72
C THR A 1082 -19.24 0.09 -0.41
N GLU A 1083 -19.29 -0.98 -1.21
CA GLU A 1083 -20.23 -1.10 -2.32
C GLU A 1083 -20.81 -2.52 -2.38
N PRO A 1084 -22.07 -2.72 -2.85
CA PRO A 1084 -22.60 -4.09 -2.93
C PRO A 1084 -21.89 -4.95 -3.97
N ALA A 1085 -21.86 -6.27 -3.74
CA ALA A 1085 -21.19 -7.19 -4.65
C ALA A 1085 -21.90 -7.29 -5.99
N THR A 1086 -21.13 -7.40 -7.07
CA THR A 1086 -21.67 -7.54 -8.43
C THR A 1086 -20.83 -8.52 -9.24
N GLY A 1087 -21.46 -9.20 -10.19
CA GLY A 1087 -20.80 -10.15 -11.07
C GLY A 1087 -20.17 -11.36 -10.40
N PHE A 1088 -20.65 -11.76 -9.21
CA PHE A 1088 -20.10 -12.92 -8.50
C PHE A 1088 -21.19 -13.69 -7.81
N ILE A 1089 -21.11 -15.03 -7.87
CA ILE A 1089 -22.08 -15.91 -7.22
C ILE A 1089 -21.35 -16.66 -6.11
N ASP A 1090 -21.82 -16.49 -4.87
CA ASP A 1090 -21.29 -17.21 -3.71
C ASP A 1090 -21.71 -18.66 -3.84
N GLY A 1091 -20.82 -19.48 -4.38
CA GLY A 1091 -21.04 -20.90 -4.59
C GLY A 1091 -21.32 -21.69 -3.33
N ASP A 1092 -20.72 -21.30 -2.20
CA ASP A 1092 -20.97 -21.96 -0.92
C ASP A 1092 -22.43 -21.80 -0.51
N LEU A 1093 -23.01 -20.62 -0.75
CA LEU A 1093 -24.42 -20.38 -0.44
C LEU A 1093 -25.32 -21.25 -1.33
N ILE A 1094 -25.01 -21.36 -2.63
CA ILE A 1094 -25.80 -22.18 -3.57
C ILE A 1094 -25.72 -23.67 -3.18
N GLU A 1095 -24.52 -24.15 -2.84
CA GLU A 1095 -24.35 -25.55 -2.44
C GLU A 1095 -24.97 -25.87 -1.08
N SER A 1096 -25.22 -24.86 -0.23
CA SER A 1096 -25.89 -25.04 1.05
C SER A 1096 -27.37 -25.47 0.85
N PHE A 1097 -27.99 -25.10 -0.31
CA PHE A 1097 -29.38 -25.46 -0.64
C PHE A 1097 -29.62 -26.97 -0.56
N LEU A 1098 -28.67 -27.78 -1.01
CA LEU A 1098 -28.79 -29.23 -0.92
C LEU A 1098 -28.79 -29.71 0.53
N ASP A 1099 -28.02 -29.03 1.41
CA ASP A 1099 -27.88 -29.41 2.82
C ASP A 1099 -29.01 -28.90 3.73
N ILE A 1100 -30.23 -28.71 3.20
CA ILE A 1100 -31.39 -28.28 3.99
C ILE A 1100 -32.53 -29.29 3.79
N SER A 1101 -33.52 -29.28 4.69
CA SER A 1101 -34.64 -30.22 4.63
C SER A 1101 -35.48 -30.00 3.36
N ARG A 1102 -36.16 -31.07 2.90
CA ARG A 1102 -36.97 -31.03 1.69
C ARG A 1102 -38.07 -29.94 1.75
N PRO A 1103 -38.85 -29.80 2.85
CA PRO A 1103 -39.84 -28.70 2.90
C PRO A 1103 -39.19 -27.32 2.74
N LYS A 1104 -37.98 -27.09 3.29
CA LYS A 1104 -37.29 -25.83 3.13
C LYS A 1104 -36.80 -25.62 1.70
N MET A 1105 -36.41 -26.70 1.01
CA MET A 1105 -35.97 -26.64 -0.39
C MET A 1105 -37.07 -26.07 -1.29
N GLN A 1106 -38.33 -26.41 -1.00
CA GLN A 1106 -39.44 -25.94 -1.80
C GLN A 1106 -39.83 -24.49 -1.47
N GLU A 1107 -39.65 -24.09 -0.21
CA GLU A 1107 -39.90 -22.73 0.25
C GLU A 1107 -39.06 -21.71 -0.56
N VAL A 1108 -37.82 -22.09 -0.87
CA VAL A 1108 -36.89 -21.25 -1.61
C VAL A 1108 -37.35 -21.04 -3.06
N VAL A 1109 -37.76 -22.12 -3.72
CA VAL A 1109 -38.15 -22.08 -5.14
C VAL A 1109 -39.65 -21.76 -5.38
N ALA A 1110 -40.31 -21.11 -4.41
CA ALA A 1110 -41.73 -20.76 -4.56
C ALA A 1110 -41.85 -19.67 -5.61
N ASN A 1111 -42.44 -19.99 -6.78
CA ASN A 1111 -42.55 -19.09 -7.94
C ASN A 1111 -41.16 -18.91 -8.62
N LEU A 1112 -41.15 -18.46 -9.89
CA LEU A 1112 -39.93 -18.26 -10.70
C LEU A 1112 -39.26 -19.61 -10.96
N GLU A 1123 -42.75 -23.12 -11.91
CA GLU A 1123 -41.85 -22.97 -13.05
C GLU A 1123 -40.53 -23.68 -12.76
N ALA A 1124 -39.94 -23.43 -11.58
CA ALA A 1124 -38.68 -24.04 -11.15
C ALA A 1124 -38.98 -24.83 -9.89
N THR A 1125 -39.15 -26.16 -10.02
CA THR A 1125 -39.49 -27.01 -8.88
C THR A 1125 -38.24 -27.31 -8.04
N ALA A 1126 -38.44 -27.78 -6.79
CA ALA A 1126 -37.34 -28.19 -5.91
C ALA A 1126 -36.53 -29.32 -6.59
N ASP A 1127 -37.22 -30.33 -7.17
CA ASP A 1127 -36.61 -31.47 -7.86
C ASP A 1127 -35.73 -31.02 -9.02
N ASP A 1128 -36.18 -30.02 -9.80
CA ASP A 1128 -35.41 -29.51 -10.93
C ASP A 1128 -34.11 -28.84 -10.49
N LEU A 1129 -34.14 -28.13 -9.35
CA LEU A 1129 -32.96 -27.44 -8.85
C LEU A 1129 -32.02 -28.33 -8.01
N ILE A 1130 -32.22 -29.66 -8.02
CA ILE A 1130 -31.35 -30.60 -7.30
C ILE A 1130 -30.20 -30.94 -8.22
N LYS A 1131 -30.50 -31.30 -9.49
CA LYS A 1131 -29.46 -31.62 -10.46
C LYS A 1131 -28.71 -30.36 -10.92
N VAL A 1132 -29.31 -29.16 -10.81
CA VAL A 1132 -28.65 -27.89 -11.16
C VAL A 1132 -27.50 -27.67 -10.17
N VAL A 1133 -27.78 -27.77 -8.85
CA VAL A 1133 -26.77 -27.56 -7.83
C VAL A 1133 -25.79 -28.74 -7.82
N GLU A 1134 -26.29 -29.99 -7.94
CA GLU A 1134 -25.40 -31.15 -8.00
C GLU A 1134 -24.51 -31.12 -9.26
N GLU A 1135 -24.88 -30.34 -10.30
CA GLU A 1135 -24.06 -30.17 -11.48
C GLU A 1135 -22.91 -29.20 -11.18
N LEU A 1136 -23.24 -28.10 -10.50
CA LEU A 1136 -22.25 -27.13 -10.04
C LEU A 1136 -21.29 -27.73 -9.00
N THR A 1137 -21.75 -28.74 -8.23
CA THR A 1137 -20.92 -29.45 -7.25
C THR A 1137 -19.78 -30.21 -7.96
N ARG A 1138 -20.05 -30.77 -9.16
CA ARG A 1138 -19.09 -31.55 -9.93
C ARG A 1138 -17.83 -30.80 -10.36
N ILE A 1139 -17.88 -29.48 -10.42
CA ILE A 1139 -16.75 -28.67 -10.89
C ILE A 1139 -15.52 -28.82 -9.99
N HIS A 1140 -15.74 -28.95 -8.66
CA HIS A 1140 -14.67 -29.13 -7.68
C HIS A 1140 -14.88 -30.40 -6.85
N THR B 71 -11.56 24.10 5.11
CA THR B 71 -12.72 23.62 4.39
C THR B 71 -12.31 22.48 3.47
N LEU B 72 -12.76 21.26 3.80
CA LEU B 72 -12.47 20.06 3.02
C LEU B 72 -13.79 19.36 2.73
N HIS B 73 -14.39 19.66 1.57
CA HIS B 73 -15.67 19.09 1.17
C HIS B 73 -15.59 17.58 0.89
N ASP B 74 -16.74 16.90 0.81
CA ASP B 74 -16.79 15.47 0.54
C ASP B 74 -16.32 15.17 -0.89
N ASP B 75 -15.68 14.01 -1.07
CA ASP B 75 -15.15 13.59 -2.37
C ASP B 75 -16.20 12.88 -3.23
N ASP B 76 -15.91 12.75 -4.54
CA ASP B 76 -16.79 12.11 -5.54
C ASP B 76 -18.19 12.77 -5.62
N SER B 77 -18.32 14.03 -5.19
CA SER B 77 -19.58 14.75 -5.22
C SER B 77 -19.40 16.03 -6.04
N CYS B 78 -20.38 16.34 -6.89
CA CYS B 78 -20.32 17.52 -7.75
C CYS B 78 -20.73 18.77 -6.97
N GLN B 79 -19.76 19.66 -6.69
CA GLN B 79 -19.99 20.88 -5.93
C GLN B 79 -19.73 22.12 -6.80
N VAL B 80 -20.57 23.16 -6.68
CA VAL B 80 -20.40 24.41 -7.41
C VAL B 80 -19.52 25.31 -6.56
N ILE B 81 -18.41 25.84 -7.12
CA ILE B 81 -17.48 26.71 -6.39
C ILE B 81 -17.25 27.99 -7.20
N PRO B 82 -17.26 29.23 -6.61
CA PRO B 82 -17.00 30.43 -7.44
C PRO B 82 -15.60 30.42 -8.04
N VAL B 83 -15.46 30.97 -9.25
CA VAL B 83 -14.20 31.01 -10.00
C VAL B 83 -13.65 32.43 -10.02
N LEU B 84 -12.32 32.59 -9.82
CA LEU B 84 -11.69 33.90 -9.85
C LEU B 84 -11.35 34.25 -11.32
N PRO B 85 -11.93 35.31 -11.95
CA PRO B 85 -11.65 35.55 -13.38
C PRO B 85 -10.21 35.85 -13.80
N GLN B 86 -9.42 36.55 -12.97
CA GLN B 86 -8.06 36.93 -13.36
C GLN B 86 -6.97 35.93 -12.97
N VAL B 87 -7.25 34.62 -12.97
CA VAL B 87 -6.24 33.62 -12.66
C VAL B 87 -6.26 32.53 -13.74
N MET B 88 -5.15 32.36 -14.46
CA MET B 88 -5.00 31.34 -15.51
C MET B 88 -3.60 30.72 -15.37
N MET B 89 -3.36 30.07 -14.23
CA MET B 89 -2.08 29.40 -13.95
C MET B 89 -2.33 28.20 -13.04
N ILE B 90 -1.60 27.10 -13.27
CA ILE B 90 -1.80 25.87 -12.50
C ILE B 90 -1.20 26.02 -11.11
N LEU B 91 -2.03 25.86 -10.07
CA LEU B 91 -1.62 25.96 -8.68
C LEU B 91 -1.54 24.57 -8.08
N ILE B 92 -0.44 24.25 -7.38
CA ILE B 92 -0.24 22.95 -6.75
C ILE B 92 -0.80 23.00 -5.32
N PRO B 93 -1.55 21.98 -4.81
CA PRO B 93 -2.01 22.05 -3.41
C PRO B 93 -0.92 22.39 -2.41
N GLY B 94 -1.04 23.53 -1.75
CA GLY B 94 -0.05 23.99 -0.78
C GLY B 94 1.07 24.79 -1.40
N GLN B 95 0.73 25.76 -2.28
CA GLN B 95 1.71 26.63 -2.93
C GLN B 95 1.28 28.08 -2.66
N THR B 96 2.22 28.93 -2.22
CA THR B 96 1.90 30.33 -1.90
C THR B 96 1.53 31.10 -3.17
N LEU B 97 0.34 31.71 -3.19
CA LEU B 97 -0.17 32.48 -4.32
C LEU B 97 -0.66 33.86 -3.81
N PRO B 98 0.24 34.87 -3.66
CA PRO B 98 -0.23 36.18 -3.18
C PRO B 98 -1.06 36.92 -4.23
N LEU B 99 -2.31 37.27 -3.88
CA LEU B 99 -3.20 37.97 -4.80
C LEU B 99 -3.38 39.43 -4.41
N GLN B 100 -3.69 40.28 -5.41
CA GLN B 100 -3.88 41.71 -5.21
C GLN B 100 -4.97 42.19 -6.17
N LEU B 101 -6.23 41.93 -5.82
CA LEU B 101 -7.39 42.31 -6.65
C LEU B 101 -7.72 43.79 -6.46
N PHE B 102 -8.45 44.38 -7.44
CA PHE B 102 -8.82 45.80 -7.41
C PHE B 102 -10.25 46.13 -7.89
N HIS B 103 -10.79 45.35 -8.84
CA HIS B 103 -12.10 45.65 -9.44
C HIS B 103 -13.26 45.38 -8.46
N PRO B 104 -14.35 46.21 -8.39
CA PRO B 104 -15.46 45.86 -7.48
C PRO B 104 -16.16 44.54 -7.78
N GLN B 105 -16.05 44.04 -9.03
CA GLN B 105 -16.62 42.74 -9.38
C GLN B 105 -15.85 41.58 -8.67
N GLU B 106 -14.61 41.83 -8.19
CA GLU B 106 -13.79 40.86 -7.47
C GLU B 106 -13.57 41.28 -5.99
N VAL B 107 -14.49 42.08 -5.42
CA VAL B 107 -14.46 42.55 -4.03
C VAL B 107 -15.73 42.10 -3.32
N SER B 108 -16.91 42.28 -3.96
CA SER B 108 -18.20 41.88 -3.38
C SER B 108 -18.42 40.35 -3.34
N MET B 109 -17.52 39.55 -3.95
CA MET B 109 -17.60 38.08 -3.92
C MET B 109 -16.55 37.54 -2.96
N VAL B 110 -15.32 38.12 -2.97
CA VAL B 110 -14.28 37.75 -2.02
C VAL B 110 -14.76 38.05 -0.57
N ARG B 111 -15.59 39.10 -0.37
CA ARG B 111 -16.17 39.44 0.93
C ARG B 111 -17.39 38.55 1.27
N ASN B 112 -18.08 37.98 0.25
CA ASN B 112 -19.22 37.09 0.44
C ASN B 112 -18.72 35.71 0.92
N LEU B 113 -17.57 35.25 0.38
CA LEU B 113 -16.98 33.96 0.77
C LEU B 113 -16.40 34.00 2.18
N ILE B 114 -15.84 35.16 2.60
CA ILE B 114 -15.26 35.30 3.95
C ILE B 114 -16.28 34.99 5.07
N GLN B 115 -17.59 35.13 4.78
CA GLN B 115 -18.65 34.92 5.75
C GLN B 115 -19.52 33.70 5.36
N LYS B 116 -18.89 32.61 4.88
CA LYS B 116 -19.62 31.41 4.44
C LYS B 116 -18.72 30.14 4.45
N ASP B 117 -17.66 30.12 3.62
CA ASP B 117 -16.74 28.97 3.52
C ASP B 117 -15.27 29.34 3.27
N ARG B 118 -14.98 30.54 2.72
CA ARG B 118 -13.63 31.07 2.47
C ARG B 118 -12.91 30.20 1.44
N THR B 119 -13.49 30.00 0.23
CA THR B 119 -12.86 29.10 -0.76
C THR B 119 -13.26 29.50 -2.22
N PHE B 120 -12.26 29.92 -3.03
CA PHE B 120 -12.44 30.24 -4.46
C PHE B 120 -11.71 29.17 -5.32
N ALA B 121 -12.01 29.12 -6.63
CA ALA B 121 -11.44 28.13 -7.54
C ALA B 121 -10.46 28.68 -8.56
N VAL B 122 -9.22 28.18 -8.55
CA VAL B 122 -8.18 28.55 -9.51
C VAL B 122 -8.33 27.59 -10.70
N LEU B 123 -8.40 28.11 -11.93
CA LEU B 123 -8.60 27.27 -13.12
C LEU B 123 -7.29 26.97 -13.85
N ALA B 124 -7.17 25.73 -14.35
CA ALA B 124 -6.02 25.27 -15.12
C ALA B 124 -6.50 25.05 -16.55
N TYR B 125 -5.79 25.60 -17.53
CA TYR B 125 -6.16 25.48 -18.94
C TYR B 125 -5.14 24.67 -19.71
N SER B 126 -5.54 23.51 -20.26
CA SER B 126 -4.66 22.68 -21.07
C SER B 126 -4.26 23.45 -22.34
N ASN B 127 -5.22 24.17 -22.95
CA ASN B 127 -5.00 25.00 -24.12
C ASN B 127 -5.40 26.44 -23.74
N VAL B 128 -4.44 27.20 -23.15
CA VAL B 128 -4.64 28.59 -22.71
C VAL B 128 -5.10 29.50 -23.87
N GLN B 129 -4.68 29.20 -25.11
CA GLN B 129 -5.01 30.02 -26.27
C GLN B 129 -6.48 29.93 -26.71
N GLU B 130 -7.19 28.84 -26.39
CA GLU B 130 -8.60 28.68 -26.76
C GLU B 130 -9.52 28.58 -25.53
N ARG B 131 -9.07 29.03 -24.34
CA ARG B 131 -9.83 29.00 -23.09
C ARG B 131 -10.43 27.61 -22.81
N GLU B 132 -9.60 26.57 -22.93
CA GLU B 132 -10.02 25.20 -22.70
C GLU B 132 -9.67 24.83 -21.26
N ALA B 133 -10.68 24.78 -20.37
CA ALA B 133 -10.46 24.44 -18.97
C ALA B 133 -11.23 23.16 -18.63
N GLN B 134 -10.50 22.09 -18.30
CA GLN B 134 -11.09 20.79 -17.93
C GLN B 134 -10.63 20.31 -16.53
N PHE B 135 -9.79 21.10 -15.81
CA PHE B 135 -9.22 20.76 -14.51
C PHE B 135 -8.97 22.03 -13.67
N GLY B 136 -8.69 21.86 -12.38
CA GLY B 136 -8.40 22.98 -11.49
C GLY B 136 -8.19 22.54 -10.05
N THR B 137 -7.90 23.50 -9.16
CA THR B 137 -7.68 23.21 -7.74
C THR B 137 -8.20 24.37 -6.90
N THR B 138 -8.96 24.06 -5.83
CA THR B 138 -9.52 25.05 -4.91
C THR B 138 -8.41 25.76 -4.10
N ALA B 139 -8.73 26.91 -3.49
CA ALA B 139 -7.77 27.64 -2.68
C ALA B 139 -8.48 28.38 -1.55
N GLU B 140 -8.31 27.91 -0.31
CA GLU B 140 -8.94 28.51 0.86
C GLU B 140 -8.33 29.86 1.20
N ILE B 141 -9.18 30.84 1.52
CA ILE B 141 -8.74 32.18 1.91
C ILE B 141 -8.42 32.12 3.41
N TYR B 142 -7.15 32.36 3.78
CA TYR B 142 -6.72 32.32 5.19
C TYR B 142 -6.22 33.68 5.73
N ALA B 143 -6.37 34.77 4.96
CA ALA B 143 -5.91 36.09 5.38
C ALA B 143 -6.66 37.18 4.65
N TYR B 144 -7.00 38.28 5.34
CA TYR B 144 -7.72 39.38 4.72
C TYR B 144 -7.18 40.72 5.18
N ARG B 145 -6.99 41.64 4.23
CA ARG B 145 -6.49 42.99 4.49
C ARG B 145 -7.02 43.91 3.38
N GLU B 146 -7.61 45.06 3.75
CA GLU B 146 -8.22 45.98 2.79
C GLU B 146 -7.60 47.38 2.93
N GLU B 147 -6.79 47.78 1.94
CA GLU B 147 -6.15 49.10 1.96
C GLU B 147 -7.12 50.15 1.44
N GLN B 148 -7.30 51.26 2.18
CA GLN B 148 -8.17 52.36 1.75
C GLN B 148 -7.27 53.46 1.19
N ASP B 149 -6.54 53.13 0.10
CA ASP B 149 -5.60 54.04 -0.54
C ASP B 149 -6.24 54.74 -1.73
N PHE B 150 -6.23 56.08 -1.74
CA PHE B 150 -6.79 56.92 -2.81
C PHE B 150 -8.28 56.69 -3.05
N GLY B 151 -9.01 56.22 -2.03
CA GLY B 151 -10.44 55.95 -2.15
C GLY B 151 -10.80 54.64 -2.81
N ILE B 152 -9.94 54.12 -3.70
CA ILE B 152 -10.21 52.86 -4.40
C ILE B 152 -9.92 51.66 -3.49
N GLU B 153 -10.93 50.80 -3.28
CA GLU B 153 -10.78 49.63 -2.41
C GLU B 153 -9.88 48.60 -3.07
N ILE B 154 -8.87 48.12 -2.33
CA ILE B 154 -7.91 47.14 -2.83
C ILE B 154 -7.95 45.94 -1.89
N VAL B 155 -8.46 44.80 -2.36
CA VAL B 155 -8.52 43.60 -1.54
C VAL B 155 -7.19 42.85 -1.66
N LYS B 156 -6.43 42.73 -0.56
CA LYS B 156 -5.16 42.03 -0.52
C LYS B 156 -5.34 40.74 0.28
N VAL B 157 -5.52 39.62 -0.42
CA VAL B 157 -5.77 38.31 0.19
C VAL B 157 -4.70 37.30 -0.25
N LYS B 158 -4.29 36.42 0.69
CA LYS B 158 -3.35 35.33 0.43
C LYS B 158 -4.12 34.03 0.59
N ALA B 159 -3.98 33.09 -0.36
CA ALA B 159 -4.69 31.80 -0.30
C ALA B 159 -3.73 30.61 -0.49
N ILE B 160 -4.16 29.42 -0.04
CA ILE B 160 -3.38 28.18 -0.13
C ILE B 160 -4.25 27.09 -0.79
N GLY B 161 -3.64 26.28 -1.66
CA GLY B 161 -4.35 25.25 -2.39
C GLY B 161 -4.77 24.07 -1.53
N ARG B 162 -6.04 23.62 -1.64
CA ARG B 162 -6.54 22.52 -0.83
C ARG B 162 -6.80 21.20 -1.64
N GLN B 163 -7.88 21.12 -2.45
CA GLN B 163 -8.23 19.89 -3.15
C GLN B 163 -8.36 20.04 -4.66
N ARG B 164 -7.96 19.01 -5.41
CA ARG B 164 -8.03 19.03 -6.87
C ARG B 164 -9.46 18.76 -7.30
N PHE B 165 -9.89 19.38 -8.40
CA PHE B 165 -11.22 19.19 -8.94
C PHE B 165 -11.21 19.09 -10.46
N LYS B 166 -12.27 18.51 -11.01
CA LYS B 166 -12.44 18.36 -12.46
C LYS B 166 -13.57 19.28 -12.90
N VAL B 167 -13.45 19.90 -14.07
CA VAL B 167 -14.45 20.82 -14.59
C VAL B 167 -15.40 20.07 -15.53
N LEU B 168 -16.72 20.28 -15.36
CA LEU B 168 -17.75 19.61 -16.17
C LEU B 168 -18.58 20.65 -16.96
N GLU B 169 -19.12 21.68 -16.29
CA GLU B 169 -19.93 22.70 -16.95
C GLU B 169 -19.78 24.05 -16.23
N LEU B 170 -19.37 25.10 -16.97
CA LEU B 170 -19.19 26.44 -16.41
C LEU B 170 -20.26 27.37 -16.96
N ARG B 171 -21.10 27.95 -16.09
CA ARG B 171 -22.15 28.88 -16.50
C ARG B 171 -21.68 30.33 -16.37
N THR B 172 -22.33 31.25 -17.11
CA THR B 172 -22.00 32.67 -17.08
C THR B 172 -23.18 33.45 -16.52
N GLN B 173 -22.94 34.21 -15.45
CA GLN B 173 -23.99 35.01 -14.80
C GLN B 173 -24.13 36.42 -15.46
N SER B 174 -25.13 37.22 -15.05
CA SER B 174 -25.36 38.55 -15.60
C SER B 174 -24.65 39.68 -14.83
N ASP B 175 -23.77 39.34 -13.85
CA ASP B 175 -23.04 40.35 -13.07
C ASP B 175 -21.54 40.41 -13.43
N GLY B 176 -20.97 39.28 -13.85
CA GLY B 176 -19.56 39.19 -14.23
C GLY B 176 -18.78 38.11 -13.50
N ILE B 177 -19.45 37.01 -13.10
CA ILE B 177 -18.82 35.88 -12.39
C ILE B 177 -19.28 34.56 -13.06
N GLN B 178 -18.38 33.57 -13.12
CA GLN B 178 -18.67 32.26 -13.68
C GLN B 178 -18.78 31.24 -12.54
N GLN B 179 -19.87 30.47 -12.51
CA GLN B 179 -20.09 29.45 -11.49
C GLN B 179 -20.08 28.09 -12.15
N ALA B 180 -19.09 27.24 -11.83
CA ALA B 180 -18.96 25.91 -12.42
C ALA B 180 -19.16 24.79 -11.42
N LYS B 181 -19.82 23.71 -11.87
CA LYS B 181 -20.11 22.51 -11.08
C LYS B 181 -18.92 21.57 -11.25
N VAL B 182 -18.00 21.60 -10.26
CA VAL B 182 -16.77 20.83 -10.32
C VAL B 182 -16.80 19.58 -9.41
N GLN B 183 -16.31 18.44 -9.92
CA GLN B 183 -16.28 17.21 -9.13
C GLN B 183 -14.89 17.03 -8.47
N ILE B 184 -14.86 17.05 -7.13
CA ILE B 184 -13.61 16.94 -6.37
C ILE B 184 -13.12 15.50 -6.50
N LEU B 185 -11.91 15.29 -7.05
CA LEU B 185 -11.36 13.94 -7.26
C LEU B 185 -10.74 13.41 -5.97
N PRO B 186 -11.16 12.23 -5.45
CA PRO B 186 -10.70 11.81 -4.10
C PRO B 186 -9.20 11.68 -3.84
N GLU B 187 -8.81 11.99 -2.60
CA GLU B 187 -7.44 11.84 -2.10
C GLU B 187 -7.48 10.42 -1.51
N CYS B 188 -6.90 9.48 -2.24
CA CYS B 188 -6.94 8.06 -1.92
C CYS B 188 -5.96 7.68 -0.83
N VAL B 189 -6.44 7.63 0.41
CA VAL B 189 -5.60 7.28 1.56
C VAL B 189 -5.68 5.79 1.79
N LEU B 190 -4.64 5.08 1.37
CA LEU B 190 -4.58 3.64 1.55
C LEU B 190 -4.06 3.29 2.93
N PRO B 191 -4.42 2.12 3.51
CA PRO B 191 -3.81 1.72 4.78
C PRO B 191 -2.40 1.13 4.57
N SER B 192 -1.75 0.67 5.66
CA SER B 192 -0.45 0.02 5.54
C SER B 192 -0.60 -1.28 4.75
N THR B 193 0.44 -1.66 4.00
CA THR B 193 0.41 -2.90 3.21
C THR B 193 0.29 -4.14 4.10
N MET B 194 0.74 -4.05 5.37
CA MET B 194 0.71 -5.19 6.28
C MET B 194 -0.55 -5.28 7.13
N SER B 195 -1.47 -4.29 7.08
CA SER B 195 -2.67 -4.30 7.92
C SER B 195 -3.61 -5.48 7.63
N ALA B 196 -3.74 -5.87 6.35
CA ALA B 196 -4.60 -7.00 5.98
C ALA B 196 -3.90 -8.36 6.06
N VAL B 197 -2.62 -8.42 6.43
CA VAL B 197 -1.89 -9.70 6.49
C VAL B 197 -1.12 -9.89 7.83
N GLN B 198 -1.21 -8.93 8.77
CA GLN B 198 -0.51 -9.00 10.03
C GLN B 198 -1.13 -10.05 10.91
N LEU B 199 -0.30 -10.93 11.47
CA LEU B 199 -0.79 -11.94 12.39
C LEU B 199 -1.21 -11.25 13.68
N GLU B 200 -2.31 -11.68 14.28
CA GLU B 200 -2.83 -11.06 15.50
C GLU B 200 -1.85 -11.16 16.65
N SER B 201 -1.09 -12.26 16.75
CA SER B 201 -0.09 -12.43 17.79
C SER B 201 1.01 -11.36 17.70
N LEU B 202 1.36 -10.92 16.48
CA LEU B 202 2.41 -9.93 16.25
C LEU B 202 1.91 -8.49 16.15
N ASN B 203 0.64 -8.23 16.45
CA ASN B 203 0.11 -6.87 16.42
C ASN B 203 0.82 -5.99 17.43
N LYS B 204 1.13 -6.53 18.63
CA LYS B 204 1.81 -5.81 19.70
C LYS B 204 3.30 -5.51 19.44
N CYS B 205 3.86 -6.01 18.33
CA CYS B 205 5.25 -5.76 17.96
C CYS B 205 5.37 -4.61 16.92
N GLN B 206 4.26 -3.98 16.50
CA GLN B 206 4.29 -2.93 15.50
C GLN B 206 4.69 -1.56 16.02
N ILE B 207 4.53 -1.31 17.33
CA ILE B 207 4.89 0.00 17.89
C ILE B 207 6.39 -0.02 18.15
N PHE B 208 7.17 0.75 17.38
CA PHE B 208 8.60 0.81 17.59
C PHE B 208 8.89 1.75 18.77
N PRO B 209 9.72 1.38 19.78
CA PRO B 209 10.01 2.33 20.86
C PRO B 209 10.65 3.64 20.40
N SER B 210 10.61 4.66 21.27
CA SER B 210 11.19 5.96 20.99
C SER B 210 11.94 6.49 22.21
N SER B 220 21.59 5.76 11.89
CA SER B 220 20.37 5.81 11.11
C SER B 220 20.35 4.77 9.99
N TYR B 221 21.51 4.43 9.42
CA TYR B 221 21.59 3.43 8.35
C TYR B 221 21.13 2.05 8.86
N LYS B 222 21.61 1.61 10.03
CA LYS B 222 21.19 0.32 10.58
C LYS B 222 19.80 0.37 11.21
N TRP B 223 19.33 1.56 11.65
CA TRP B 223 17.99 1.73 12.20
C TRP B 223 16.95 1.40 11.11
N TRP B 224 17.21 1.82 9.84
CA TRP B 224 16.29 1.56 8.73
C TRP B 224 16.21 0.07 8.38
N GLN B 225 17.30 -0.69 8.62
CA GLN B 225 17.32 -2.13 8.40
C GLN B 225 16.38 -2.80 9.41
N LYS B 226 16.44 -2.38 10.68
CA LYS B 226 15.57 -2.94 11.72
C LYS B 226 14.12 -2.50 11.56
N TYR B 227 13.89 -1.26 11.08
CA TYR B 227 12.54 -0.76 10.81
C TYR B 227 11.88 -1.65 9.74
N GLN B 228 12.61 -1.96 8.66
CA GLN B 228 12.10 -2.80 7.58
C GLN B 228 11.89 -4.24 8.04
N LYS B 229 12.79 -4.77 8.89
CA LYS B 229 12.71 -6.15 9.36
C LYS B 229 11.54 -6.42 10.30
N ARG B 230 11.11 -5.39 11.03
CA ARG B 230 10.02 -5.52 12.00
C ARG B 230 8.66 -5.18 11.39
N LYS B 231 8.55 -4.04 10.68
CA LYS B 231 7.28 -3.61 10.07
C LYS B 231 6.80 -4.57 9.00
N PHE B 232 7.72 -5.04 8.16
CA PHE B 232 7.38 -5.92 7.04
C PHE B 232 7.71 -7.38 7.29
N HIS B 233 7.79 -7.80 8.55
CA HIS B 233 8.07 -9.20 8.88
C HIS B 233 7.04 -10.16 8.27
N CYS B 234 5.75 -9.80 8.33
CA CYS B 234 4.67 -10.64 7.80
C CYS B 234 4.67 -10.78 6.26
N ALA B 235 5.57 -10.09 5.53
CA ALA B 235 5.69 -10.28 4.09
C ALA B 235 5.99 -11.75 3.73
N ASN B 236 6.50 -12.56 4.69
CA ASN B 236 6.76 -13.97 4.49
C ASN B 236 5.46 -14.77 4.20
N LEU B 237 4.29 -14.22 4.54
CA LEU B 237 2.99 -14.83 4.27
C LEU B 237 2.46 -14.55 2.86
N THR B 238 3.12 -13.64 2.12
CA THR B 238 2.72 -13.21 0.78
C THR B 238 3.76 -13.71 -0.26
N SER B 239 3.57 -13.35 -1.54
CA SER B 239 4.49 -13.71 -2.63
C SER B 239 5.64 -12.72 -2.78
N TRP B 240 5.72 -11.65 -1.96
CA TRP B 240 6.77 -10.65 -2.12
C TRP B 240 7.65 -10.41 -0.90
N PRO B 241 8.92 -10.01 -1.11
CA PRO B 241 9.80 -9.76 0.05
C PRO B 241 9.56 -8.42 0.74
N ARG B 242 10.27 -8.20 1.87
CA ARG B 242 10.16 -6.99 2.68
C ARG B 242 10.69 -5.77 1.94
N TRP B 243 11.80 -5.91 1.19
CA TRP B 243 12.38 -4.79 0.45
C TRP B 243 11.44 -4.24 -0.62
N LEU B 244 10.54 -5.07 -1.18
CA LEU B 244 9.59 -4.59 -2.16
C LEU B 244 8.53 -3.73 -1.48
N TYR B 245 8.03 -4.18 -0.31
CA TYR B 245 7.03 -3.40 0.43
C TYR B 245 7.56 -2.05 0.91
N SER B 246 8.88 -1.94 1.13
CA SER B 246 9.50 -0.67 1.49
C SER B 246 9.36 0.35 0.33
N LEU B 247 9.35 -0.12 -0.92
CA LEU B 247 9.20 0.75 -2.10
C LEU B 247 7.80 1.35 -2.25
N TYR B 248 6.81 0.86 -1.49
CA TYR B 248 5.46 1.41 -1.46
C TYR B 248 5.09 1.94 -0.04
N ASP B 249 6.08 2.10 0.86
CA ASP B 249 5.88 2.58 2.22
C ASP B 249 6.06 4.08 2.24
N ALA B 250 5.07 4.82 2.75
CA ALA B 250 5.13 6.27 2.78
C ALA B 250 6.30 6.83 3.59
N GLU B 251 6.55 6.29 4.80
CA GLU B 251 7.65 6.78 5.65
C GLU B 251 9.00 6.58 4.99
N THR B 252 9.23 5.42 4.35
CA THR B 252 10.50 5.15 3.69
C THR B 252 10.67 6.05 2.47
N LEU B 253 9.62 6.21 1.65
CA LEU B 253 9.71 7.04 0.46
C LEU B 253 10.01 8.49 0.82
N MET B 254 9.32 9.04 1.84
CA MET B 254 9.56 10.42 2.27
C MET B 254 10.98 10.60 2.78
N ASP B 255 11.52 9.60 3.52
CA ASP B 255 12.89 9.70 4.02
C ASP B 255 13.90 9.68 2.88
N ARG B 256 13.65 8.88 1.83
CA ARG B 256 14.54 8.82 0.67
C ARG B 256 14.54 10.14 -0.07
N ILE B 257 13.35 10.76 -0.21
CA ILE B 257 13.22 12.06 -0.88
C ILE B 257 13.98 13.11 -0.07
N LYS B 258 13.85 13.09 1.26
CA LYS B 258 14.55 14.04 2.12
C LYS B 258 16.07 13.96 1.96
N LYS B 259 16.61 12.74 1.81
CA LYS B 259 18.05 12.56 1.60
C LYS B 259 18.49 13.15 0.27
N GLN B 260 17.67 12.95 -0.77
CA GLN B 260 17.95 13.49 -2.11
C GLN B 260 17.86 15.02 -2.11
N LEU B 261 16.87 15.58 -1.38
CA LEU B 261 16.72 17.03 -1.26
C LEU B 261 17.89 17.64 -0.50
N ARG B 262 18.41 16.93 0.51
CA ARG B 262 19.56 17.40 1.29
C ARG B 262 20.82 17.53 0.43
N GLU B 263 20.97 16.71 -0.61
CA GLU B 263 22.11 16.82 -1.52
C GLU B 263 22.07 18.17 -2.26
N TRP B 264 20.86 18.66 -2.61
CA TRP B 264 20.68 19.95 -3.28
C TRP B 264 20.65 21.12 -2.30
N ASP B 265 20.27 20.89 -1.04
CA ASP B 265 20.20 21.94 -0.05
C ASP B 265 20.79 21.46 1.27
N GLU B 266 22.06 21.81 1.53
CA GLU B 266 22.70 21.46 2.79
C GLU B 266 22.05 22.21 3.99
N ASN B 267 21.30 23.30 3.72
CA ASN B 267 20.64 24.13 4.72
C ASN B 267 19.13 23.82 4.79
N LEU B 268 18.74 22.56 4.54
CA LEU B 268 17.34 22.18 4.60
C LEU B 268 16.99 21.81 6.03
N LYS B 269 15.89 22.33 6.55
CA LYS B 269 15.43 22.05 7.90
C LYS B 269 14.32 21.00 7.84
N ASP B 270 14.38 19.97 8.70
CA ASP B 270 13.35 18.94 8.70
C ASP B 270 11.99 19.50 9.13
N ASP B 271 11.97 20.43 10.11
CA ASP B 271 10.72 21.04 10.57
C ASP B 271 10.01 21.84 9.47
N SER B 272 10.72 22.24 8.40
CA SER B 272 10.13 22.97 7.28
C SER B 272 9.29 22.06 6.37
N LEU B 273 9.52 20.74 6.39
CA LEU B 273 8.80 19.81 5.53
C LEU B 273 7.65 19.14 6.26
N PRO B 274 6.42 19.10 5.67
CA PRO B 274 5.31 18.43 6.37
C PRO B 274 5.55 16.96 6.63
N SER B 275 5.00 16.45 7.73
CA SER B 275 5.12 15.05 8.10
C SER B 275 4.00 14.18 7.49
N ASN B 276 2.92 14.80 6.93
CA ASN B 276 1.82 14.04 6.36
C ASN B 276 2.16 13.64 4.92
N PRO B 277 1.99 12.37 4.50
CA PRO B 277 2.32 12.02 3.10
C PRO B 277 1.57 12.79 2.01
N ILE B 278 0.37 13.29 2.29
CA ILE B 278 -0.39 14.06 1.30
C ILE B 278 0.30 15.42 1.11
N ASP B 279 0.52 16.15 2.22
CA ASP B 279 1.13 17.48 2.16
C ASP B 279 2.59 17.44 1.71
N PHE B 280 3.34 16.42 2.14
CA PHE B 280 4.74 16.24 1.74
C PHE B 280 4.85 16.05 0.22
N SER B 281 4.02 15.20 -0.37
CA SER B 281 4.04 14.95 -1.81
C SER B 281 3.75 16.22 -2.61
N TYR B 282 2.75 17.01 -2.22
CA TYR B 282 2.41 18.24 -2.92
C TYR B 282 3.47 19.32 -2.75
N ARG B 283 4.10 19.38 -1.57
CA ARG B 283 5.18 20.34 -1.31
C ARG B 283 6.37 20.02 -2.24
N VAL B 284 6.74 18.74 -2.33
CA VAL B 284 7.86 18.29 -3.18
C VAL B 284 7.56 18.57 -4.66
N ALA B 285 6.31 18.36 -5.10
CA ALA B 285 5.93 18.61 -6.50
C ALA B 285 6.17 20.07 -6.89
N ALA B 286 5.96 21.01 -5.96
CA ALA B 286 6.18 22.44 -6.22
C ALA B 286 7.66 22.88 -6.07
N CYS B 287 8.56 21.97 -5.67
CA CYS B 287 9.98 22.23 -5.47
C CYS B 287 10.84 21.58 -6.59
N LEU B 288 10.31 20.58 -7.31
CA LEU B 288 11.10 19.90 -8.35
C LEU B 288 11.23 20.76 -9.61
N PRO B 289 12.45 20.95 -10.15
CA PRO B 289 12.58 21.72 -11.39
C PRO B 289 12.04 20.95 -12.60
N ILE B 290 10.74 21.10 -12.86
CA ILE B 290 10.05 20.37 -13.90
C ILE B 290 9.10 21.27 -14.68
N ASP B 291 8.81 20.90 -15.93
CA ASP B 291 7.91 21.66 -16.79
C ASP B 291 6.44 21.55 -16.33
N ASP B 292 5.55 22.35 -16.94
CA ASP B 292 4.12 22.34 -16.59
C ASP B 292 3.46 21.00 -16.88
N VAL B 293 3.85 20.33 -17.99
CA VAL B 293 3.27 19.03 -18.36
C VAL B 293 3.48 18.01 -17.24
N LEU B 294 4.69 17.97 -16.65
CA LEU B 294 4.96 17.06 -15.55
C LEU B 294 4.21 17.45 -14.28
N ARG B 295 4.07 18.75 -14.00
CA ARG B 295 3.30 19.23 -12.86
C ARG B 295 1.84 18.78 -12.95
N ILE B 296 1.28 18.77 -14.17
CA ILE B 296 -0.10 18.31 -14.42
C ILE B 296 -0.16 16.80 -14.14
N GLN B 297 0.81 16.03 -14.66
CA GLN B 297 0.86 14.57 -14.46
C GLN B 297 0.84 14.20 -12.97
N LEU B 298 1.62 14.91 -12.14
CA LEU B 298 1.65 14.63 -10.71
C LEU B 298 0.32 14.90 -10.02
N LEU B 299 -0.39 15.94 -10.46
CA LEU B 299 -1.71 16.28 -9.90
C LEU B 299 -2.80 15.31 -10.34
N LYS B 300 -2.66 14.71 -11.54
CA LYS B 300 -3.61 13.70 -12.00
C LYS B 300 -3.58 12.46 -11.09
N ILE B 301 -2.43 12.18 -10.44
CA ILE B 301 -2.28 11.03 -9.56
C ILE B 301 -3.18 11.24 -8.33
N GLY B 302 -3.89 10.20 -7.93
CA GLY B 302 -4.82 10.25 -6.81
C GLY B 302 -4.23 9.85 -5.47
N SER B 303 -3.33 8.85 -5.44
CA SER B 303 -2.73 8.40 -4.18
C SER B 303 -1.42 9.13 -3.93
N ALA B 304 -1.14 9.47 -2.67
CA ALA B 304 0.11 10.14 -2.31
C ALA B 304 1.31 9.20 -2.44
N ILE B 305 1.12 7.88 -2.26
CA ILE B 305 2.20 6.89 -2.40
C ILE B 305 2.72 6.91 -3.84
N GLN B 306 1.81 6.85 -4.83
CA GLN B 306 2.21 6.88 -6.24
C GLN B 306 2.83 8.20 -6.63
N ARG B 307 2.35 9.31 -6.05
CA ARG B 307 2.88 10.63 -6.32
C ARG B 307 4.32 10.73 -5.78
N LEU B 308 4.58 10.15 -4.59
CA LEU B 308 5.92 10.16 -3.99
C LEU B 308 6.89 9.34 -4.83
N ARG B 309 6.44 8.18 -5.29
CA ARG B 309 7.25 7.29 -6.11
C ARG B 309 7.61 7.95 -7.45
N CYS B 310 6.64 8.61 -8.11
CA CYS B 310 6.89 9.31 -9.36
C CYS B 310 7.88 10.45 -9.15
N GLU B 311 7.73 11.21 -8.05
CA GLU B 311 8.64 12.31 -7.71
C GLU B 311 10.05 11.79 -7.49
N LEU B 312 10.18 10.66 -6.82
CA LEU B 312 11.48 10.04 -6.56
C LEU B 312 12.11 9.50 -7.85
N ASP B 313 11.29 9.00 -8.78
CA ASP B 313 11.75 8.49 -10.07
C ASP B 313 12.25 9.65 -10.95
N ILE B 314 11.59 10.82 -10.89
CA ILE B 314 12.02 12.02 -11.63
C ILE B 314 13.41 12.44 -11.15
N MET B 315 13.61 12.43 -9.82
CA MET B 315 14.87 12.82 -9.23
C MET B 315 16.02 11.90 -9.63
N ASN B 316 15.77 10.60 -9.81
CA ASN B 316 16.81 9.65 -10.19
C ASN B 316 17.07 9.55 -11.70
N LYS B 317 16.03 9.71 -12.54
CA LYS B 317 16.16 9.54 -13.98
C LYS B 317 16.35 10.84 -14.77
N CYS B 318 15.52 11.87 -14.50
CA CYS B 318 15.57 13.15 -15.20
C CYS B 318 16.74 13.97 -14.66
N THR B 319 17.97 13.56 -15.01
CA THR B 319 19.20 14.19 -14.55
C THR B 319 19.67 15.30 -15.48
N SER B 320 19.29 15.29 -16.77
CA SER B 320 19.70 16.34 -17.69
C SER B 320 18.59 17.37 -17.86
N LEU B 321 18.91 18.66 -17.65
CA LEU B 321 17.94 19.73 -17.85
C LEU B 321 18.26 20.36 -19.21
N CYS B 322 17.25 20.41 -20.10
CA CYS B 322 17.41 20.91 -21.47
C CYS B 322 16.54 22.13 -21.75
N CYS B 323 16.80 22.82 -22.87
CA CYS B 323 16.00 23.97 -23.27
C CYS B 323 14.62 23.45 -23.72
N LYS B 324 13.53 24.09 -23.27
CA LYS B 324 12.19 23.65 -23.65
C LYS B 324 11.92 23.82 -25.15
N GLN B 325 12.33 24.95 -25.73
CA GLN B 325 12.12 25.20 -27.16
C GLN B 325 12.88 24.20 -28.04
N CYS B 326 14.17 23.96 -27.74
CA CYS B 326 14.98 23.02 -28.52
C CYS B 326 14.58 21.58 -28.25
N GLN B 327 14.23 21.26 -26.98
CA GLN B 327 13.86 19.92 -26.51
C GLN B 327 15.07 18.97 -26.36
N GLU B 328 16.19 19.26 -27.03
CA GLU B 328 17.38 18.40 -27.03
C GLU B 328 18.67 19.12 -26.62
N THR B 329 18.69 20.47 -26.54
CA THR B 329 19.90 21.19 -26.17
C THR B 329 20.06 21.21 -24.66
N GLU B 330 21.03 20.44 -24.14
CA GLU B 330 21.30 20.38 -22.71
C GLU B 330 21.80 21.73 -22.20
N ILE B 331 21.39 22.10 -20.98
CA ILE B 331 21.79 23.36 -20.36
C ILE B 331 22.58 23.05 -19.09
N THR B 332 22.08 22.17 -18.22
CA THR B 332 22.79 21.82 -16.96
C THR B 332 22.44 20.39 -16.52
N THR B 333 23.12 19.90 -15.47
CA THR B 333 22.87 18.56 -14.92
C THR B 333 22.44 18.66 -13.45
N LYS B 334 21.76 17.61 -12.97
CA LYS B 334 21.28 17.48 -11.60
C LYS B 334 22.40 17.70 -10.58
N ASN B 335 23.60 17.17 -10.83
CA ASN B 335 24.71 17.31 -9.89
C ASN B 335 25.21 18.75 -9.72
N GLU B 336 24.79 19.68 -10.58
CA GLU B 336 25.19 21.08 -10.45
C GLU B 336 24.22 21.89 -9.57
N ILE B 337 23.05 21.33 -9.21
CA ILE B 337 22.05 22.02 -8.40
C ILE B 337 22.55 22.22 -6.98
N PHE B 338 22.40 23.45 -6.46
CA PHE B 338 22.75 23.79 -5.09
C PHE B 338 21.84 24.94 -4.60
N SER B 339 21.87 25.21 -3.30
CA SER B 339 21.06 26.27 -2.70
C SER B 339 21.98 27.34 -2.16
N LEU B 340 21.94 28.53 -2.76
CA LEU B 340 22.78 29.64 -2.33
C LEU B 340 22.28 30.21 -1.00
N SER B 341 20.97 30.46 -0.90
CA SER B 341 20.31 31.09 0.24
C SER B 341 19.60 30.02 1.13
N LEU B 342 18.69 30.44 2.05
CA LEU B 342 17.95 29.53 2.91
C LEU B 342 16.54 29.20 2.40
N CYS B 343 16.20 29.61 1.16
CA CYS B 343 14.90 29.33 0.55
C CYS B 343 14.93 28.09 -0.38
N GLY B 344 16.04 27.33 -0.39
CA GLY B 344 16.15 26.14 -1.22
C GLY B 344 16.76 26.41 -2.57
N PRO B 345 16.88 25.37 -3.43
CA PRO B 345 17.52 25.59 -4.74
C PRO B 345 16.65 26.20 -5.83
N MET B 346 15.33 26.32 -5.61
CA MET B 346 14.44 26.90 -6.61
C MET B 346 13.33 27.68 -5.93
N ALA B 347 13.65 28.89 -5.48
CA ALA B 347 12.68 29.76 -4.83
C ALA B 347 12.02 30.70 -5.84
N ALA B 348 10.82 31.18 -5.52
CA ALA B 348 10.10 32.11 -6.38
C ALA B 348 10.53 33.53 -6.05
N TYR B 349 10.96 34.27 -7.06
CA TYR B 349 11.37 35.66 -6.92
C TYR B 349 10.52 36.51 -7.85
N VAL B 350 10.34 37.79 -7.54
CA VAL B 350 9.51 38.66 -8.35
C VAL B 350 10.38 39.76 -8.97
N ASN B 351 10.22 39.97 -10.28
CA ASN B 351 10.99 41.00 -10.98
C ASN B 351 10.39 42.42 -10.74
N PRO B 352 11.03 43.53 -11.19
CA PRO B 352 10.40 44.86 -10.94
C PRO B 352 9.03 45.04 -11.58
N HIS B 353 8.86 44.49 -12.78
CA HIS B 353 7.59 44.54 -13.49
C HIS B 353 6.50 43.62 -12.89
N GLY B 354 6.85 42.77 -11.93
CA GLY B 354 5.90 41.91 -11.24
C GLY B 354 5.81 40.47 -11.71
N TYR B 355 6.54 40.09 -12.77
CA TYR B 355 6.56 38.71 -13.24
C TYR B 355 7.31 37.85 -12.21
N VAL B 356 6.82 36.64 -11.93
CA VAL B 356 7.44 35.76 -10.95
C VAL B 356 8.24 34.66 -11.64
N HIS B 357 9.50 34.47 -11.18
CA HIS B 357 10.43 33.53 -11.76
C HIS B 357 10.93 32.51 -10.74
N GLU B 358 10.49 31.25 -10.87
CA GLU B 358 10.99 30.16 -10.03
C GLU B 358 12.37 29.85 -10.55
N THR B 359 13.39 30.41 -9.90
CA THR B 359 14.77 30.33 -10.37
C THR B 359 15.56 29.21 -9.71
N LEU B 360 16.07 28.29 -10.54
CA LEU B 360 16.90 27.18 -10.08
C LEU B 360 18.35 27.60 -10.16
N THR B 361 19.11 27.45 -9.06
CA THR B 361 20.51 27.83 -9.02
C THR B 361 21.40 26.63 -9.25
N VAL B 362 22.34 26.74 -10.20
CA VAL B 362 23.29 25.69 -10.54
C VAL B 362 24.70 26.28 -10.62
N TYR B 363 25.73 25.45 -10.39
CA TYR B 363 27.11 25.91 -10.46
C TYR B 363 27.57 26.11 -11.89
N LYS B 364 27.27 25.16 -12.79
CA LYS B 364 27.75 25.20 -14.17
C LYS B 364 26.65 24.94 -15.19
N ALA B 365 26.82 25.50 -16.38
CA ALA B 365 25.87 25.36 -17.48
C ALA B 365 26.62 25.23 -18.86
N CYS B 366 25.89 24.82 -19.91
CA CYS B 366 26.39 24.65 -21.27
C CYS B 366 25.37 25.18 -22.26
N ASN B 367 25.85 25.58 -23.45
CA ASN B 367 25.01 26.10 -24.53
C ASN B 367 24.26 27.37 -24.11
N LEU B 368 24.93 28.27 -23.37
CA LEU B 368 24.34 29.53 -22.94
C LEU B 368 25.21 30.71 -23.35
N ASN B 369 24.61 31.69 -24.04
CA ASN B 369 25.30 32.91 -24.48
C ASN B 369 24.83 34.08 -23.61
N LEU B 370 25.74 35.01 -23.29
CA LEU B 370 25.42 36.14 -22.45
C LEU B 370 25.07 37.38 -23.24
N ILE B 371 23.96 38.04 -22.87
CA ILE B 371 23.45 39.22 -23.56
C ILE B 371 23.63 40.41 -22.64
N GLY B 372 24.15 41.50 -23.18
CA GLY B 372 24.34 42.73 -22.43
C GLY B 372 25.46 42.67 -21.43
N ARG B 373 25.36 43.52 -20.40
CA ARG B 373 26.38 43.66 -19.37
C ARG B 373 25.85 43.34 -17.96
N PRO B 374 26.71 43.05 -16.94
CA PRO B 374 26.17 42.80 -15.59
C PRO B 374 25.47 43.99 -14.97
N SER B 375 24.41 43.74 -14.19
CA SER B 375 23.67 44.81 -13.53
C SER B 375 23.30 44.36 -12.12
N THR B 376 23.48 45.24 -11.14
CA THR B 376 23.08 44.95 -9.76
C THR B 376 21.64 45.42 -9.45
N GLU B 377 20.94 46.06 -10.43
CA GLU B 377 19.60 46.58 -10.23
C GLU B 377 18.61 45.45 -9.99
N HIS B 378 17.90 45.50 -8.85
CA HIS B 378 16.88 44.53 -8.48
C HIS B 378 17.44 43.11 -8.32
N SER B 379 18.73 42.96 -8.00
CA SER B 379 19.34 41.65 -7.86
C SER B 379 18.69 40.86 -6.73
N TRP B 380 18.18 39.67 -7.05
CA TRP B 380 17.54 38.79 -6.09
C TRP B 380 18.53 38.25 -5.05
N PHE B 381 19.83 38.17 -5.41
CA PHE B 381 20.87 37.70 -4.51
C PHE B 381 21.77 38.88 -4.14
N PRO B 382 21.75 39.40 -2.89
CA PRO B 382 22.63 40.53 -2.55
C PRO B 382 24.11 40.21 -2.76
N GLY B 383 24.86 41.21 -3.21
CA GLY B 383 26.28 41.07 -3.50
C GLY B 383 26.58 40.49 -4.88
N TYR B 384 25.55 40.18 -5.69
CA TYR B 384 25.72 39.60 -7.01
C TYR B 384 25.10 40.47 -8.09
N ALA B 385 25.69 40.45 -9.29
CA ALA B 385 25.17 41.15 -10.46
C ALA B 385 24.64 40.11 -11.44
N TRP B 386 23.56 40.43 -12.15
CA TRP B 386 22.96 39.51 -13.12
C TRP B 386 23.28 39.91 -14.57
N THR B 387 23.38 38.92 -15.46
CA THR B 387 23.59 39.13 -16.89
C THR B 387 22.68 38.13 -17.60
N VAL B 388 21.85 38.57 -18.54
CA VAL B 388 20.94 37.68 -19.26
C VAL B 388 21.67 36.52 -19.95
N ALA B 389 21.09 35.32 -19.85
CA ALA B 389 21.61 34.12 -20.48
C ALA B 389 20.54 33.61 -21.45
N GLN B 390 20.96 33.17 -22.63
CA GLN B 390 20.06 32.69 -23.67
C GLN B 390 20.58 31.40 -24.30
N CYS B 391 19.68 30.65 -24.96
CA CYS B 391 20.04 29.43 -25.67
C CYS B 391 21.04 29.76 -26.78
N LYS B 392 22.10 28.97 -26.88
CA LYS B 392 23.10 29.14 -27.92
C LYS B 392 22.54 28.73 -29.31
N ILE B 393 21.50 27.88 -29.36
CA ILE B 393 20.93 27.39 -30.62
C ILE B 393 19.69 28.18 -31.07
N CYS B 394 18.67 28.32 -30.20
CA CYS B 394 17.43 29.00 -30.57
C CYS B 394 17.28 30.42 -30.02
N ALA B 395 18.24 30.93 -29.22
CA ALA B 395 18.21 32.29 -28.63
C ALA B 395 17.03 32.52 -27.65
N SER B 396 16.45 31.44 -27.08
CA SER B 396 15.36 31.59 -26.11
C SER B 396 15.91 31.94 -24.75
N HIS B 397 15.23 32.84 -24.02
CA HIS B 397 15.65 33.24 -22.69
C HIS B 397 15.57 32.05 -21.73
N ILE B 398 16.68 31.77 -21.03
CA ILE B 398 16.77 30.66 -20.08
C ILE B 398 16.90 31.17 -18.63
N GLY B 399 17.55 32.32 -18.44
CA GLY B 399 17.74 32.89 -17.13
C GLY B 399 18.83 33.93 -17.09
N TRP B 400 19.73 33.82 -16.11
CA TRP B 400 20.79 34.81 -15.93
C TRP B 400 22.03 34.20 -15.29
N LYS B 401 23.18 34.84 -15.51
CA LYS B 401 24.44 34.48 -14.89
C LYS B 401 24.66 35.45 -13.76
N PHE B 402 25.11 34.97 -12.61
CA PHE B 402 25.33 35.80 -11.45
C PHE B 402 26.82 35.88 -11.12
N THR B 403 27.39 37.10 -11.22
CA THR B 403 28.80 37.36 -10.97
C THR B 403 28.93 38.16 -9.67
N ALA B 404 29.89 37.76 -8.82
CA ALA B 404 30.09 38.44 -7.54
C ALA B 404 30.81 39.76 -7.71
N THR B 405 30.41 40.76 -6.92
CA THR B 405 31.01 42.08 -6.94
C THR B 405 32.24 42.13 -6.02
N LYS B 406 32.22 41.38 -4.90
CA LYS B 406 33.33 41.32 -3.95
C LYS B 406 34.11 40.03 -4.24
N LYS B 407 35.45 40.11 -4.26
CA LYS B 407 36.28 38.94 -4.57
C LYS B 407 36.38 37.89 -3.44
N ASP B 408 35.72 38.12 -2.31
CA ASP B 408 35.74 37.21 -1.15
C ASP B 408 34.47 36.33 -1.05
N MET B 409 33.51 36.47 -1.98
CA MET B 409 32.28 35.69 -1.99
C MET B 409 32.60 34.33 -2.57
N SER B 410 32.35 33.25 -1.81
CA SER B 410 32.68 31.89 -2.24
C SER B 410 32.08 31.50 -3.62
N PRO B 411 30.74 31.58 -3.84
CA PRO B 411 30.20 31.21 -5.16
C PRO B 411 30.39 32.35 -6.18
N GLN B 412 31.65 32.83 -6.38
CA GLN B 412 32.04 33.91 -7.32
C GLN B 412 31.15 33.99 -8.58
N LYS B 413 30.80 32.83 -9.15
CA LYS B 413 29.92 32.78 -10.30
C LYS B 413 29.02 31.55 -10.24
N PHE B 414 27.72 31.75 -10.46
CA PHE B 414 26.72 30.69 -10.53
C PHE B 414 25.63 31.08 -11.55
N TRP B 415 24.74 30.16 -11.90
CA TRP B 415 23.68 30.42 -12.85
C TRP B 415 22.30 30.35 -12.18
N GLY B 416 21.35 31.09 -12.72
CA GLY B 416 19.97 31.11 -12.24
C GLY B 416 19.03 30.92 -13.40
N LEU B 417 18.33 29.78 -13.45
CA LEU B 417 17.49 29.42 -14.60
C LEU B 417 16.00 29.42 -14.28
N THR B 418 15.17 30.09 -15.10
CA THR B 418 13.72 30.10 -14.86
C THR B 418 13.17 28.71 -15.21
N ARG B 419 12.37 28.14 -14.30
CA ARG B 419 11.79 26.81 -14.47
C ARG B 419 10.98 26.70 -15.77
N SER B 420 10.21 27.73 -16.12
CA SER B 420 9.39 27.72 -17.34
C SER B 420 10.16 27.57 -18.65
N ALA B 421 11.50 27.75 -18.62
CA ALA B 421 12.33 27.61 -19.82
C ALA B 421 12.99 26.24 -19.96
N LEU B 422 12.84 25.34 -18.98
CA LEU B 422 13.54 24.06 -19.00
C LEU B 422 12.66 22.84 -19.19
N LEU B 423 13.28 21.77 -19.73
CA LEU B 423 12.64 20.50 -19.96
C LEU B 423 13.37 19.38 -19.23
N PRO B 424 12.78 18.75 -18.18
CA PRO B 424 13.46 17.60 -17.55
C PRO B 424 13.60 16.46 -18.54
N THR B 425 14.82 15.91 -18.70
CA THR B 425 15.06 14.87 -19.69
C THR B 425 15.89 13.72 -19.11
N ILE B 426 15.60 12.51 -19.56
CA ILE B 426 16.32 11.31 -19.15
C ILE B 426 17.44 11.10 -20.18
N PRO B 427 18.74 11.19 -19.80
CA PRO B 427 19.81 10.98 -20.80
C PRO B 427 19.94 9.52 -21.28
N ASP B 428 20.68 9.34 -22.38
CA ASP B 428 20.93 8.02 -22.99
C ASP B 428 21.46 7.01 -21.98
N LYS B 437 14.19 4.35 -25.08
CA LYS B 437 14.16 5.52 -24.21
C LYS B 437 13.29 5.25 -22.98
N VAL B 438 13.92 5.22 -21.79
CA VAL B 438 13.19 4.98 -20.54
C VAL B 438 12.22 6.13 -20.23
N ILE B 439 11.13 5.84 -19.50
CA ILE B 439 10.10 6.82 -19.16
C ILE B 439 10.00 6.95 -17.59
N LEU B 440 8.85 7.40 -17.02
CA LEU B 440 8.67 7.59 -15.59
C LEU B 440 7.71 6.58 -15.01
N CYS B 441 8.02 6.09 -13.81
CA CYS B 441 7.27 5.06 -13.11
C CYS B 441 6.44 5.66 -11.96
N LEU B 442 5.26 5.07 -11.72
CA LEU B 442 4.33 5.45 -10.66
C LEU B 442 4.36 4.43 -9.52
N LEU C 6 -1.89 64.90 -35.74
CA LEU C 6 -2.45 63.74 -35.08
C LEU C 6 -1.98 62.46 -35.75
N TRP C 7 -1.59 61.44 -34.95
CA TRP C 7 -1.11 60.11 -35.37
C TRP C 7 0.27 60.11 -36.10
N HIS C 8 0.42 60.76 -37.29
CA HIS C 8 1.71 60.81 -38.01
C HIS C 8 2.71 61.65 -37.23
N GLU C 9 2.48 62.96 -37.18
CA GLU C 9 3.32 63.88 -36.44
C GLU C 9 3.33 63.52 -34.95
N MET C 10 2.23 62.94 -34.43
CA MET C 10 2.13 62.50 -33.04
C MET C 10 3.07 61.34 -32.76
N TRP C 11 2.96 60.22 -33.53
CA TRP C 11 3.86 59.08 -33.36
C TRP C 11 5.30 59.52 -33.61
N HIS C 12 5.53 60.40 -34.59
CA HIS C 12 6.85 60.93 -34.91
C HIS C 12 7.46 61.70 -33.75
N GLU C 13 6.67 62.57 -33.10
CA GLU C 13 7.14 63.37 -31.97
C GLU C 13 7.23 62.58 -30.66
N GLY C 14 6.51 61.46 -30.58
CA GLY C 14 6.51 60.59 -29.43
C GLY C 14 7.67 59.62 -29.43
N LEU C 15 8.21 59.32 -30.62
CA LEU C 15 9.38 58.47 -30.76
C LEU C 15 10.66 59.26 -30.53
N GLU C 16 10.69 60.54 -30.92
CA GLU C 16 11.83 61.43 -30.67
C GLU C 16 11.95 61.63 -29.16
N GLU C 17 10.84 61.90 -28.46
CA GLU C 17 10.84 62.10 -27.01
C GLU C 17 11.16 60.80 -26.26
N ALA C 18 10.61 59.66 -26.72
CA ALA C 18 10.87 58.37 -26.08
C ALA C 18 12.34 57.95 -26.24
N SER C 19 12.98 58.33 -27.37
CA SER C 19 14.39 58.04 -27.61
C SER C 19 15.26 58.95 -26.73
N ARG C 20 14.87 60.22 -26.56
CA ARG C 20 15.61 61.15 -25.71
C ARG C 20 15.55 60.70 -24.24
N LEU C 21 14.47 60.02 -23.82
CA LEU C 21 14.34 59.55 -22.44
C LEU C 21 15.10 58.27 -22.18
N TYR C 22 15.07 57.31 -23.11
CA TYR C 22 15.74 56.02 -22.92
C TYR C 22 17.23 56.08 -23.25
N PHE C 23 17.59 56.64 -24.42
CA PHE C 23 18.99 56.71 -24.83
C PHE C 23 19.74 57.88 -24.18
N GLY C 24 19.13 59.04 -24.15
CA GLY C 24 19.75 60.23 -23.58
C GLY C 24 19.73 60.27 -22.06
N GLU C 25 18.53 60.22 -21.46
CA GLU C 25 18.40 60.27 -20.02
C GLU C 25 18.57 58.93 -19.31
N ARG C 26 18.65 57.80 -20.05
CA ARG C 26 18.77 56.45 -19.48
C ARG C 26 17.65 56.18 -18.48
N ASN C 27 16.42 56.33 -18.96
CA ASN C 27 15.22 56.17 -18.17
C ASN C 27 14.20 55.36 -18.96
N VAL C 28 14.09 54.07 -18.63
CA VAL C 28 13.14 53.15 -19.28
C VAL C 28 11.70 53.57 -18.95
N LYS C 29 11.45 53.95 -17.69
CA LYS C 29 10.11 54.31 -17.24
C LYS C 29 9.50 55.47 -18.03
N GLY C 30 10.31 56.51 -18.29
CA GLY C 30 9.88 57.67 -19.06
C GLY C 30 9.53 57.31 -20.49
N MET C 31 10.35 56.46 -21.11
CA MET C 31 10.12 55.99 -22.48
C MET C 31 8.77 55.25 -22.59
N PHE C 32 8.49 54.34 -21.64
CA PHE C 32 7.23 53.62 -21.64
C PHE C 32 6.04 54.55 -21.37
N GLU C 33 6.24 55.62 -20.58
CA GLU C 33 5.18 56.59 -20.32
C GLU C 33 4.76 57.31 -21.60
N VAL C 34 5.72 57.64 -22.48
CA VAL C 34 5.42 58.32 -23.74
C VAL C 34 4.80 57.32 -24.72
N LEU C 35 5.37 56.12 -24.81
CA LEU C 35 4.90 55.09 -25.72
C LEU C 35 3.52 54.50 -25.41
N GLU C 36 3.23 54.22 -24.13
CA GLU C 36 1.99 53.57 -23.74
C GLU C 36 0.72 54.28 -24.28
N PRO C 37 0.50 55.60 -24.05
CA PRO C 37 -0.72 56.24 -24.61
C PRO C 37 -0.83 56.13 -26.12
N LEU C 38 0.29 56.24 -26.85
CA LEU C 38 0.27 56.13 -28.30
C LEU C 38 -0.14 54.73 -28.74
N HIS C 39 0.31 53.68 -28.02
CA HIS C 39 -0.09 52.31 -28.31
C HIS C 39 -1.56 52.10 -27.95
N ALA C 40 -2.03 52.67 -26.83
CA ALA C 40 -3.44 52.58 -26.41
C ALA C 40 -4.37 53.22 -27.45
N MET C 41 -3.91 54.27 -28.12
CA MET C 41 -4.67 54.94 -29.18
C MET C 41 -4.90 53.97 -30.33
N MET C 42 -3.88 53.21 -30.71
CA MET C 42 -3.99 52.23 -31.80
C MET C 42 -5.00 51.14 -31.42
N GLU C 43 -5.03 50.72 -30.15
CA GLU C 43 -5.97 49.70 -29.66
C GLU C 43 -7.42 50.18 -29.80
N ARG C 44 -7.68 51.48 -29.56
CA ARG C 44 -9.03 52.04 -29.72
C ARG C 44 -9.48 51.92 -31.17
N GLY C 45 -8.58 52.19 -32.11
CA GLY C 45 -8.83 52.06 -33.54
C GLY C 45 -8.90 53.38 -34.28
N PRO C 46 -8.65 53.37 -35.60
CA PRO C 46 -8.69 54.64 -36.35
C PRO C 46 -10.11 55.18 -36.56
N GLN C 47 -10.25 56.52 -36.51
CA GLN C 47 -11.52 57.22 -36.70
C GLN C 47 -11.49 58.31 -37.80
N THR C 48 -10.35 58.45 -38.50
CA THR C 48 -10.11 59.40 -39.59
C THR C 48 -9.39 58.67 -40.75
N LEU C 49 -9.37 59.21 -42.00
CA LEU C 49 -8.74 58.54 -43.14
C LEU C 49 -7.24 58.41 -42.97
N LYS C 50 -6.59 59.46 -42.51
CA LYS C 50 -5.16 59.43 -42.26
C LYS C 50 -4.84 58.44 -41.13
N GLU C 51 -5.74 58.34 -40.14
CA GLU C 51 -5.60 57.40 -39.03
C GLU C 51 -5.68 55.98 -39.59
N THR C 52 -6.67 55.71 -40.44
CA THR C 52 -6.89 54.40 -41.04
C THR C 52 -5.69 54.05 -41.94
N SER C 53 -5.24 54.99 -42.77
CA SER C 53 -4.07 54.83 -43.63
C SER C 53 -2.80 54.51 -42.83
N PHE C 54 -2.69 55.04 -41.61
CA PHE C 54 -1.55 54.83 -40.72
C PHE C 54 -1.59 53.43 -40.09
N ASN C 55 -2.79 52.89 -39.80
CA ASN C 55 -2.91 51.53 -39.27
C ASN C 55 -2.64 50.46 -40.35
N GLN C 56 -2.91 50.77 -41.64
CA GLN C 56 -2.69 49.82 -42.72
C GLN C 56 -1.21 49.57 -43.00
N ALA C 57 -0.36 50.59 -42.88
CA ALA C 57 1.06 50.48 -43.18
C ALA C 57 1.97 50.33 -41.96
N TYR C 58 1.63 50.98 -40.84
CA TYR C 58 2.47 50.95 -39.64
C TYR C 58 1.93 50.10 -38.49
N GLY C 59 0.60 50.01 -38.36
CA GLY C 59 -0.08 49.26 -37.32
C GLY C 59 0.52 47.93 -36.89
N ARG C 60 0.82 47.06 -37.85
CA ARG C 60 1.40 45.75 -37.55
C ARG C 60 2.80 45.89 -36.95
N ASP C 61 3.64 46.75 -37.54
CA ASP C 61 4.99 46.99 -37.03
C ASP C 61 4.96 47.61 -35.63
N LEU C 62 3.97 48.47 -35.35
CA LEU C 62 3.84 49.11 -34.04
C LEU C 62 3.39 48.17 -32.94
N MET C 63 2.54 47.18 -33.25
CA MET C 63 2.05 46.22 -32.26
C MET C 63 3.12 45.14 -31.93
N GLU C 64 4.12 44.93 -32.81
CA GLU C 64 5.18 43.94 -32.58
C GLU C 64 6.23 44.52 -31.65
N ALA C 65 6.57 45.81 -31.80
CA ALA C 65 7.52 46.48 -30.92
C ALA C 65 6.98 46.54 -29.48
N GLN C 66 5.65 46.61 -29.30
CA GLN C 66 5.04 46.57 -27.99
C GLN C 66 5.20 45.16 -27.40
N GLU C 67 5.01 44.10 -28.21
CA GLU C 67 5.21 42.72 -27.77
C GLU C 67 6.67 42.49 -27.36
N TRP C 68 7.61 43.10 -28.09
CA TRP C 68 9.04 43.03 -27.80
C TRP C 68 9.36 43.78 -26.50
N CYS C 69 8.67 44.91 -26.24
CA CYS C 69 8.78 45.66 -24.98
C CYS C 69 8.27 44.78 -23.82
N ARG C 70 7.14 44.07 -24.04
CA ARG C 70 6.55 43.18 -23.05
C ARG C 70 7.48 42.00 -22.74
N LYS C 71 8.21 41.49 -23.77
CA LYS C 71 9.17 40.40 -23.59
C LYS C 71 10.33 40.86 -22.70
N TYR C 72 10.78 42.12 -22.88
CA TYR C 72 11.84 42.69 -22.04
C TYR C 72 11.35 42.82 -20.61
N MET C 73 10.11 43.25 -20.40
CA MET C 73 9.61 43.47 -19.04
C MET C 73 9.63 42.18 -18.22
N LYS C 74 9.50 41.01 -18.85
CA LYS C 74 9.56 39.71 -18.16
C LYS C 74 11.00 39.19 -18.04
N SER C 75 11.70 39.08 -19.17
CA SER C 75 13.06 38.54 -19.20
C SER C 75 14.10 39.48 -18.56
N GLY C 76 13.99 40.76 -18.87
CA GLY C 76 14.97 41.77 -18.48
C GLY C 76 16.08 41.87 -19.50
N ASN C 77 15.83 41.40 -20.74
CA ASN C 77 16.78 41.36 -21.82
C ASN C 77 16.77 42.64 -22.62
N VAL C 78 17.88 43.39 -22.58
CA VAL C 78 18.06 44.66 -23.27
C VAL C 78 17.91 44.44 -24.79
N LYS C 79 18.38 43.31 -25.33
CA LYS C 79 18.24 43.01 -26.75
C LYS C 79 16.77 43.01 -27.20
N ASP C 80 15.81 42.65 -26.32
CA ASP C 80 14.39 42.68 -26.66
C ASP C 80 13.93 44.14 -26.86
N LEU C 81 14.45 45.10 -26.05
CA LEU C 81 14.14 46.52 -26.27
C LEU C 81 14.80 47.02 -27.56
N THR C 82 15.99 46.48 -27.92
CA THR C 82 16.66 46.84 -29.16
C THR C 82 15.83 46.33 -30.35
N GLN C 83 15.19 45.16 -30.23
CA GLN C 83 14.32 44.63 -31.28
C GLN C 83 13.08 45.51 -31.44
N ALA C 84 12.56 46.07 -30.35
CA ALA C 84 11.43 46.99 -30.39
C ALA C 84 11.89 48.30 -31.04
N TRP C 85 13.09 48.80 -30.65
CA TRP C 85 13.64 50.03 -31.19
C TRP C 85 14.01 49.93 -32.66
N ASP C 86 14.33 48.73 -33.17
CA ASP C 86 14.60 48.53 -34.59
C ASP C 86 13.30 48.77 -35.38
N LEU C 87 12.17 48.26 -34.87
CA LEU C 87 10.85 48.42 -35.49
C LEU C 87 10.36 49.86 -35.34
N TYR C 88 10.63 50.51 -34.19
CA TYR C 88 10.24 51.91 -34.00
C TYR C 88 11.00 52.82 -34.96
N TYR C 89 12.27 52.51 -35.25
CA TYR C 89 13.07 53.33 -36.16
C TYR C 89 12.72 53.07 -37.63
N HIS C 90 12.24 51.86 -37.96
CA HIS C 90 11.82 51.56 -39.32
C HIS C 90 10.58 52.38 -39.67
N VAL C 91 9.64 52.50 -38.72
CA VAL C 91 8.41 53.28 -38.90
C VAL C 91 8.74 54.78 -38.86
N PHE C 92 9.61 55.21 -37.92
CA PHE C 92 10.00 56.62 -37.81
C PHE C 92 10.58 57.17 -39.12
N ARG C 93 11.41 56.37 -39.82
CA ARG C 93 12.02 56.79 -41.07
C ARG C 93 11.00 56.88 -42.19
N ARG C 94 10.08 55.91 -42.28
CA ARG C 94 9.03 55.93 -43.30
C ARG C 94 8.07 57.10 -43.07
N ILE C 95 7.81 57.46 -41.79
CA ILE C 95 6.99 58.62 -41.45
C ILE C 95 7.72 59.89 -41.92
N SER C 96 9.04 59.97 -41.64
CA SER C 96 9.87 61.12 -42.03
C SER C 96 9.97 61.30 -43.55
N LYS C 97 9.85 60.19 -44.32
CA LYS C 97 9.90 60.22 -45.79
C LYS C 97 8.92 61.22 -46.38
N GLN C 98 7.67 61.23 -45.88
CA GLN C 98 6.64 62.15 -46.34
C GLN C 98 6.84 63.52 -45.69
ZN ZN D . 16.94 26.32 -27.23
C14 A1BC8 E . 17.24 39.44 -13.13
C13 A1BC8 E . 15.77 39.61 -12.72
C16 A1BC8 E . 17.76 39.09 -10.67
C19 A1BC8 E . 15.67 40.20 -11.32
N10 A1BC8 E . 15.03 40.40 -13.70
O20 A1BC8 E . 14.74 40.93 -11.00
O2 A1BC8 E . 15.52 44.53 -14.45
C1 A1BC8 E . 15.77 45.78 -13.77
C3 A1BC8 E . 14.51 44.49 -15.36
C4 A1BC8 E . 14.03 45.47 -16.16
C6 A1BC8 E . 12.84 43.34 -16.47
C7 A1BC8 E . 13.82 43.23 -15.53
S5 A1BC8 E . 12.75 44.90 -17.14
C8 A1BC8 E . 14.15 41.94 -14.90
C9 A1BC8 E . 15.10 41.72 -13.94
N11 A1BC8 E . 14.09 39.81 -14.48
N12 A1BC8 E . 13.55 40.76 -15.21
C15 A1BC8 E . 17.94 38.58 -12.08
O17 A1BC8 E . 18.54 38.80 -9.77
N18 A1BC8 E . 16.66 39.86 -10.42
#